data_1M8O
#
_entry.id   1M8O
#
loop_
_entity.id
_entity.type
_entity.pdbx_description
1 polymer 'platelet integrin alfaIIb subunit: cytoplasmic domain'
2 polymer 'platelet integrin beta3 subunit: cytoplasmic domain'
#
loop_
_entity_poly.entity_id
_entity_poly.type
_entity_poly.pdbx_seq_one_letter_code
_entity_poly.pdbx_strand_id
1 'polypeptide(L)' KVGFFKRNRPPLEEDDEEGE A
2 'polypeptide(L)' KLLITIHDRKEFAKFEEERARAKWDTANNPLYKEATSTFTNITYRGT B
#
# COMPACT_ATOMS: atom_id res chain seq x y z
N LYS A 1 14.32 -17.93 -9.41
CA LYS A 1 15.73 -18.40 -9.39
C LYS A 1 16.11 -18.81 -7.96
N VAL A 2 15.49 -18.22 -6.98
CA VAL A 2 15.82 -18.57 -5.57
C VAL A 2 14.62 -18.25 -4.67
N GLY A 3 14.67 -17.16 -3.97
CA GLY A 3 13.52 -16.80 -3.09
C GLY A 3 12.31 -16.46 -3.96
N PHE A 4 12.53 -15.90 -5.11
CA PHE A 4 11.39 -15.55 -6.00
C PHE A 4 10.42 -16.73 -6.08
N PHE A 5 10.88 -17.84 -6.59
CA PHE A 5 9.99 -19.03 -6.70
C PHE A 5 9.61 -19.51 -5.29
N LYS A 6 10.51 -19.38 -4.35
CA LYS A 6 10.20 -19.83 -2.95
C LYS A 6 9.77 -18.63 -2.11
N ARG A 7 8.84 -17.86 -2.60
CA ARG A 7 8.36 -16.68 -1.83
C ARG A 7 6.93 -16.31 -2.25
N ASN A 8 6.55 -16.64 -3.44
CA ASN A 8 5.17 -16.30 -3.92
C ASN A 8 4.47 -17.57 -4.41
N ARG A 9 5.21 -18.62 -4.65
CA ARG A 9 4.60 -19.88 -5.14
C ARG A 9 4.17 -20.80 -3.96
N PRO A 10 4.92 -20.81 -2.89
CA PRO A 10 4.60 -21.68 -1.73
C PRO A 10 3.18 -21.43 -1.18
N PRO A 11 2.79 -20.18 -1.01
CA PRO A 11 1.46 -19.86 -0.46
C PRO A 11 0.37 -20.39 -1.41
N LEU A 12 0.74 -20.80 -2.60
CA LEU A 12 -0.27 -21.33 -3.57
C LEU A 12 0.23 -22.65 -4.14
N GLU A 13 1.02 -22.60 -5.19
CA GLU A 13 1.55 -23.85 -5.80
C GLU A 13 3.06 -23.95 -5.54
N GLU A 14 3.52 -25.07 -5.07
CA GLU A 14 4.97 -25.23 -4.80
C GLU A 14 5.73 -25.38 -6.12
N ASP A 15 5.18 -24.86 -7.19
CA ASP A 15 5.87 -24.99 -8.51
C ASP A 15 7.00 -23.97 -8.58
N ASP A 16 7.70 -23.94 -9.69
CA ASP A 16 8.83 -22.97 -9.83
C ASP A 16 8.28 -21.63 -10.30
N GLU A 17 8.38 -21.35 -11.56
CA GLU A 17 7.86 -20.04 -12.08
C GLU A 17 7.31 -20.24 -13.50
N GLU A 18 8.14 -20.67 -14.41
CA GLU A 18 7.66 -20.88 -15.81
C GLU A 18 6.35 -21.67 -15.78
N GLY A 19 6.25 -22.66 -14.93
CA GLY A 19 4.99 -23.46 -14.84
C GLY A 19 3.98 -22.72 -13.98
N GLU A 20 4.38 -21.65 -13.35
CA GLU A 20 3.43 -20.89 -12.48
C GLU A 20 2.69 -21.86 -11.57
N LYS B 1 25.83 -12.81 -3.99
CA LYS B 1 24.40 -13.25 -4.09
C LYS B 1 23.49 -12.12 -3.61
N LEU B 2 23.43 -11.03 -4.33
CA LEU B 2 22.57 -9.90 -3.91
C LEU B 2 21.14 -10.14 -4.40
N LEU B 3 20.97 -10.99 -5.38
CA LEU B 3 19.61 -11.27 -5.91
C LEU B 3 18.63 -11.49 -4.76
N ILE B 4 19.12 -11.74 -3.58
CA ILE B 4 18.21 -11.95 -2.41
C ILE B 4 18.07 -10.65 -1.64
N THR B 5 19.16 -10.03 -1.33
CA THR B 5 19.11 -8.74 -0.59
C THR B 5 18.36 -7.72 -1.44
N ILE B 6 18.63 -7.70 -2.72
CA ILE B 6 17.93 -6.74 -3.61
C ILE B 6 16.50 -7.22 -3.81
N HIS B 7 16.30 -8.52 -3.77
CA HIS B 7 14.91 -9.04 -3.95
C HIS B 7 14.18 -8.98 -2.62
N ASP B 8 14.90 -8.78 -1.55
CA ASP B 8 14.25 -8.70 -0.21
C ASP B 8 13.99 -7.24 0.14
N ARG B 9 14.82 -6.36 -0.34
CA ARG B 9 14.62 -4.91 -0.06
C ARG B 9 13.29 -4.49 -0.69
N LYS B 10 12.80 -5.27 -1.61
CA LYS B 10 11.52 -4.95 -2.28
C LYS B 10 10.37 -5.22 -1.31
N GLU B 11 10.61 -6.02 -0.29
CA GLU B 11 9.53 -6.34 0.68
C GLU B 11 8.82 -5.05 1.11
N PHE B 12 9.56 -3.98 1.24
CA PHE B 12 8.93 -2.69 1.65
C PHE B 12 8.24 -2.06 0.45
N ALA B 13 8.62 -2.46 -0.73
CA ALA B 13 8.01 -1.89 -1.96
C ALA B 13 6.48 -1.84 -1.84
N LYS B 14 5.84 -2.98 -1.72
CA LYS B 14 4.34 -2.98 -1.63
C LYS B 14 3.89 -2.76 -0.19
N PHE B 15 4.65 -3.21 0.78
CA PHE B 15 4.22 -3.00 2.20
C PHE B 15 3.77 -1.55 2.35
N GLU B 16 4.20 -0.71 1.46
CA GLU B 16 3.82 0.72 1.51
C GLU B 16 2.29 0.86 1.56
N GLU B 17 1.57 -0.14 1.11
CA GLU B 17 0.09 -0.06 1.14
C GLU B 17 -0.39 -0.57 2.49
N GLU B 18 0.15 -1.66 2.91
CA GLU B 18 -0.22 -2.25 4.22
C GLU B 18 -0.18 -1.16 5.29
N ARG B 19 0.96 -0.55 5.49
CA ARG B 19 1.07 0.53 6.51
C ARG B 19 -0.12 1.48 6.36
N ALA B 20 -0.21 2.11 5.23
CA ALA B 20 -1.34 3.06 4.99
C ALA B 20 -2.67 2.35 5.27
N ARG B 21 -2.72 1.06 5.06
CA ARG B 21 -3.99 0.33 5.32
C ARG B 21 -4.13 0.07 6.82
N ALA B 22 -3.08 -0.41 7.44
CA ALA B 22 -3.12 -0.68 8.91
C ALA B 22 -4.52 -1.16 9.32
N LYS B 23 -4.93 -0.89 10.52
CA LYS B 23 -6.27 -1.32 10.98
C LYS B 23 -7.33 -0.41 10.37
N TRP B 24 -7.84 0.52 11.15
CA TRP B 24 -8.88 1.45 10.61
C TRP B 24 -8.22 2.47 9.68
N ASP B 25 -7.14 2.10 9.04
CA ASP B 25 -6.46 3.05 8.12
C ASP B 25 -6.05 4.31 8.88
N THR B 26 -5.97 4.23 10.18
CA THR B 26 -5.58 5.42 10.98
C THR B 26 -6.39 6.64 10.51
N ALA B 27 -7.43 6.41 9.75
CA ALA B 27 -8.25 7.55 9.27
C ALA B 27 -9.64 7.04 8.87
N ASN B 28 -10.58 7.09 9.78
CA ASN B 28 -11.94 6.60 9.46
C ASN B 28 -12.71 7.68 8.69
N ASN B 29 -12.16 8.15 7.60
CA ASN B 29 -12.83 9.21 6.79
C ASN B 29 -13.50 10.23 7.73
N PRO B 30 -12.68 11.00 8.41
CA PRO B 30 -13.17 12.02 9.35
C PRO B 30 -14.01 13.06 8.60
N LEU B 31 -13.73 13.28 7.34
CA LEU B 31 -14.51 14.28 6.55
C LEU B 31 -14.47 15.64 7.25
N TYR B 32 -15.26 15.81 8.28
CA TYR B 32 -15.27 17.11 9.01
C TYR B 32 -16.05 18.15 8.20
N LYS B 33 -15.88 18.15 6.90
CA LYS B 33 -16.61 19.14 6.06
C LYS B 33 -16.41 18.79 4.58
N GLU B 34 -16.49 17.53 4.25
CA GLU B 34 -16.30 17.13 2.82
C GLU B 34 -17.67 17.12 2.12
N ALA B 35 -18.69 16.70 2.80
CA ALA B 35 -20.05 16.68 2.17
C ALA B 35 -20.34 18.03 1.54
N THR B 36 -20.71 19.01 2.32
CA THR B 36 -21.00 20.36 1.75
C THR B 36 -19.73 20.95 1.14
N SER B 37 -19.29 20.41 0.03
CA SER B 37 -18.06 20.94 -0.61
C SER B 37 -18.21 22.45 -0.86
N THR B 38 -19.42 22.94 -0.81
CA THR B 38 -19.64 24.39 -1.05
C THR B 38 -19.30 25.17 0.23
N PHE B 39 -18.06 25.54 0.40
CA PHE B 39 -17.67 26.30 1.62
C PHE B 39 -18.19 27.73 1.52
N THR B 40 -19.33 27.92 0.92
CA THR B 40 -19.90 29.29 0.79
C THR B 40 -18.90 30.18 0.03
N ASN B 41 -19.36 31.26 -0.53
CA ASN B 41 -18.45 32.17 -1.28
C ASN B 41 -17.72 33.09 -0.30
N ILE B 42 -17.06 32.53 0.67
CA ILE B 42 -16.34 33.38 1.66
C ILE B 42 -17.29 34.40 2.26
N THR B 43 -18.55 34.32 1.93
CA THR B 43 -19.54 35.28 2.49
C THR B 43 -19.97 34.84 3.88
N TYR B 44 -19.02 34.61 4.75
CA TYR B 44 -19.37 34.17 6.14
C TYR B 44 -20.10 35.29 6.87
N ARG B 45 -19.42 36.02 7.71
CA ARG B 45 -20.08 37.13 8.45
C ARG B 45 -21.25 36.56 9.28
N GLY B 46 -21.63 37.25 10.32
CA GLY B 46 -22.75 36.74 11.17
C GLY B 46 -23.17 37.83 12.16
N THR B 47 -24.29 38.45 11.94
CA THR B 47 -24.75 39.52 12.87
C THR B 47 -23.63 40.53 13.08
N LYS A 1 14.16 -18.27 -9.00
CA LYS A 1 15.45 -19.02 -8.97
C LYS A 1 15.67 -19.60 -7.57
N VAL A 2 15.28 -18.88 -6.55
CA VAL A 2 15.48 -19.38 -5.17
C VAL A 2 14.40 -18.80 -4.24
N GLY A 3 14.73 -17.82 -3.47
CA GLY A 3 13.72 -17.22 -2.56
C GLY A 3 12.54 -16.72 -3.37
N PHE A 4 12.77 -16.28 -4.59
CA PHE A 4 11.63 -15.79 -5.42
C PHE A 4 10.48 -16.79 -5.35
N PHE A 5 10.61 -17.90 -6.02
CA PHE A 5 9.54 -18.92 -6.00
C PHE A 5 9.20 -19.30 -4.54
N LYS A 6 10.20 -19.42 -3.72
CA LYS A 6 9.95 -19.79 -2.29
C LYS A 6 9.67 -18.56 -1.44
N ARG A 7 8.88 -17.64 -1.92
CA ARG A 7 8.57 -16.42 -1.10
C ARG A 7 7.27 -15.76 -1.55
N ASN A 8 6.93 -15.84 -2.82
CA ASN A 8 5.68 -15.18 -3.32
C ASN A 8 4.67 -16.21 -3.81
N ARG A 9 5.12 -17.31 -4.36
CA ARG A 9 4.17 -18.33 -4.88
C ARG A 9 4.33 -19.72 -4.21
N PRO A 10 4.94 -19.86 -3.05
CA PRO A 10 5.01 -21.18 -2.42
C PRO A 10 3.60 -21.81 -2.17
N PRO A 11 2.63 -21.03 -1.69
CA PRO A 11 1.29 -21.57 -1.39
C PRO A 11 0.58 -22.19 -2.61
N LEU A 12 1.28 -22.90 -3.46
CA LEU A 12 0.60 -23.55 -4.62
C LEU A 12 1.58 -24.48 -5.34
N GLU A 13 1.47 -25.74 -5.07
CA GLU A 13 2.36 -26.78 -5.69
C GLU A 13 3.71 -26.78 -5.00
N GLU A 14 4.17 -25.63 -4.59
CA GLU A 14 5.48 -25.56 -3.90
C GLU A 14 6.54 -26.13 -4.84
N ASP A 15 6.17 -26.39 -6.07
CA ASP A 15 7.13 -26.97 -7.03
C ASP A 15 8.16 -25.91 -7.43
N ASP A 16 8.68 -25.99 -8.62
CA ASP A 16 9.68 -25.00 -9.08
C ASP A 16 9.02 -23.63 -9.17
N GLU A 17 8.53 -23.29 -10.34
CA GLU A 17 7.86 -21.98 -10.53
C GLU A 17 6.57 -22.20 -11.32
N GLU A 18 6.54 -21.72 -12.53
CA GLU A 18 5.35 -21.89 -13.40
C GLU A 18 5.85 -21.92 -14.83
N GLY A 19 7.06 -22.39 -15.00
CA GLY A 19 7.68 -22.44 -16.36
C GLY A 19 8.61 -21.24 -16.48
N GLU A 20 8.91 -20.61 -15.38
CA GLU A 20 9.81 -19.42 -15.39
C GLU A 20 11.27 -19.89 -15.38
N LYS B 1 24.87 -14.43 -3.05
CA LYS B 1 23.41 -14.55 -2.74
C LYS B 1 22.80 -13.16 -2.62
N LEU B 2 23.18 -12.27 -3.49
CA LEU B 2 22.63 -10.88 -3.43
C LEU B 2 21.32 -10.82 -4.21
N LEU B 3 21.19 -11.62 -5.23
CA LEU B 3 19.96 -11.61 -6.07
C LEU B 3 18.70 -11.66 -5.18
N ILE B 4 18.84 -12.02 -3.93
CA ILE B 4 17.67 -12.09 -3.01
C ILE B 4 17.68 -10.81 -2.18
N THR B 5 18.85 -10.42 -1.78
CA THR B 5 18.99 -9.19 -0.97
C THR B 5 18.41 -8.04 -1.78
N ILE B 6 18.65 -8.04 -3.06
CA ILE B 6 18.10 -6.96 -3.92
C ILE B 6 16.61 -7.24 -4.12
N HIS B 7 16.21 -8.48 -4.14
CA HIS B 7 14.76 -8.78 -4.34
C HIS B 7 14.02 -8.75 -3.00
N ASP B 8 14.75 -8.76 -1.91
CA ASP B 8 14.10 -8.76 -0.57
C ASP B 8 13.84 -7.32 -0.11
N ARG B 9 14.67 -6.41 -0.50
CA ARG B 9 14.47 -5.00 -0.09
C ARG B 9 13.12 -4.52 -0.63
N LYS B 10 12.59 -5.23 -1.57
CA LYS B 10 11.27 -4.83 -2.15
C LYS B 10 10.16 -5.27 -1.21
N GLU B 11 10.44 -6.20 -0.34
CA GLU B 11 9.40 -6.69 0.60
C GLU B 11 8.68 -5.51 1.25
N PHE B 12 9.40 -4.47 1.58
CA PHE B 12 8.77 -3.29 2.23
C PHE B 12 8.13 -2.39 1.16
N ALA B 13 8.54 -2.53 -0.06
CA ALA B 13 7.99 -1.68 -1.15
C ALA B 13 6.48 -1.51 -1.00
N LYS B 14 5.76 -2.57 -0.71
CA LYS B 14 4.27 -2.45 -0.58
C LYS B 14 3.86 -2.03 0.83
N PHE B 15 4.58 -2.44 1.84
CA PHE B 15 4.21 -2.04 3.23
C PHE B 15 3.92 -0.55 3.25
N GLU B 16 4.54 0.15 2.35
CA GLU B 16 4.37 1.60 2.24
C GLU B 16 2.88 1.99 2.25
N GLU B 17 2.01 1.09 1.88
CA GLU B 17 0.55 1.41 1.88
C GLU B 17 -0.02 1.11 3.26
N GLU B 18 0.68 0.30 3.98
CA GLU B 18 0.23 -0.12 5.32
C GLU B 18 0.58 0.96 6.35
N ARG B 19 1.81 1.39 6.39
CA ARG B 19 2.19 2.44 7.38
C ARG B 19 1.22 3.61 7.29
N ALA B 20 1.16 4.23 6.16
CA ALA B 20 0.25 5.40 5.97
C ALA B 20 -1.20 5.02 6.31
N ARG B 21 -1.58 3.79 6.10
CA ARG B 21 -2.99 3.40 6.41
C ARG B 21 -3.35 3.86 7.84
N ALA B 22 -2.44 3.72 8.77
CA ALA B 22 -2.74 4.15 10.16
C ALA B 22 -1.49 3.98 11.02
N LYS B 23 -1.57 4.36 12.27
CA LYS B 23 -0.41 4.23 13.18
C LYS B 23 -0.84 4.55 14.61
N TRP B 24 -2.05 5.03 14.78
CA TRP B 24 -2.54 5.37 16.15
C TRP B 24 -3.04 4.08 16.82
N ASP B 25 -3.14 3.01 16.08
CA ASP B 25 -3.62 1.73 16.68
C ASP B 25 -5.04 1.92 17.23
N THR B 26 -5.17 2.53 18.37
CA THR B 26 -6.53 2.74 18.95
C THR B 26 -7.31 1.44 18.91
N ALA B 27 -6.64 0.34 18.67
CA ALA B 27 -7.36 -0.97 18.61
C ALA B 27 -8.47 -0.90 17.55
N ASN B 28 -8.27 -1.54 16.43
CA ASN B 28 -9.31 -1.52 15.36
C ASN B 28 -9.65 -0.07 14.99
N ASN B 29 -10.91 0.21 14.82
CA ASN B 29 -11.31 1.60 14.44
C ASN B 29 -12.82 1.79 14.73
N PRO B 30 -13.17 1.93 15.98
CA PRO B 30 -14.59 2.11 16.35
C PRO B 30 -15.16 3.36 15.67
N LEU B 31 -16.23 3.91 16.20
CA LEU B 31 -16.84 5.11 15.57
C LEU B 31 -17.56 5.94 16.64
N TYR B 32 -16.90 6.17 17.75
CA TYR B 32 -17.54 6.97 18.84
C TYR B 32 -17.29 8.47 18.59
N LYS B 33 -17.48 9.27 19.61
CA LYS B 33 -17.26 10.76 19.48
C LYS B 33 -17.66 11.26 18.08
N GLU B 34 -18.84 10.91 17.64
CA GLU B 34 -19.28 11.38 16.29
C GLU B 34 -19.36 12.90 16.29
N ALA B 35 -18.95 13.52 15.21
CA ALA B 35 -18.99 15.01 15.15
C ALA B 35 -18.66 15.47 13.72
N THR B 36 -19.13 14.78 12.73
CA THR B 36 -18.84 15.18 11.33
C THR B 36 -19.78 16.31 10.92
N SER B 37 -20.02 17.25 11.80
CA SER B 37 -20.92 18.38 11.46
C SER B 37 -20.17 19.41 10.63
N THR B 38 -20.76 20.55 10.40
CA THR B 38 -20.08 21.60 9.60
C THR B 38 -19.00 22.29 10.45
N PHE B 39 -17.75 22.14 10.08
CA PHE B 39 -16.65 22.78 10.86
C PHE B 39 -16.23 24.08 10.16
N THR B 40 -16.28 25.18 10.85
CA THR B 40 -15.88 26.48 10.23
C THR B 40 -16.63 26.67 8.92
N ASN B 41 -15.94 27.10 7.89
CA ASN B 41 -16.60 27.31 6.57
C ASN B 41 -17.60 28.47 6.68
N ILE B 42 -18.35 28.53 7.75
CA ILE B 42 -19.33 29.63 7.91
C ILE B 42 -19.82 29.66 9.36
N THR B 43 -20.12 28.52 9.92
CA THR B 43 -20.59 28.47 11.33
C THR B 43 -21.85 29.32 11.48
N TYR B 44 -21.88 30.22 12.44
CA TYR B 44 -23.08 31.08 12.62
C TYR B 44 -23.05 32.22 11.61
N ARG B 45 -23.89 33.21 11.79
CA ARG B 45 -23.92 34.35 10.84
C ARG B 45 -22.74 35.29 11.14
N GLY B 46 -21.56 34.76 11.20
CA GLY B 46 -20.38 35.62 11.49
C GLY B 46 -20.11 36.54 10.30
N THR B 47 -19.97 37.82 10.54
CA THR B 47 -19.71 38.77 9.42
C THR B 47 -18.32 38.51 8.84
N LYS A 1 13.66 -17.08 -7.81
CA LYS A 1 15.11 -17.13 -8.12
C LYS A 1 15.85 -17.73 -6.92
N VAL A 2 15.17 -17.88 -5.82
CA VAL A 2 15.80 -18.45 -4.59
C VAL A 2 14.72 -18.60 -3.53
N GLY A 3 14.65 -17.69 -2.60
CA GLY A 3 13.60 -17.77 -1.56
C GLY A 3 12.30 -17.28 -2.21
N PHE A 4 12.40 -16.25 -3.01
CA PHE A 4 11.19 -15.70 -3.71
C PHE A 4 10.36 -16.86 -4.25
N PHE A 5 10.96 -17.73 -5.03
CA PHE A 5 10.18 -18.88 -5.54
C PHE A 5 9.62 -19.64 -4.34
N LYS A 6 10.47 -20.00 -3.41
CA LYS A 6 9.99 -20.72 -2.20
C LYS A 6 9.47 -19.71 -1.18
N ARG A 7 8.60 -18.82 -1.59
CA ARG A 7 8.05 -17.80 -0.64
C ARG A 7 6.58 -17.53 -0.93
N ASN A 8 6.29 -16.66 -1.85
CA ASN A 8 4.86 -16.33 -2.16
C ASN A 8 4.41 -17.16 -3.36
N ARG A 9 5.31 -17.90 -3.94
CA ARG A 9 4.98 -18.70 -5.13
C ARG A 9 4.16 -19.99 -4.80
N PRO A 10 4.45 -20.67 -3.69
CA PRO A 10 3.75 -21.93 -3.35
C PRO A 10 2.20 -21.81 -3.16
N PRO A 11 1.72 -20.81 -2.44
CA PRO A 11 0.27 -20.66 -2.17
C PRO A 11 -0.58 -20.56 -3.47
N LEU A 12 -0.50 -21.54 -4.32
CA LEU A 12 -1.32 -21.53 -5.58
C LEU A 12 -1.00 -22.78 -6.41
N GLU A 13 0.26 -23.11 -6.54
CA GLU A 13 0.64 -24.31 -7.33
C GLU A 13 2.00 -24.82 -6.85
N GLU A 14 2.50 -25.88 -7.45
CA GLU A 14 3.82 -26.43 -7.05
C GLU A 14 4.87 -26.06 -8.09
N ASP A 15 4.55 -25.13 -8.96
CA ASP A 15 5.51 -24.70 -10.00
C ASP A 15 6.59 -23.81 -9.38
N ASP A 16 7.57 -23.41 -10.15
CA ASP A 16 8.66 -22.54 -9.62
C ASP A 16 8.43 -21.11 -10.11
N GLU A 17 9.23 -20.67 -11.05
CA GLU A 17 9.10 -19.29 -11.58
C GLU A 17 9.52 -19.26 -13.05
N GLU A 18 10.71 -18.79 -13.31
CA GLU A 18 11.18 -18.75 -14.73
C GLU A 18 11.18 -20.15 -15.32
N GLY A 19 11.14 -21.15 -14.49
CA GLY A 19 11.11 -22.55 -15.00
C GLY A 19 9.67 -22.94 -15.29
N GLU A 20 8.74 -22.10 -14.92
CA GLU A 20 7.30 -22.40 -15.17
C GLU A 20 6.57 -21.10 -15.55
N LYS B 1 24.32 -14.27 -3.53
CA LYS B 1 24.96 -12.93 -3.68
C LYS B 1 23.92 -11.84 -3.38
N LEU B 2 24.19 -10.62 -3.76
CA LEU B 2 23.24 -9.51 -3.46
C LEU B 2 22.02 -9.57 -4.40
N LEU B 3 22.13 -10.24 -5.49
CA LEU B 3 20.99 -10.33 -6.47
C LEU B 3 19.66 -10.60 -5.74
N ILE B 4 19.73 -11.01 -4.50
CA ILE B 4 18.51 -11.30 -3.71
C ILE B 4 18.22 -10.09 -2.84
N THR B 5 19.27 -9.55 -2.29
CA THR B 5 19.13 -8.38 -1.41
C THR B 5 18.46 -7.26 -2.20
N ILE B 6 18.84 -7.06 -3.43
CA ILE B 6 18.18 -6.01 -4.22
C ILE B 6 16.75 -6.45 -4.50
N HIS B 7 16.52 -7.74 -4.60
CA HIS B 7 15.13 -8.22 -4.87
C HIS B 7 14.38 -8.40 -3.54
N ASP B 8 15.08 -8.40 -2.44
CA ASP B 8 14.42 -8.61 -1.12
C ASP B 8 14.11 -7.27 -0.44
N ARG B 9 14.90 -6.28 -0.68
CA ARG B 9 14.65 -4.96 -0.03
C ARG B 9 13.23 -4.49 -0.40
N LYS B 10 12.65 -5.06 -1.42
CA LYS B 10 11.29 -4.67 -1.81
C LYS B 10 10.29 -5.29 -0.82
N GLU B 11 10.69 -6.35 -0.18
CA GLU B 11 9.78 -7.02 0.79
C GLU B 11 9.30 -6.00 1.83
N PHE B 12 10.07 -4.97 2.03
CA PHE B 12 9.68 -3.93 3.03
C PHE B 12 8.70 -2.96 2.36
N ALA B 13 8.75 -2.88 1.06
CA ALA B 13 7.87 -1.95 0.31
C ALA B 13 6.43 -1.95 0.86
N LYS B 14 5.77 -3.07 0.88
CA LYS B 14 4.35 -3.10 1.37
C LYS B 14 4.29 -3.22 2.90
N PHE B 15 5.25 -3.86 3.52
CA PHE B 15 5.22 -3.98 5.01
C PHE B 15 4.93 -2.61 5.60
N GLU B 16 5.32 -1.60 4.90
CA GLU B 16 5.10 -0.21 5.37
C GLU B 16 3.69 -0.06 5.94
N GLU B 17 2.78 -0.94 5.59
CA GLU B 17 1.39 -0.85 6.14
C GLU B 17 1.35 -1.62 7.45
N GLU B 18 2.13 -2.66 7.50
CA GLU B 18 2.19 -3.52 8.71
C GLU B 18 2.23 -2.66 9.98
N ARG B 19 2.85 -1.53 9.93
CA ARG B 19 2.92 -0.66 11.13
C ARG B 19 1.51 -0.48 11.72
N ALA B 20 0.64 0.07 10.94
CA ALA B 20 -0.76 0.29 11.43
C ALA B 20 -1.48 -1.05 11.62
N ARG B 21 -1.31 -1.97 10.71
CA ARG B 21 -2.00 -3.29 10.86
C ARG B 21 -1.41 -4.05 12.05
N ALA B 22 -0.30 -3.58 12.58
CA ALA B 22 0.31 -4.29 13.75
C ALA B 22 -0.77 -4.59 14.79
N LYS B 23 -0.96 -3.72 15.73
CA LYS B 23 -1.99 -3.95 16.77
C LYS B 23 -3.38 -3.93 16.11
N TRP B 24 -4.42 -4.01 16.89
CA TRP B 24 -5.79 -4.00 16.30
C TRP B 24 -6.24 -2.54 16.10
N ASP B 25 -7.47 -2.34 15.74
CA ASP B 25 -7.97 -0.95 15.52
C ASP B 25 -7.07 -0.24 14.50
N THR B 26 -7.54 -0.11 13.29
CA THR B 26 -6.71 0.58 12.26
C THR B 26 -6.25 1.93 12.78
N ALA B 27 -6.93 2.99 12.44
CA ALA B 27 -6.53 4.33 12.93
C ALA B 27 -7.67 5.33 12.75
N ASN B 28 -8.76 5.13 13.43
CA ASN B 28 -9.91 6.07 13.29
C ASN B 28 -9.59 7.37 14.04
N ASN B 29 -8.33 7.61 14.30
CA ASN B 29 -7.93 8.84 15.03
C ASN B 29 -6.49 9.22 14.64
N PRO B 30 -6.32 9.76 13.46
CA PRO B 30 -4.97 10.14 12.96
C PRO B 30 -4.32 11.18 13.90
N LEU B 31 -4.03 10.79 15.11
CA LEU B 31 -3.39 11.73 16.08
C LEU B 31 -4.26 12.98 16.25
N TYR B 32 -4.06 13.71 17.32
CA TYR B 32 -4.86 14.94 17.55
C TYR B 32 -6.35 14.63 17.36
N LYS B 33 -7.19 15.62 17.49
CA LYS B 33 -8.66 15.40 17.32
C LYS B 33 -9.27 16.60 16.59
N GLU B 34 -8.98 16.74 15.32
CA GLU B 34 -9.53 17.88 14.55
C GLU B 34 -11.00 17.61 14.21
N ALA B 35 -11.49 16.44 14.57
CA ALA B 35 -12.91 16.12 14.28
C ALA B 35 -13.18 16.35 12.78
N THR B 36 -13.56 17.54 12.41
CA THR B 36 -13.85 17.82 10.98
C THR B 36 -13.76 19.33 10.73
N SER B 37 -12.80 19.99 11.33
CA SER B 37 -12.66 21.46 11.13
C SER B 37 -14.02 22.13 11.31
N THR B 38 -14.29 22.61 12.49
CA THR B 38 -15.60 23.28 12.73
C THR B 38 -15.76 24.47 11.78
N PHE B 39 -16.89 24.59 11.14
CA PHE B 39 -17.09 25.72 10.20
C PHE B 39 -17.41 27.00 10.99
N THR B 40 -16.62 27.30 11.97
CA THR B 40 -16.88 28.54 12.77
C THR B 40 -16.44 29.77 11.98
N ASN B 41 -17.18 30.83 12.06
CA ASN B 41 -16.80 32.07 11.32
C ASN B 41 -15.45 32.58 11.82
N ILE B 42 -15.46 33.62 12.61
CA ILE B 42 -14.18 34.16 13.15
C ILE B 42 -14.46 35.02 14.38
N THR B 43 -15.44 35.89 14.30
CA THR B 43 -15.76 36.76 15.47
C THR B 43 -16.77 36.04 16.36
N TYR B 44 -16.48 35.92 17.63
CA TYR B 44 -17.43 35.23 18.55
C TYR B 44 -18.60 36.15 18.86
N ARG B 45 -18.34 37.29 19.46
CA ARG B 45 -19.45 38.23 19.78
C ARG B 45 -18.86 39.57 20.23
N GLY B 46 -17.63 39.56 20.68
CA GLY B 46 -16.99 40.83 21.12
C GLY B 46 -15.58 40.52 21.66
N THR B 47 -15.02 39.42 21.27
CA THR B 47 -13.66 39.07 21.75
C THR B 47 -12.68 40.20 21.41
N LYS A 1 14.70 -19.28 -9.80
CA LYS A 1 16.08 -18.80 -9.52
C LYS A 1 16.51 -19.27 -8.13
N VAL A 2 15.82 -18.83 -7.12
CA VAL A 2 16.18 -19.25 -5.73
C VAL A 2 15.03 -18.89 -4.78
N GLY A 3 15.17 -17.84 -4.02
CA GLY A 3 14.09 -17.45 -3.09
C GLY A 3 12.86 -17.07 -3.91
N PHE A 4 13.07 -16.54 -5.08
CA PHE A 4 11.93 -16.14 -5.94
C PHE A 4 10.89 -17.28 -6.00
N PHE A 5 11.32 -18.47 -6.34
CA PHE A 5 10.36 -19.60 -6.44
C PHE A 5 9.78 -19.94 -5.04
N LYS A 6 10.60 -19.99 -4.03
CA LYS A 6 10.08 -20.33 -2.66
C LYS A 6 9.83 -19.05 -1.86
N ARG A 7 9.18 -18.08 -2.45
CA ARG A 7 8.89 -16.81 -1.71
C ARG A 7 7.57 -16.21 -2.20
N ASN A 8 7.14 -16.55 -3.38
CA ASN A 8 5.85 -15.99 -3.91
C ASN A 8 4.97 -17.13 -4.42
N ARG A 9 5.54 -18.26 -4.71
CA ARG A 9 4.75 -19.41 -5.22
C ARG A 9 4.11 -20.24 -4.07
N PRO A 10 4.75 -20.35 -2.92
CA PRO A 10 4.19 -21.16 -1.81
C PRO A 10 2.77 -20.73 -1.37
N PRO A 11 2.51 -19.44 -1.20
CA PRO A 11 1.18 -18.98 -0.74
C PRO A 11 0.08 -19.50 -1.68
N LEU A 12 0.02 -19.00 -2.88
CA LEU A 12 -1.04 -19.49 -3.82
C LEU A 12 -0.93 -21.02 -3.94
N GLU A 13 0.03 -21.49 -4.68
CA GLU A 13 0.21 -22.97 -4.85
C GLU A 13 1.61 -23.38 -4.39
N GLU A 14 2.26 -24.25 -5.13
CA GLU A 14 3.64 -24.69 -4.75
C GLU A 14 4.47 -24.86 -6.00
N ASP A 15 3.87 -24.71 -7.16
CA ASP A 15 4.61 -24.86 -8.42
C ASP A 15 5.84 -23.95 -8.41
N ASP A 16 6.90 -24.33 -9.07
CA ASP A 16 8.11 -23.49 -9.11
C ASP A 16 7.90 -22.35 -10.10
N GLU A 17 8.42 -22.50 -11.29
CA GLU A 17 8.26 -21.43 -12.33
C GLU A 17 8.00 -22.08 -13.69
N GLU A 18 8.69 -23.16 -13.97
CA GLU A 18 8.48 -23.84 -15.29
C GLU A 18 6.99 -24.02 -15.55
N GLY A 19 6.20 -24.03 -14.51
CA GLY A 19 4.73 -24.22 -14.69
C GLY A 19 4.09 -22.85 -14.98
N GLU A 20 4.73 -21.79 -14.56
CA GLU A 20 4.18 -20.43 -14.80
C GLU A 20 4.86 -19.81 -16.03
N LYS B 1 25.45 -13.71 -2.77
CA LYS B 1 24.10 -13.82 -3.37
C LYS B 1 23.24 -12.62 -2.95
N LEU B 2 23.43 -11.50 -3.60
CA LEU B 2 22.63 -10.28 -3.24
C LEU B 2 21.31 -10.33 -4.01
N LEU B 3 21.32 -11.03 -5.09
CA LEU B 3 20.10 -11.16 -5.96
C LEU B 3 18.87 -11.41 -5.07
N ILE B 4 19.09 -11.79 -3.84
CA ILE B 4 17.97 -12.02 -2.89
C ILE B 4 17.77 -10.74 -2.09
N THR B 5 18.85 -10.17 -1.67
CA THR B 5 18.79 -8.90 -0.90
C THR B 5 18.12 -7.85 -1.78
N ILE B 6 18.56 -7.70 -3.00
CA ILE B 6 17.88 -6.70 -3.87
C ILE B 6 16.47 -7.19 -4.09
N HIS B 7 16.24 -8.48 -3.95
CA HIS B 7 14.84 -8.99 -4.13
C HIS B 7 14.11 -8.91 -2.80
N ASP B 8 14.84 -8.69 -1.73
CA ASP B 8 14.20 -8.63 -0.38
C ASP B 8 13.73 -7.22 -0.09
N ARG B 9 14.39 -6.23 -0.61
CA ARG B 9 13.97 -4.83 -0.34
C ARG B 9 12.49 -4.69 -0.69
N LYS B 10 11.97 -5.58 -1.48
CA LYS B 10 10.53 -5.52 -1.84
C LYS B 10 9.73 -5.44 -0.54
N GLU B 11 10.33 -5.84 0.54
CA GLU B 11 9.63 -5.82 1.84
C GLU B 11 8.94 -4.46 2.05
N PHE B 12 9.71 -3.42 2.10
CA PHE B 12 9.11 -2.07 2.34
C PHE B 12 8.35 -1.60 1.09
N ALA B 13 8.83 -1.99 -0.06
CA ALA B 13 8.18 -1.57 -1.33
C ALA B 13 6.65 -1.61 -1.25
N LYS B 14 6.05 -2.75 -1.02
CA LYS B 14 4.55 -2.81 -0.98
C LYS B 14 3.99 -2.46 0.39
N PHE B 15 4.74 -2.59 1.45
CA PHE B 15 4.19 -2.23 2.79
C PHE B 15 3.54 -0.86 2.69
N GLU B 16 3.94 -0.14 1.68
CA GLU B 16 3.40 1.22 1.43
C GLU B 16 1.97 1.13 0.86
N GLU B 17 1.64 0.02 0.24
CA GLU B 17 0.28 -0.11 -0.35
C GLU B 17 -0.66 -0.63 0.73
N GLU B 18 -0.12 -1.39 1.63
CA GLU B 18 -0.91 -1.96 2.74
C GLU B 18 -1.84 -0.88 3.31
N ARG B 19 -1.38 0.35 3.38
CA ARG B 19 -2.24 1.43 3.91
C ARG B 19 -3.46 1.59 3.01
N ALA B 20 -3.22 1.91 1.77
CA ALA B 20 -4.33 2.10 0.81
C ALA B 20 -5.08 0.77 0.61
N ARG B 21 -4.43 -0.34 0.85
CA ARG B 21 -5.11 -1.66 0.66
C ARG B 21 -6.02 -1.93 1.86
N ALA B 22 -5.71 -1.38 3.00
CA ALA B 22 -6.55 -1.62 4.20
C ALA B 22 -7.99 -1.21 3.89
N LYS B 23 -8.92 -1.55 4.76
CA LYS B 23 -10.34 -1.18 4.51
C LYS B 23 -10.43 0.30 4.15
N TRP B 24 -11.54 0.73 3.62
CA TRP B 24 -11.70 2.17 3.24
C TRP B 24 -11.28 3.04 4.43
N ASP B 25 -11.32 4.34 4.26
CA ASP B 25 -10.93 5.28 5.37
C ASP B 25 -12.15 6.10 5.78
N THR B 26 -13.05 6.34 4.87
CA THR B 26 -14.26 7.14 5.21
C THR B 26 -14.89 6.60 6.49
N ALA B 27 -14.96 7.39 7.52
CA ALA B 27 -15.58 6.91 8.79
C ALA B 27 -15.94 8.11 9.67
N ASN B 28 -15.44 9.27 9.34
CA ASN B 28 -15.77 10.48 10.16
C ASN B 28 -15.19 11.72 9.49
N ASN B 29 -15.74 12.87 9.77
CA ASN B 29 -15.21 14.12 9.15
C ASN B 29 -15.66 15.34 9.98
N PRO B 30 -15.15 15.46 11.19
CA PRO B 30 -15.52 16.58 12.07
C PRO B 30 -15.08 17.91 11.44
N LEU B 31 -16.02 18.76 11.12
CA LEU B 31 -15.66 20.07 10.49
C LEU B 31 -14.74 19.81 9.30
N TYR B 32 -14.26 20.86 8.68
CA TYR B 32 -13.35 20.69 7.51
C TYR B 32 -13.98 19.70 6.52
N LYS B 33 -15.21 19.90 6.18
CA LYS B 33 -15.89 18.98 5.22
C LYS B 33 -15.20 19.09 3.86
N GLU B 34 -15.97 19.29 2.81
CA GLU B 34 -15.35 19.41 1.46
C GLU B 34 -16.36 20.02 0.49
N ALA B 35 -16.55 21.32 0.55
CA ALA B 35 -17.52 21.98 -0.36
C ALA B 35 -17.19 23.47 -0.46
N THR B 36 -16.37 23.97 0.43
CA THR B 36 -16.03 25.41 0.38
C THR B 36 -14.96 25.65 -0.69
N SER B 37 -13.90 24.88 -0.66
CA SER B 37 -12.82 25.05 -1.67
C SER B 37 -12.14 26.41 -1.46
N THR B 38 -12.87 27.48 -1.60
CA THR B 38 -12.26 28.83 -1.41
C THR B 38 -12.30 29.21 0.07
N PHE B 39 -11.22 29.04 0.77
CA PHE B 39 -11.19 29.39 2.22
C PHE B 39 -11.59 30.86 2.39
N THR B 40 -11.35 31.68 1.40
CA THR B 40 -11.73 33.12 1.51
C THR B 40 -11.95 33.70 0.11
N ASN B 41 -12.00 35.01 0.00
CA ASN B 41 -12.21 35.63 -1.34
C ASN B 41 -11.70 37.08 -1.30
N ILE B 42 -12.59 38.02 -1.16
CA ILE B 42 -12.17 39.45 -1.11
C ILE B 42 -11.65 39.78 0.29
N THR B 43 -10.89 38.90 0.87
CA THR B 43 -10.36 39.17 2.25
C THR B 43 -11.50 39.66 3.15
N TYR B 44 -11.64 40.95 3.27
CA TYR B 44 -12.73 41.51 4.13
C TYR B 44 -12.60 40.94 5.54
N ARG B 45 -12.08 41.71 6.46
CA ARG B 45 -11.94 41.21 7.86
C ARG B 45 -13.30 41.22 8.55
N GLY B 46 -13.84 42.38 8.83
CA GLY B 46 -15.17 42.44 9.49
C GLY B 46 -14.99 42.20 10.99
N THR B 47 -15.45 43.10 11.81
CA THR B 47 -15.31 42.92 13.28
C THR B 47 -16.29 43.86 14.00
N LYS A 1 16.09 -15.87 -8.45
CA LYS A 1 15.13 -16.93 -7.98
C LYS A 1 15.19 -17.02 -6.46
N VAL A 2 15.23 -18.22 -5.94
CA VAL A 2 15.30 -18.40 -4.46
C VAL A 2 14.13 -17.70 -3.78
N GLY A 3 14.25 -16.41 -3.58
CA GLY A 3 13.16 -15.65 -2.88
C GLY A 3 11.93 -15.51 -3.80
N PHE A 4 12.13 -15.18 -5.03
CA PHE A 4 10.97 -15.01 -5.96
C PHE A 4 10.01 -16.18 -5.79
N PHE A 5 10.50 -17.38 -5.73
CA PHE A 5 9.60 -18.55 -5.58
C PHE A 5 9.30 -18.76 -4.08
N LYS A 6 10.31 -18.86 -3.28
CA LYS A 6 10.08 -19.08 -1.83
C LYS A 6 9.41 -17.84 -1.20
N ARG A 7 8.55 -17.16 -1.92
CA ARG A 7 7.89 -15.96 -1.30
C ARG A 7 6.50 -15.75 -1.89
N ASN A 8 6.35 -15.84 -3.19
CA ASN A 8 5.00 -15.67 -3.83
C ASN A 8 4.48 -17.03 -4.27
N ARG A 9 5.31 -18.05 -4.18
CA ARG A 9 4.90 -19.41 -4.61
C ARG A 9 4.77 -20.44 -3.44
N PRO A 10 4.77 -20.05 -2.17
CA PRO A 10 4.62 -21.07 -1.11
C PRO A 10 3.38 -21.94 -1.40
N PRO A 11 2.26 -21.34 -1.78
CA PRO A 11 1.06 -22.13 -2.10
C PRO A 11 1.27 -22.76 -3.49
N LEU A 12 2.48 -23.18 -3.77
CA LEU A 12 2.77 -23.79 -5.11
C LEU A 12 1.68 -24.80 -5.50
N GLU A 13 1.30 -25.66 -4.58
CA GLU A 13 0.26 -26.67 -4.92
C GLU A 13 0.67 -27.37 -6.21
N GLU A 14 1.90 -27.80 -6.27
CA GLU A 14 2.42 -28.49 -7.49
C GLU A 14 2.45 -27.48 -8.63
N ASP A 15 2.69 -26.22 -8.31
CA ASP A 15 2.73 -25.19 -9.38
C ASP A 15 3.49 -23.95 -8.87
N ASP A 16 4.78 -23.91 -9.07
CA ASP A 16 5.57 -22.74 -8.63
C ASP A 16 5.41 -21.60 -9.63
N GLU A 17 6.37 -21.44 -10.50
CA GLU A 17 6.31 -20.36 -11.53
C GLU A 17 6.26 -21.01 -12.92
N GLU A 18 7.14 -21.94 -13.17
CA GLU A 18 7.15 -22.62 -14.50
C GLU A 18 5.74 -23.08 -14.85
N GLY A 19 4.90 -23.25 -13.86
CA GLY A 19 3.50 -23.69 -14.15
C GLY A 19 2.67 -22.47 -14.58
N GLU A 20 3.09 -21.30 -14.19
CA GLU A 20 2.35 -20.05 -14.56
C GLU A 20 3.14 -19.30 -15.63
N LYS B 1 23.22 -15.69 -2.48
CA LYS B 1 23.62 -14.80 -3.60
C LYS B 1 23.03 -13.40 -3.39
N LEU B 2 23.20 -12.52 -4.33
CA LEU B 2 22.67 -11.12 -4.17
C LEU B 2 21.22 -11.00 -4.65
N LEU B 3 20.90 -11.57 -5.77
CA LEU B 3 19.50 -11.43 -6.32
C LEU B 3 18.45 -11.65 -5.21
N ILE B 4 18.84 -12.16 -4.09
CA ILE B 4 17.88 -12.38 -2.97
C ILE B 4 17.95 -11.15 -2.05
N THR B 5 19.13 -10.66 -1.86
CA THR B 5 19.31 -9.46 -1.00
C THR B 5 18.68 -8.27 -1.70
N ILE B 6 18.95 -8.09 -2.97
CA ILE B 6 18.34 -6.94 -3.69
C ILE B 6 16.85 -7.25 -3.88
N HIS B 7 16.49 -8.51 -3.90
CA HIS B 7 15.04 -8.84 -4.07
C HIS B 7 14.35 -8.83 -2.71
N ASP B 8 15.11 -8.83 -1.65
CA ASP B 8 14.51 -8.82 -0.30
C ASP B 8 14.15 -7.39 0.11
N ARG B 9 14.91 -6.45 -0.36
CA ARG B 9 14.62 -5.03 -0.01
C ARG B 9 13.27 -4.68 -0.64
N LYS B 10 12.93 -5.37 -1.68
CA LYS B 10 11.65 -5.12 -2.37
C LYS B 10 10.51 -5.57 -1.46
N GLU B 11 10.81 -6.38 -0.48
CA GLU B 11 9.74 -6.88 0.45
C GLU B 11 8.78 -5.75 0.81
N PHE B 12 9.29 -4.55 0.93
CA PHE B 12 8.40 -3.39 1.27
C PHE B 12 7.77 -2.84 -0.02
N ALA B 13 8.43 -3.02 -1.12
CA ALA B 13 7.92 -2.49 -2.42
C ALA B 13 6.41 -2.69 -2.54
N LYS B 14 5.91 -3.88 -2.33
CA LYS B 14 4.44 -4.09 -2.48
C LYS B 14 3.69 -3.72 -1.19
N PHE B 15 4.31 -3.82 -0.06
CA PHE B 15 3.61 -3.46 1.22
C PHE B 15 2.96 -2.10 1.01
N GLU B 16 3.59 -1.30 0.21
CA GLU B 16 3.09 0.05 -0.11
C GLU B 16 1.58 0.01 -0.34
N GLU B 17 1.04 -1.14 -0.68
CA GLU B 17 -0.43 -1.23 -0.92
C GLU B 17 -1.09 -1.48 0.42
N GLU B 18 -0.59 -2.44 1.13
CA GLU B 18 -1.13 -2.80 2.46
C GLU B 18 -1.25 -1.53 3.31
N ARG B 19 -0.16 -0.87 3.55
CA ARG B 19 -0.22 0.37 4.38
C ARG B 19 -1.29 1.30 3.82
N ALA B 20 -1.14 1.70 2.60
CA ALA B 20 -2.14 2.60 1.96
C ALA B 20 -3.52 1.92 1.94
N ARG B 21 -3.58 0.62 1.98
CA ARG B 21 -4.90 -0.06 1.96
C ARG B 21 -5.57 0.06 3.33
N ALA B 22 -4.87 0.61 4.29
CA ALA B 22 -5.48 0.76 5.65
C ALA B 22 -6.81 1.50 5.54
N LYS B 23 -7.73 1.20 6.41
CA LYS B 23 -9.06 1.88 6.35
C LYS B 23 -8.93 3.32 6.89
N TRP B 24 -7.81 3.95 6.64
CA TRP B 24 -7.61 5.35 7.14
C TRP B 24 -6.82 6.15 6.10
N ASP B 25 -5.58 5.80 5.89
CA ASP B 25 -4.75 6.54 4.89
C ASP B 25 -5.55 6.73 3.60
N THR B 26 -5.96 7.94 3.31
CA THR B 26 -6.74 8.19 2.06
C THR B 26 -6.58 9.66 1.66
N ALA B 27 -7.43 10.13 0.79
CA ALA B 27 -7.35 11.55 0.36
C ALA B 27 -8.63 11.96 -0.35
N ASN B 28 -9.40 12.83 0.23
CA ASN B 28 -10.67 13.26 -0.40
C ASN B 28 -11.13 14.59 0.19
N ASN B 29 -10.68 15.69 -0.34
CA ASN B 29 -11.09 17.02 0.20
C ASN B 29 -12.57 17.28 -0.13
N PRO B 30 -12.99 17.04 -1.35
CA PRO B 30 -14.40 17.29 -1.75
C PRO B 30 -15.32 16.32 -1.00
N LEU B 31 -16.47 16.77 -0.60
CA LEU B 31 -17.42 15.89 0.13
C LEU B 31 -18.80 16.55 0.19
N TYR B 32 -18.91 17.65 0.90
CA TYR B 32 -20.23 18.34 1.00
C TYR B 32 -21.28 17.38 1.57
N LYS B 33 -22.35 17.90 2.10
CA LYS B 33 -23.40 17.03 2.67
C LYS B 33 -24.19 16.37 1.53
N GLU B 34 -25.05 15.44 1.85
CA GLU B 34 -25.85 14.77 0.79
C GLU B 34 -27.12 14.18 1.41
N ALA B 35 -27.06 13.78 2.65
CA ALA B 35 -28.27 13.19 3.31
C ALA B 35 -29.19 14.33 3.76
N THR B 36 -29.18 15.43 3.07
CA THR B 36 -30.06 16.56 3.46
C THR B 36 -30.18 17.54 2.29
N SER B 37 -31.35 18.11 2.10
CA SER B 37 -31.53 19.08 0.98
C SER B 37 -31.06 20.47 1.42
N THR B 38 -31.14 20.75 2.70
CA THR B 38 -30.71 22.08 3.23
C THR B 38 -31.06 23.21 2.25
N PHE B 39 -30.36 24.31 2.32
CA PHE B 39 -30.66 25.44 1.40
C PHE B 39 -29.97 25.18 0.06
N THR B 40 -29.01 26.00 -0.29
CA THR B 40 -28.30 25.81 -1.59
C THR B 40 -26.95 26.53 -1.54
N ASN B 41 -26.72 27.45 -2.44
CA ASN B 41 -25.43 28.19 -2.44
C ASN B 41 -25.44 29.25 -3.54
N ILE B 42 -24.31 29.81 -3.85
CA ILE B 42 -24.24 30.86 -4.92
C ILE B 42 -25.12 32.05 -4.51
N THR B 43 -24.54 33.21 -4.42
CA THR B 43 -25.35 34.41 -4.03
C THR B 43 -26.22 34.09 -2.82
N TYR B 44 -25.90 33.05 -2.10
CA TYR B 44 -26.71 32.70 -0.90
C TYR B 44 -28.18 32.58 -1.31
N ARG B 45 -29.07 32.45 -0.36
CA ARG B 45 -30.52 32.34 -0.70
C ARG B 45 -31.35 32.48 0.58
N GLY B 46 -32.56 32.96 0.44
CA GLY B 46 -33.43 33.13 1.65
C GLY B 46 -33.20 34.51 2.25
N THR B 47 -33.03 35.51 1.43
CA THR B 47 -32.80 36.88 1.96
C THR B 47 -34.13 37.48 2.43
N LYS A 1 17.31 -16.49 -7.80
CA LYS A 1 16.17 -17.44 -7.70
C LYS A 1 16.15 -18.07 -6.31
N VAL A 2 15.79 -17.31 -5.32
CA VAL A 2 15.74 -17.84 -3.92
C VAL A 2 14.46 -17.32 -3.27
N GLY A 3 14.05 -16.15 -3.65
CA GLY A 3 12.80 -15.56 -3.08
C GLY A 3 11.67 -15.73 -4.10
N PHE A 4 11.95 -15.43 -5.35
CA PHE A 4 10.90 -15.57 -6.39
C PHE A 4 10.20 -16.92 -6.24
N PHE A 5 10.94 -17.95 -5.92
CA PHE A 5 10.32 -19.30 -5.75
C PHE A 5 9.74 -19.40 -4.33
N LYS A 6 10.46 -18.97 -3.34
CA LYS A 6 9.94 -19.04 -1.94
C LYS A 6 9.17 -17.75 -1.62
N ARG A 7 8.37 -17.25 -2.55
CA ARG A 7 7.62 -16.00 -2.28
C ARG A 7 6.31 -15.98 -3.08
N ASN A 8 6.27 -16.68 -4.19
CA ASN A 8 5.03 -16.69 -5.02
C ASN A 8 4.50 -18.13 -5.17
N ARG A 9 5.32 -19.11 -4.85
CA ARG A 9 4.88 -20.54 -4.96
C ARG A 9 4.53 -21.19 -3.59
N PRO A 10 4.85 -20.60 -2.44
CA PRO A 10 4.52 -21.25 -1.16
C PRO A 10 3.02 -21.61 -1.05
N PRO A 11 2.11 -20.72 -1.45
CA PRO A 11 0.67 -21.03 -1.34
C PRO A 11 0.31 -22.34 -2.06
N LEU A 12 1.11 -22.79 -3.00
CA LEU A 12 0.82 -24.08 -3.72
C LEU A 12 1.79 -25.15 -3.22
N GLU A 13 3.06 -24.98 -3.49
CA GLU A 13 4.04 -26.00 -3.02
C GLU A 13 5.45 -25.39 -3.00
N GLU A 14 6.35 -26.02 -2.30
CA GLU A 14 7.74 -25.49 -2.23
C GLU A 14 8.46 -25.72 -3.56
N ASP A 15 7.73 -26.06 -4.59
CA ASP A 15 8.37 -26.29 -5.91
C ASP A 15 9.27 -25.10 -6.24
N ASP A 16 10.37 -25.34 -6.92
CA ASP A 16 11.29 -24.23 -7.27
C ASP A 16 10.77 -23.51 -8.52
N GLU A 17 11.34 -23.81 -9.65
CA GLU A 17 10.91 -23.15 -10.92
C GLU A 17 11.11 -24.12 -12.09
N GLU A 18 12.26 -24.08 -12.70
CA GLU A 18 12.52 -25.00 -13.84
C GLU A 18 12.18 -26.44 -13.44
N GLY A 19 12.88 -26.97 -12.47
CA GLY A 19 12.60 -28.36 -12.03
C GLY A 19 11.40 -28.37 -11.08
N GLU A 20 10.81 -27.23 -10.87
CA GLU A 20 9.62 -27.16 -9.95
C GLU A 20 9.92 -27.93 -8.67
N LYS B 1 26.00 -13.14 -3.49
CA LYS B 1 24.58 -13.61 -3.42
C LYS B 1 23.68 -12.43 -3.04
N LEU B 2 23.78 -11.35 -3.77
CA LEU B 2 22.93 -10.15 -3.46
C LEU B 2 21.55 -10.31 -4.12
N LEU B 3 21.46 -11.17 -5.09
CA LEU B 3 20.15 -11.38 -5.79
C LEU B 3 19.02 -11.51 -4.76
N ILE B 4 19.37 -11.77 -3.53
CA ILE B 4 18.34 -11.93 -2.45
C ILE B 4 18.21 -10.59 -1.74
N THR B 5 19.32 -10.01 -1.42
CA THR B 5 19.30 -8.70 -0.74
C THR B 5 18.57 -7.71 -1.63
N ILE B 6 18.78 -7.81 -2.92
CA ILE B 6 18.07 -6.90 -3.86
C ILE B 6 16.67 -7.44 -4.12
N HIS B 7 16.51 -8.75 -4.13
CA HIS B 7 15.15 -9.29 -4.38
C HIS B 7 14.34 -9.22 -3.09
N ASP B 8 14.98 -8.96 -1.98
CA ASP B 8 14.26 -8.88 -0.68
C ASP B 8 14.04 -7.42 -0.28
N ARG B 9 14.92 -6.55 -0.69
CA ARG B 9 14.76 -5.12 -0.32
C ARG B 9 13.33 -4.67 -0.63
N LYS B 10 12.64 -5.41 -1.44
CA LYS B 10 11.24 -5.04 -1.79
C LYS B 10 10.46 -4.88 -0.48
N GLU B 11 10.96 -5.43 0.59
CA GLU B 11 10.27 -5.32 1.92
C GLU B 11 9.76 -3.89 2.10
N PHE B 12 10.48 -2.94 1.60
CA PHE B 12 10.06 -1.51 1.75
C PHE B 12 9.05 -1.16 0.64
N ALA B 13 9.13 -1.85 -0.45
CA ALA B 13 8.21 -1.58 -1.60
C ALA B 13 6.77 -1.34 -1.13
N LYS B 14 6.22 -2.21 -0.32
CA LYS B 14 4.80 -2.02 0.11
C LYS B 14 4.69 -1.08 1.33
N PHE B 15 5.64 -1.12 2.24
CA PHE B 15 5.54 -0.21 3.42
C PHE B 15 5.22 1.20 2.92
N GLU B 16 5.49 1.43 1.68
CA GLU B 16 5.21 2.74 1.06
C GLU B 16 3.75 3.13 1.31
N GLU B 17 2.91 2.17 1.61
CA GLU B 17 1.47 2.49 1.87
C GLU B 17 1.35 2.86 3.33
N GLU B 18 1.95 2.07 4.17
CA GLU B 18 1.92 2.32 5.63
C GLU B 18 2.23 3.80 5.89
N ARG B 19 3.22 4.33 5.23
CA ARG B 19 3.56 5.77 5.42
C ARG B 19 2.29 6.60 5.27
N ALA B 20 1.69 6.54 4.11
CA ALA B 20 0.46 7.32 3.87
C ALA B 20 -0.58 7.03 4.95
N ARG B 21 -0.59 5.84 5.49
CA ARG B 21 -1.58 5.51 6.55
C ARG B 21 -1.19 6.20 7.86
N ALA B 22 0.08 6.23 8.17
CA ALA B 22 0.52 6.89 9.43
C ALA B 22 -0.32 6.38 10.60
N LYS B 23 -0.40 7.14 11.66
CA LYS B 23 -1.20 6.70 12.84
C LYS B 23 -1.19 7.82 13.89
N TRP B 24 -0.29 8.76 13.75
CA TRP B 24 -0.20 9.89 14.73
C TRP B 24 -0.42 11.21 13.99
N ASP B 25 0.55 11.64 13.22
CA ASP B 25 0.40 12.91 12.48
C ASP B 25 -0.43 12.67 11.21
N THR B 26 -1.67 13.07 11.22
CA THR B 26 -2.53 12.86 10.02
C THR B 26 -2.14 13.85 8.93
N ALA B 27 -1.21 13.49 8.09
CA ALA B 27 -0.77 14.42 7.01
C ALA B 27 -1.91 14.61 6.01
N ASN B 28 -2.21 13.61 5.24
CA ASN B 28 -3.32 13.75 4.24
C ASN B 28 -3.11 15.02 3.42
N ASN B 29 -4.00 15.97 3.52
CA ASN B 29 -3.84 17.23 2.76
C ASN B 29 -4.73 18.33 3.40
N PRO B 30 -4.20 19.51 3.66
CA PRO B 30 -5.00 20.59 4.28
C PRO B 30 -6.15 20.98 3.34
N LEU B 31 -5.88 21.84 2.39
CA LEU B 31 -6.95 22.27 1.43
C LEU B 31 -8.22 22.62 2.22
N TYR B 32 -8.23 23.75 2.88
CA TYR B 32 -9.43 24.14 3.67
C TYR B 32 -10.46 24.78 2.74
N LYS B 33 -11.26 23.98 2.07
CA LYS B 33 -12.28 24.56 1.15
C LYS B 33 -13.42 25.16 1.98
N GLU B 34 -13.73 24.57 3.10
CA GLU B 34 -14.83 25.10 3.95
C GLU B 34 -16.06 25.38 3.08
N ALA B 35 -16.24 26.60 2.63
CA ALA B 35 -17.42 26.92 1.78
C ALA B 35 -17.29 28.34 1.24
N THR B 36 -16.93 29.27 2.08
CA THR B 36 -16.79 30.68 1.62
C THR B 36 -15.81 30.74 0.44
N SER B 37 -15.51 31.93 -0.03
CA SER B 37 -14.57 32.06 -1.17
C SER B 37 -14.07 33.50 -1.26
N THR B 38 -13.62 33.92 -2.40
CA THR B 38 -13.12 35.32 -2.55
C THR B 38 -14.31 36.26 -2.75
N PHE B 39 -14.12 37.53 -2.52
CA PHE B 39 -15.23 38.50 -2.70
C PHE B 39 -14.65 39.91 -2.87
N THR B 40 -14.41 40.61 -1.80
CA THR B 40 -13.85 41.98 -1.91
C THR B 40 -12.48 41.92 -2.59
N ASN B 41 -12.34 42.57 -3.70
CA ASN B 41 -11.03 42.54 -4.42
C ASN B 41 -10.02 43.42 -3.67
N ILE B 42 -9.60 44.51 -4.28
CA ILE B 42 -8.61 45.40 -3.60
C ILE B 42 -9.23 45.96 -2.31
N THR B 43 -8.42 46.23 -1.33
CA THR B 43 -8.95 46.78 -0.05
C THR B 43 -7.80 47.34 0.79
N TYR B 44 -6.59 47.00 0.45
CA TYR B 44 -5.43 47.51 1.22
C TYR B 44 -5.58 47.12 2.70
N ARG B 45 -4.51 47.19 3.45
CA ARG B 45 -4.61 46.83 4.89
C ARG B 45 -5.16 45.42 5.03
N GLY B 46 -4.31 44.46 5.31
CA GLY B 46 -4.79 43.06 5.45
C GLY B 46 -5.48 42.62 4.16
N THR B 47 -5.97 41.42 4.11
CA THR B 47 -6.65 40.93 2.88
C THR B 47 -7.77 41.91 2.50
N LYS A 1 14.06 -17.99 -9.30
CA LYS A 1 15.33 -18.76 -9.43
C LYS A 1 15.79 -19.24 -8.04
N VAL A 2 15.19 -18.72 -7.00
CA VAL A 2 15.60 -19.13 -5.64
C VAL A 2 14.58 -18.64 -4.62
N GLY A 3 14.84 -17.55 -3.97
CA GLY A 3 13.87 -17.03 -2.97
C GLY A 3 12.61 -16.59 -3.70
N PHE A 4 12.77 -16.08 -4.89
CA PHE A 4 11.58 -15.63 -5.68
C PHE A 4 10.53 -16.75 -5.67
N PHE A 5 10.66 -17.67 -6.56
CA PHE A 5 9.71 -18.80 -6.64
C PHE A 5 9.41 -19.35 -5.23
N LYS A 6 10.40 -19.42 -4.40
CA LYS A 6 10.20 -19.97 -3.02
C LYS A 6 9.51 -18.95 -2.10
N ARG A 7 8.76 -18.01 -2.63
CA ARG A 7 8.07 -17.03 -1.72
C ARG A 7 6.77 -16.53 -2.34
N ASN A 8 6.71 -16.49 -3.63
CA ASN A 8 5.48 -15.97 -4.29
C ASN A 8 4.43 -17.08 -4.46
N ARG A 9 4.84 -18.31 -4.71
CA ARG A 9 3.84 -19.41 -4.92
C ARG A 9 3.91 -20.57 -3.88
N PRO A 10 4.65 -20.45 -2.78
CA PRO A 10 4.66 -21.55 -1.80
C PRO A 10 3.23 -21.90 -1.29
N PRO A 11 2.41 -20.91 -0.96
CA PRO A 11 1.05 -21.18 -0.44
C PRO A 11 0.15 -21.87 -1.48
N LEU A 12 0.55 -21.93 -2.73
CA LEU A 12 -0.32 -22.58 -3.78
C LEU A 12 0.44 -23.76 -4.41
N GLU A 13 1.17 -23.52 -5.47
CA GLU A 13 1.91 -24.63 -6.13
C GLU A 13 3.35 -24.67 -5.61
N GLU A 14 4.12 -25.63 -6.05
CA GLU A 14 5.53 -25.72 -5.59
C GLU A 14 6.35 -26.51 -6.61
N ASP A 15 6.00 -26.43 -7.86
CA ASP A 15 6.75 -27.18 -8.90
C ASP A 15 7.99 -26.37 -9.33
N ASP A 16 7.89 -25.62 -10.41
CA ASP A 16 9.05 -24.84 -10.89
C ASP A 16 8.88 -23.37 -10.50
N GLU A 17 8.56 -22.52 -11.46
CA GLU A 17 8.40 -21.07 -11.17
C GLU A 17 7.18 -20.52 -11.91
N GLU A 18 7.40 -19.63 -12.83
CA GLU A 18 6.28 -19.04 -13.61
C GLU A 18 6.03 -19.91 -14.83
N GLY A 19 7.00 -20.69 -15.20
CA GLY A 19 6.82 -21.59 -16.37
C GLY A 19 5.61 -22.46 -16.09
N GLU A 20 5.12 -22.42 -14.88
CA GLU A 20 3.92 -23.24 -14.52
C GLU A 20 2.88 -23.16 -15.63
N LYS B 1 24.80 -14.28 -2.77
CA LYS B 1 23.63 -14.02 -3.66
C LYS B 1 23.10 -12.61 -3.42
N LEU B 2 23.32 -11.71 -4.34
CA LEU B 2 22.83 -10.31 -4.18
C LEU B 2 21.40 -10.22 -4.69
N LEU B 3 20.99 -11.14 -5.51
CA LEU B 3 19.61 -11.10 -6.07
C LEU B 3 18.54 -11.27 -4.97
N ILE B 4 18.91 -11.71 -3.81
CA ILE B 4 17.91 -11.91 -2.70
C ILE B 4 17.86 -10.68 -1.80
N THR B 5 18.99 -10.23 -1.35
CA THR B 5 19.00 -9.04 -0.48
C THR B 5 18.35 -7.89 -1.25
N ILE B 6 18.54 -7.84 -2.54
CA ILE B 6 17.90 -6.77 -3.33
C ILE B 6 16.45 -7.17 -3.59
N HIS B 7 16.18 -8.44 -3.71
CA HIS B 7 14.74 -8.84 -3.93
C HIS B 7 14.00 -8.76 -2.60
N ASP B 8 14.72 -8.65 -1.52
CA ASP B 8 14.09 -8.57 -0.17
C ASP B 8 13.94 -7.10 0.23
N ARG B 9 14.83 -6.27 -0.22
CA ARG B 9 14.76 -4.84 0.13
C ARG B 9 13.50 -4.25 -0.49
N LYS B 10 13.38 -4.38 -1.78
CA LYS B 10 12.19 -3.84 -2.48
C LYS B 10 10.93 -4.37 -1.79
N GLU B 11 11.05 -5.44 -1.05
CA GLU B 11 9.86 -6.01 -0.36
C GLU B 11 9.53 -5.17 0.87
N PHE B 12 10.54 -4.66 1.54
CA PHE B 12 10.28 -3.83 2.74
C PHE B 12 9.98 -2.40 2.31
N ALA B 13 10.38 -2.05 1.13
CA ALA B 13 10.15 -0.66 0.62
C ALA B 13 8.75 -0.17 0.97
N LYS B 14 7.74 -0.96 0.73
CA LYS B 14 6.34 -0.48 1.04
C LYS B 14 5.95 -0.73 2.50
N PHE B 15 6.42 -1.79 3.10
CA PHE B 15 6.06 -2.06 4.53
C PHE B 15 6.25 -0.76 5.32
N GLU B 16 7.13 0.06 4.83
CA GLU B 16 7.42 1.35 5.48
C GLU B 16 6.12 2.07 5.85
N GLU B 17 5.03 1.74 5.21
CA GLU B 17 3.74 2.42 5.54
C GLU B 17 3.09 1.66 6.68
N GLU B 18 3.44 0.42 6.79
CA GLU B 18 2.88 -0.46 7.84
C GLU B 18 3.69 -0.25 9.13
N ARG B 19 4.88 0.28 9.03
CA ARG B 19 5.73 0.49 10.24
C ARG B 19 4.88 1.06 11.39
N ALA B 20 4.31 2.20 11.19
CA ALA B 20 3.48 2.83 12.26
C ALA B 20 2.47 1.81 12.82
N ARG B 21 1.85 1.04 11.97
CA ARG B 21 0.84 0.03 12.45
C ARG B 21 1.54 -1.30 12.76
N ALA B 22 2.80 -1.42 12.43
CA ALA B 22 3.52 -2.70 12.71
C ALA B 22 3.47 -3.02 14.20
N LYS B 23 4.37 -3.85 14.66
CA LYS B 23 4.38 -4.22 16.11
C LYS B 23 2.97 -4.65 16.54
N TRP B 24 2.71 -4.62 17.82
CA TRP B 24 1.37 -5.04 18.31
C TRP B 24 0.39 -3.85 18.26
N ASP B 25 -0.87 -4.10 18.48
CA ASP B 25 -1.88 -2.99 18.43
C ASP B 25 -1.94 -2.32 19.81
N THR B 26 -2.46 -1.12 19.86
CA THR B 26 -2.55 -0.41 21.16
C THR B 26 -3.40 -1.25 22.13
N ALA B 27 -4.69 -1.02 22.14
CA ALA B 27 -5.57 -1.79 23.05
C ALA B 27 -7.03 -1.41 22.81
N ASN B 28 -7.43 -0.25 23.26
CA ASN B 28 -8.85 0.19 23.07
C ASN B 28 -8.98 0.87 21.70
N ASN B 29 -9.28 2.15 21.69
CA ASN B 29 -9.44 2.89 20.40
C ASN B 29 -8.78 4.28 20.54
N PRO B 30 -7.58 4.47 19.99
CA PRO B 30 -6.89 5.77 20.10
C PRO B 30 -7.77 6.88 19.48
N LEU B 31 -7.16 7.91 18.96
CA LEU B 31 -7.97 9.02 18.36
C LEU B 31 -9.02 9.47 19.37
N TYR B 32 -8.69 10.42 20.21
CA TYR B 32 -9.67 10.90 21.22
C TYR B 32 -10.77 11.73 20.53
N LYS B 33 -11.99 11.60 20.97
CA LYS B 33 -13.09 12.38 20.35
C LYS B 33 -13.01 12.28 18.83
N GLU B 34 -13.37 11.16 18.27
CA GLU B 34 -13.31 11.00 16.80
C GLU B 34 -14.53 11.67 16.16
N ALA B 35 -15.69 11.50 16.73
CA ALA B 35 -16.91 12.13 16.16
C ALA B 35 -18.11 11.80 17.05
N THR B 36 -17.88 11.10 18.13
CA THR B 36 -18.99 10.74 19.05
C THR B 36 -20.02 9.87 18.31
N SER B 37 -20.79 10.46 17.43
CA SER B 37 -21.80 9.66 16.67
C SER B 37 -22.12 10.36 15.35
N THR B 38 -22.91 11.40 15.40
CA THR B 38 -23.27 12.12 14.15
C THR B 38 -21.99 12.70 13.51
N PHE B 39 -21.72 12.36 12.29
CA PHE B 39 -20.50 12.90 11.62
C PHE B 39 -20.73 14.37 11.25
N THR B 40 -21.80 14.65 10.58
CA THR B 40 -22.08 16.07 10.18
C THR B 40 -22.20 16.92 11.45
N ASN B 41 -21.62 18.09 11.43
CA ASN B 41 -21.70 18.98 12.63
C ASN B 41 -23.06 19.67 12.66
N ILE B 42 -23.96 19.19 13.47
CA ILE B 42 -25.31 19.82 13.55
C ILE B 42 -25.16 21.27 14.02
N THR B 43 -26.13 22.10 13.71
CA THR B 43 -26.04 23.53 14.13
C THR B 43 -25.71 23.60 15.62
N TYR B 44 -25.41 24.78 16.10
CA TYR B 44 -25.06 24.92 17.55
C TYR B 44 -25.29 26.37 17.98
N ARG B 45 -26.13 26.59 18.96
CA ARG B 45 -26.39 27.99 19.42
C ARG B 45 -27.04 27.94 20.80
N GLY B 46 -26.42 28.54 21.79
CA GLY B 46 -27.01 28.54 23.16
C GLY B 46 -25.96 29.05 24.15
N THR B 47 -26.22 28.89 25.42
CA THR B 47 -25.24 29.36 26.44
C THR B 47 -24.06 28.40 26.50
N LYS A 1 16.73 -14.39 -8.40
CA LYS A 1 15.75 -15.49 -8.65
C LYS A 1 15.78 -16.47 -7.48
N VAL A 2 15.95 -15.97 -6.29
CA VAL A 2 15.99 -16.85 -5.08
C VAL A 2 14.72 -16.61 -4.28
N GLY A 3 14.17 -15.43 -4.37
CA GLY A 3 12.92 -15.12 -3.61
C GLY A 3 11.74 -15.16 -4.56
N PHE A 4 11.87 -14.56 -5.71
CA PHE A 4 10.75 -14.55 -6.70
C PHE A 4 10.04 -15.91 -6.69
N PHE A 5 10.77 -16.98 -6.82
CA PHE A 5 10.14 -18.32 -6.79
C PHE A 5 9.92 -18.72 -5.32
N LYS A 6 10.86 -18.39 -4.47
CA LYS A 6 10.74 -18.75 -3.01
C LYS A 6 10.23 -17.53 -2.22
N ARG A 7 9.24 -16.84 -2.72
CA ARG A 7 8.71 -15.65 -1.98
C ARG A 7 7.24 -15.42 -2.33
N ASN A 8 6.83 -15.80 -3.52
CA ASN A 8 5.40 -15.60 -3.93
C ASN A 8 4.75 -16.96 -4.21
N ARG A 9 5.53 -17.97 -4.48
CA ARG A 9 4.96 -19.30 -4.76
C ARG A 9 4.70 -20.12 -3.46
N PRO A 10 5.51 -19.95 -2.43
CA PRO A 10 5.31 -20.72 -1.18
C PRO A 10 3.91 -20.53 -0.51
N PRO A 11 3.42 -19.31 -0.40
CA PRO A 11 2.13 -19.08 0.26
C PRO A 11 0.95 -19.82 -0.40
N LEU A 12 1.19 -20.67 -1.39
CA LEU A 12 0.04 -21.39 -2.02
C LEU A 12 0.45 -22.82 -2.45
N GLU A 13 0.68 -23.03 -3.72
CA GLU A 13 1.03 -24.40 -4.20
C GLU A 13 2.55 -24.63 -4.18
N GLU A 14 3.30 -23.69 -3.68
CA GLU A 14 4.79 -23.89 -3.65
C GLU A 14 5.25 -24.26 -5.05
N ASP A 15 4.43 -24.01 -6.03
CA ASP A 15 4.81 -24.35 -7.42
C ASP A 15 6.06 -23.57 -7.81
N ASP A 16 6.66 -23.90 -8.92
CA ASP A 16 7.87 -23.16 -9.35
C ASP A 16 7.45 -21.87 -10.03
N GLU A 17 7.42 -21.87 -11.32
CA GLU A 17 7.01 -20.64 -12.07
C GLU A 17 6.39 -21.04 -13.41
N GLU A 18 6.95 -22.05 -14.05
CA GLU A 18 6.39 -22.49 -15.35
C GLU A 18 4.87 -22.67 -15.21
N GLY A 19 4.44 -23.23 -14.12
CA GLY A 19 2.98 -23.45 -13.89
C GLY A 19 2.42 -22.27 -13.08
N GLU A 20 3.25 -21.31 -12.78
CA GLU A 20 2.77 -20.13 -12.00
C GLU A 20 1.98 -20.62 -10.78
N LYS B 1 25.29 -13.37 -2.37
CA LYS B 1 25.35 -12.06 -3.09
C LYS B 1 24.15 -11.21 -2.66
N LEU B 2 23.97 -10.07 -3.28
CA LEU B 2 22.84 -9.18 -2.90
C LEU B 2 21.57 -9.63 -3.64
N LEU B 3 21.73 -10.35 -4.71
CA LEU B 3 20.54 -10.82 -5.48
C LEU B 3 19.51 -11.42 -4.52
N ILE B 4 19.91 -11.72 -3.32
CA ILE B 4 18.99 -12.31 -2.30
C ILE B 4 18.42 -11.19 -1.43
N THR B 5 19.27 -10.33 -0.96
CA THR B 5 18.82 -9.20 -0.12
C THR B 5 17.94 -8.30 -0.97
N ILE B 6 18.36 -8.00 -2.18
CA ILE B 6 17.51 -7.15 -3.04
C ILE B 6 16.28 -7.94 -3.43
N HIS B 7 16.40 -9.23 -3.60
CA HIS B 7 15.19 -10.01 -3.95
C HIS B 7 14.31 -10.09 -2.71
N ASP B 8 14.87 -9.80 -1.57
CA ASP B 8 14.08 -9.84 -0.31
C ASP B 8 13.44 -8.48 -0.09
N ARG B 9 14.07 -7.45 -0.55
CA ARG B 9 13.48 -6.10 -0.39
C ARG B 9 12.18 -6.08 -1.19
N LYS B 10 12.05 -7.01 -2.09
CA LYS B 10 10.81 -7.10 -2.89
C LYS B 10 9.63 -7.08 -1.91
N GLU B 11 9.91 -7.38 -0.67
CA GLU B 11 8.85 -7.39 0.37
C GLU B 11 8.05 -6.07 0.32
N PHE B 12 8.69 -4.97 0.57
CA PHE B 12 7.97 -3.66 0.57
C PHE B 12 7.85 -3.12 -0.85
N ALA B 13 8.80 -3.42 -1.69
CA ALA B 13 8.77 -2.90 -3.08
C ALA B 13 7.35 -2.94 -3.65
N LYS B 14 6.54 -3.89 -3.23
CA LYS B 14 5.15 -3.95 -3.76
C LYS B 14 4.21 -3.07 -2.92
N PHE B 15 4.35 -3.06 -1.62
CA PHE B 15 3.46 -2.22 -0.77
C PHE B 15 3.40 -0.82 -1.39
N GLU B 16 4.38 -0.50 -2.17
CA GLU B 16 4.45 0.80 -2.85
C GLU B 16 3.13 1.08 -3.57
N GLU B 17 2.37 0.06 -3.86
CA GLU B 17 1.08 0.26 -4.58
C GLU B 17 -0.01 0.53 -3.56
N GLU B 18 -0.02 -0.24 -2.51
CA GLU B 18 -1.02 -0.08 -1.43
C GLU B 18 -1.20 1.41 -1.11
N ARG B 19 -0.14 2.09 -0.80
CA ARG B 19 -0.25 3.55 -0.50
C ARG B 19 -0.97 4.23 -1.65
N ALA B 20 -0.39 4.15 -2.81
CA ALA B 20 -1.00 4.80 -4.00
C ALA B 20 -2.39 4.22 -4.28
N ARG B 21 -2.76 3.15 -3.62
CA ARG B 21 -4.11 2.57 -3.89
C ARG B 21 -5.16 3.67 -3.82
N ALA B 22 -5.10 4.50 -2.81
CA ALA B 22 -6.10 5.61 -2.67
C ALA B 22 -7.50 5.09 -2.95
N LYS B 23 -7.79 3.88 -2.60
CA LYS B 23 -9.16 3.34 -2.86
C LYS B 23 -9.50 3.54 -4.34
N TRP B 24 -10.19 4.59 -4.65
CA TRP B 24 -10.57 4.85 -6.07
C TRP B 24 -9.31 5.15 -6.89
N ASP B 25 -9.47 5.46 -8.15
CA ASP B 25 -8.28 5.77 -9.01
C ASP B 25 -7.88 7.22 -8.80
N THR B 26 -6.67 7.56 -9.13
CA THR B 26 -6.20 8.97 -8.95
C THR B 26 -6.87 9.86 -10.00
N ALA B 27 -6.28 9.98 -11.16
CA ALA B 27 -6.89 10.82 -12.23
C ALA B 27 -7.19 12.21 -11.65
N ASN B 28 -8.45 12.54 -11.55
CA ASN B 28 -8.83 13.89 -11.00
C ASN B 28 -8.11 14.10 -9.66
N ASN B 29 -7.21 15.05 -9.59
CA ASN B 29 -6.49 15.30 -8.33
C ASN B 29 -7.41 16.02 -7.31
N PRO B 30 -8.14 17.03 -7.75
CA PRO B 30 -9.04 17.77 -6.84
C PRO B 30 -10.18 16.86 -6.38
N LEU B 31 -10.36 16.71 -5.09
CA LEU B 31 -11.45 15.83 -4.58
C LEU B 31 -12.80 16.42 -5.00
N TYR B 32 -13.26 17.44 -4.32
CA TYR B 32 -14.57 18.04 -4.69
C TYR B 32 -14.46 18.66 -6.09
N LYS B 33 -15.48 18.52 -6.88
CA LYS B 33 -15.43 19.11 -8.25
C LYS B 33 -15.70 20.61 -8.17
N GLU B 34 -15.07 21.29 -7.24
CA GLU B 34 -15.30 22.76 -7.11
C GLU B 34 -14.54 23.49 -8.22
N ALA B 35 -14.35 24.77 -8.08
CA ALA B 35 -13.63 25.53 -9.14
C ALA B 35 -14.31 25.31 -10.48
N THR B 36 -15.14 26.23 -10.90
CA THR B 36 -15.84 26.06 -12.20
C THR B 36 -16.36 27.41 -12.69
N SER B 37 -16.95 27.45 -13.84
CA SER B 37 -17.48 28.74 -14.37
C SER B 37 -16.36 29.79 -14.35
N THR B 38 -15.55 29.82 -15.37
CA THR B 38 -14.44 30.82 -15.42
C THR B 38 -15.00 32.21 -15.13
N PHE B 39 -14.15 33.12 -14.74
CA PHE B 39 -14.63 34.50 -14.43
C PHE B 39 -14.91 35.25 -15.73
N THR B 40 -14.15 36.27 -16.03
CA THR B 40 -14.37 37.05 -17.28
C THR B 40 -15.77 37.66 -17.26
N ASN B 41 -15.95 38.77 -17.91
CA ASN B 41 -17.29 39.43 -17.94
C ASN B 41 -17.73 39.76 -16.51
N ILE B 42 -18.19 38.77 -15.78
CA ILE B 42 -18.64 39.03 -14.39
C ILE B 42 -17.45 39.45 -13.53
N THR B 43 -17.68 39.99 -12.36
CA THR B 43 -16.56 40.41 -11.48
C THR B 43 -16.93 40.14 -10.02
N TYR B 44 -16.05 40.47 -9.11
CA TYR B 44 -16.36 40.24 -7.67
C TYR B 44 -17.37 41.28 -7.19
N ARG B 45 -18.16 40.95 -6.21
CA ARG B 45 -19.17 41.91 -5.70
C ARG B 45 -19.63 41.49 -4.30
N GLY B 46 -19.45 42.33 -3.33
CA GLY B 46 -19.88 41.97 -1.95
C GLY B 46 -21.40 42.14 -1.83
N THR B 47 -21.96 41.78 -0.70
CA THR B 47 -23.43 41.92 -0.52
C THR B 47 -23.78 43.39 -0.28
N LYS A 1 17.97 -15.87 -7.73
CA LYS A 1 16.82 -15.74 -6.79
C LYS A 1 16.75 -16.97 -5.91
N VAL A 2 15.92 -16.92 -4.91
CA VAL A 2 15.79 -18.05 -3.97
C VAL A 2 14.41 -18.01 -3.30
N GLY A 3 14.32 -17.41 -2.15
CA GLY A 3 13.03 -17.32 -1.42
C GLY A 3 11.90 -16.92 -2.35
N PHE A 4 12.07 -15.87 -3.10
CA PHE A 4 11.00 -15.41 -4.04
C PHE A 4 10.36 -16.61 -4.74
N PHE A 5 11.16 -17.56 -5.13
CA PHE A 5 10.60 -18.76 -5.81
C PHE A 5 9.74 -19.53 -4.81
N LYS A 6 10.33 -20.01 -3.74
CA LYS A 6 9.52 -20.77 -2.73
C LYS A 6 8.95 -19.81 -1.69
N ARG A 7 8.30 -18.76 -2.14
CA ARG A 7 7.71 -17.77 -1.17
C ARG A 7 6.37 -17.29 -1.70
N ASN A 8 6.25 -17.06 -2.99
CA ASN A 8 4.97 -16.56 -3.57
C ASN A 8 4.29 -17.70 -4.36
N ARG A 9 5.03 -18.71 -4.73
CA ARG A 9 4.45 -19.83 -5.51
C ARG A 9 3.90 -20.97 -4.62
N PRO A 10 4.51 -21.25 -3.47
CA PRO A 10 4.02 -22.35 -2.63
C PRO A 10 2.53 -22.20 -2.28
N PRO A 11 2.09 -21.01 -1.91
CA PRO A 11 0.67 -20.83 -1.57
C PRO A 11 -0.22 -21.09 -2.80
N LEU A 12 0.34 -21.17 -3.99
CA LEU A 12 -0.49 -21.43 -5.22
C LEU A 12 0.07 -22.66 -5.95
N GLU A 13 1.02 -22.47 -6.82
CA GLU A 13 1.61 -23.62 -7.56
C GLU A 13 2.84 -24.13 -6.83
N GLU A 14 3.73 -24.79 -7.52
CA GLU A 14 4.97 -25.31 -6.88
C GLU A 14 6.13 -25.18 -7.86
N ASP A 15 5.86 -24.76 -9.06
CA ASP A 15 6.95 -24.61 -10.07
C ASP A 15 8.04 -23.71 -9.50
N ASP A 16 9.09 -23.48 -10.25
CA ASP A 16 10.19 -22.61 -9.74
C ASP A 16 9.85 -21.15 -10.05
N GLU A 17 9.53 -20.86 -11.28
CA GLU A 17 9.20 -19.44 -11.66
C GLU A 17 8.12 -19.44 -12.75
N GLU A 18 8.51 -19.19 -13.97
CA GLU A 18 7.51 -19.17 -15.08
C GLU A 18 7.47 -20.55 -15.74
N GLY A 19 7.24 -21.57 -14.97
CA GLY A 19 7.19 -22.96 -15.54
C GLY A 19 8.55 -23.62 -15.30
N GLU A 20 9.46 -22.90 -14.71
CA GLU A 20 10.81 -23.48 -14.44
C GLU A 20 10.66 -24.74 -13.58
N LYS B 1 23.85 -14.52 -1.26
CA LYS B 1 24.22 -13.58 -2.35
C LYS B 1 23.40 -12.30 -2.23
N LEU B 2 23.84 -11.23 -2.84
CA LEU B 2 23.07 -9.95 -2.75
C LEU B 2 21.97 -9.95 -3.81
N LEU B 3 22.18 -10.68 -4.86
CA LEU B 3 21.17 -10.77 -5.95
C LEU B 3 19.77 -10.99 -5.33
N ILE B 4 19.73 -11.37 -4.09
CA ILE B 4 18.44 -11.59 -3.37
C ILE B 4 18.20 -10.33 -2.57
N THR B 5 19.26 -9.81 -2.02
CA THR B 5 19.19 -8.57 -1.22
C THR B 5 18.62 -7.46 -2.10
N ILE B 6 19.14 -7.30 -3.28
CA ILE B 6 18.60 -6.23 -4.16
C ILE B 6 17.15 -6.59 -4.47
N HIS B 7 16.83 -7.86 -4.50
CA HIS B 7 15.42 -8.24 -4.81
C HIS B 7 14.60 -8.31 -3.52
N ASP B 8 15.25 -8.29 -2.39
CA ASP B 8 14.52 -8.35 -1.09
C ASP B 8 14.09 -6.95 -0.67
N ARG B 9 14.80 -5.96 -1.12
CA ARG B 9 14.46 -4.55 -0.76
C ARG B 9 12.95 -4.33 -0.84
N LYS B 10 12.23 -5.20 -1.50
CA LYS B 10 10.76 -5.01 -1.59
C LYS B 10 10.21 -4.85 -0.17
N GLU B 11 10.97 -5.28 0.80
CA GLU B 11 10.53 -5.17 2.21
C GLU B 11 9.94 -3.79 2.47
N PHE B 12 10.47 -2.79 1.84
CA PHE B 12 9.94 -1.41 2.04
C PHE B 12 8.70 -1.23 1.15
N ALA B 13 8.61 -2.00 0.12
CA ALA B 13 7.47 -1.89 -0.82
C ALA B 13 6.14 -1.74 -0.06
N LYS B 14 5.75 -2.73 0.70
CA LYS B 14 4.44 -2.64 1.44
C LYS B 14 4.60 -1.91 2.77
N PHE B 15 5.74 -1.98 3.40
CA PHE B 15 5.92 -1.29 4.72
C PHE B 15 5.36 0.12 4.61
N GLU B 16 5.29 0.60 3.41
CA GLU B 16 4.77 1.96 3.14
C GLU B 16 3.35 2.14 3.71
N GLU B 17 2.60 1.08 3.84
CA GLU B 17 1.22 1.21 4.39
C GLU B 17 1.30 1.14 5.90
N GLU B 18 2.01 0.17 6.38
CA GLU B 18 2.17 -0.01 7.84
C GLU B 18 2.47 1.35 8.49
N ARG B 19 3.37 2.10 7.93
CA ARG B 19 3.70 3.43 8.51
C ARG B 19 2.40 4.21 8.75
N ALA B 20 1.68 4.46 7.70
CA ALA B 20 0.39 5.20 7.84
C ALA B 20 -0.46 4.58 8.95
N ARG B 21 -0.41 3.28 9.09
CA ARG B 21 -1.23 2.62 10.15
C ARG B 21 -0.50 2.73 11.49
N ALA B 22 0.77 2.43 11.52
CA ALA B 22 1.55 2.53 12.79
C ALA B 22 0.76 1.85 13.92
N LYS B 23 1.07 2.19 15.14
CA LYS B 23 0.34 1.60 16.30
C LYS B 23 0.18 2.67 17.38
N TRP B 24 0.68 3.85 17.14
CA TRP B 24 0.54 4.95 18.14
C TRP B 24 -0.75 5.74 17.87
N ASP B 25 -0.69 7.03 18.02
CA ASP B 25 -1.91 7.86 17.77
C ASP B 25 -2.18 7.94 16.26
N THR B 26 -1.54 7.11 15.49
CA THR B 26 -1.77 7.15 14.02
C THR B 26 -1.68 8.59 13.52
N ALA B 27 -2.68 9.05 12.82
CA ALA B 27 -2.65 10.45 12.31
C ALA B 27 -2.92 11.42 13.46
N ASN B 28 -4.15 11.54 13.87
CA ASN B 28 -4.47 12.48 14.98
C ASN B 28 -3.99 13.88 14.64
N ASN B 29 -4.89 14.77 14.30
CA ASN B 29 -4.48 16.16 13.97
C ASN B 29 -3.40 16.13 12.86
N PRO B 30 -3.79 15.73 11.67
CA PRO B 30 -2.84 15.66 10.54
C PRO B 30 -2.31 17.08 10.22
N LEU B 31 -1.57 17.21 9.16
CA LEU B 31 -1.02 18.55 8.80
C LEU B 31 -2.19 19.52 8.59
N TYR B 32 -2.11 20.69 9.19
CA TYR B 32 -3.22 21.68 9.03
C TYR B 32 -3.31 22.06 7.55
N LYS B 33 -4.23 21.48 6.84
CA LYS B 33 -4.40 21.81 5.39
C LYS B 33 -5.32 23.01 5.24
N GLU B 34 -4.77 24.18 5.03
CA GLU B 34 -5.62 25.40 4.88
C GLU B 34 -6.62 25.47 6.04
N ALA B 35 -6.47 24.64 7.03
CA ALA B 35 -7.41 24.68 8.18
C ALA B 35 -7.43 26.08 8.78
N THR B 36 -6.28 26.66 9.01
CA THR B 36 -6.22 28.04 9.58
C THR B 36 -6.29 29.07 8.45
N SER B 37 -7.43 29.17 7.82
CA SER B 37 -7.56 30.16 6.71
C SER B 37 -9.02 30.21 6.24
N THR B 38 -9.53 29.13 5.71
CA THR B 38 -10.93 29.13 5.22
C THR B 38 -11.18 30.36 4.35
N PHE B 39 -12.43 30.72 4.15
CA PHE B 39 -12.72 31.91 3.31
C PHE B 39 -14.22 32.23 3.39
N THR B 40 -14.92 31.62 4.31
CA THR B 40 -16.38 31.89 4.44
C THR B 40 -16.60 33.21 5.18
N ASN B 41 -17.46 34.05 4.67
CA ASN B 41 -17.72 35.35 5.33
C ASN B 41 -16.41 36.14 5.45
N ILE B 42 -16.13 36.65 6.63
CA ILE B 42 -14.86 37.43 6.82
C ILE B 42 -14.81 38.58 5.81
N THR B 43 -13.94 39.54 6.04
CA THR B 43 -13.83 40.69 5.08
C THR B 43 -15.18 41.43 5.02
N TYR B 44 -16.14 40.89 4.34
CA TYR B 44 -17.47 41.56 4.24
C TYR B 44 -17.91 42.05 5.62
N ARG B 45 -17.67 41.27 6.64
CA ARG B 45 -18.08 41.69 8.01
C ARG B 45 -19.54 42.14 7.99
N GLY B 46 -20.31 41.67 7.03
CA GLY B 46 -21.74 42.07 6.95
C GLY B 46 -21.85 43.46 6.34
N THR B 47 -23.05 43.92 6.10
CA THR B 47 -23.21 45.28 5.51
C THR B 47 -22.43 45.36 4.20
N LYS A 1 14.10 -16.70 -8.46
CA LYS A 1 15.44 -17.34 -8.48
C LYS A 1 15.94 -17.52 -7.05
N VAL A 2 15.39 -16.78 -6.13
CA VAL A 2 15.81 -16.88 -4.71
C VAL A 2 14.66 -16.40 -3.82
N GLY A 3 14.44 -15.12 -3.77
CA GLY A 3 13.33 -14.59 -2.93
C GLY A 3 12.02 -14.67 -3.71
N PHE A 4 12.07 -14.35 -4.97
CA PHE A 4 10.83 -14.40 -5.80
C PHE A 4 10.18 -15.77 -5.70
N PHE A 5 10.89 -16.82 -6.04
CA PHE A 5 10.30 -18.17 -5.97
C PHE A 5 9.86 -18.47 -4.52
N LYS A 6 10.55 -17.92 -3.56
CA LYS A 6 10.17 -18.16 -2.13
C LYS A 6 9.37 -16.95 -1.62
N ARG A 7 8.56 -16.37 -2.47
CA ARG A 7 7.76 -15.18 -2.06
C ARG A 7 6.30 -15.36 -2.53
N ASN A 8 6.05 -16.25 -3.44
CA ASN A 8 4.64 -16.43 -3.94
C ASN A 8 4.39 -17.89 -4.34
N ARG A 9 5.40 -18.72 -4.34
CA ARG A 9 5.20 -20.14 -4.72
C ARG A 9 4.66 -21.01 -3.56
N PRO A 10 5.03 -20.74 -2.32
CA PRO A 10 4.56 -21.59 -1.20
C PRO A 10 3.00 -21.65 -1.06
N PRO A 11 2.31 -20.51 -1.14
CA PRO A 11 0.84 -20.50 -0.96
C PRO A 11 0.13 -21.32 -2.07
N LEU A 12 0.85 -22.05 -2.88
CA LEU A 12 0.18 -22.85 -3.95
C LEU A 12 0.95 -24.15 -4.21
N GLU A 13 2.26 -24.10 -4.26
CA GLU A 13 3.05 -25.37 -4.47
C GLU A 13 4.46 -25.19 -3.91
N GLU A 14 5.11 -26.26 -3.59
CA GLU A 14 6.50 -26.17 -3.03
C GLU A 14 7.48 -25.93 -4.18
N ASP A 15 7.16 -26.38 -5.36
CA ASP A 15 8.06 -26.18 -6.51
C ASP A 15 8.40 -24.69 -6.63
N ASP A 16 9.23 -24.32 -7.56
CA ASP A 16 9.59 -22.90 -7.72
C ASP A 16 8.56 -22.21 -8.61
N GLU A 17 8.90 -21.97 -9.85
CA GLU A 17 7.96 -21.31 -10.81
C GLU A 17 7.61 -22.27 -11.94
N GLU A 18 8.17 -22.05 -13.10
CA GLU A 18 7.89 -22.95 -14.26
C GLU A 18 9.01 -24.00 -14.35
N GLY A 19 9.21 -24.74 -13.29
CA GLY A 19 10.28 -25.77 -13.29
C GLY A 19 11.58 -25.12 -12.80
N GLU A 20 11.50 -23.91 -12.33
CA GLU A 20 12.73 -23.21 -11.84
C GLU A 20 13.22 -23.88 -10.56
N LYS B 1 26.90 -11.91 -3.12
CA LYS B 1 25.60 -12.28 -3.74
C LYS B 1 24.50 -11.32 -3.25
N LEU B 2 24.43 -10.15 -3.81
CA LEU B 2 23.38 -9.19 -3.37
C LEU B 2 22.05 -9.56 -4.06
N LEU B 3 22.14 -10.27 -5.14
CA LEU B 3 20.92 -10.69 -5.90
C LEU B 3 19.87 -11.24 -4.92
N ILE B 4 20.27 -11.53 -3.72
CA ILE B 4 19.34 -12.07 -2.69
C ILE B 4 18.78 -10.91 -1.87
N THR B 5 19.64 -10.01 -1.50
CA THR B 5 19.19 -8.83 -0.71
C THR B 5 18.25 -8.01 -1.57
N ILE B 6 18.62 -7.76 -2.80
CA ILE B 6 17.70 -6.97 -3.67
C ILE B 6 16.51 -7.83 -4.03
N HIS B 7 16.68 -9.13 -4.09
CA HIS B 7 15.49 -9.98 -4.41
C HIS B 7 14.59 -10.05 -3.18
N ASP B 8 15.07 -9.61 -2.05
CA ASP B 8 14.26 -9.65 -0.79
C ASP B 8 13.77 -8.24 -0.41
N ARG B 9 14.53 -7.24 -0.74
CA ARG B 9 14.09 -5.86 -0.39
C ARG B 9 12.68 -5.64 -0.90
N LYS B 10 12.29 -6.37 -1.91
CA LYS B 10 10.91 -6.23 -2.44
C LYS B 10 9.95 -6.41 -1.27
N GLU B 11 10.41 -7.04 -0.22
CA GLU B 11 9.55 -7.25 0.97
C GLU B 11 8.95 -5.89 1.36
N PHE B 12 9.71 -4.85 1.20
CA PHE B 12 9.20 -3.49 1.54
C PHE B 12 8.04 -3.15 0.59
N ALA B 13 8.04 -3.75 -0.57
CA ALA B 13 6.98 -3.46 -1.58
C ALA B 13 5.59 -3.37 -0.92
N LYS B 14 5.08 -4.46 -0.39
CA LYS B 14 3.72 -4.43 0.24
C LYS B 14 3.81 -3.97 1.69
N PHE B 15 4.94 -4.16 2.31
CA PHE B 15 5.09 -3.72 3.74
C PHE B 15 4.51 -2.33 3.89
N GLU B 16 4.55 -1.61 2.82
CA GLU B 16 4.03 -0.22 2.78
C GLU B 16 2.56 -0.18 3.21
N GLU B 17 1.82 -1.25 3.01
CA GLU B 17 0.38 -1.25 3.40
C GLU B 17 0.27 -1.66 4.86
N GLU B 18 1.06 -2.62 5.23
CA GLU B 18 1.05 -3.12 6.63
C GLU B 18 1.00 -1.94 7.61
N ARG B 19 1.66 -0.86 7.30
CA ARG B 19 1.64 0.32 8.21
C ARG B 19 0.19 0.70 8.51
N ALA B 20 -0.54 1.05 7.48
CA ALA B 20 -1.96 1.45 7.68
C ALA B 20 -2.69 0.38 8.51
N ARG B 21 -2.33 -0.86 8.35
CA ARG B 21 -3.00 -1.93 9.14
C ARG B 21 -2.57 -1.84 10.61
N ALA B 22 -1.43 -1.25 10.87
CA ALA B 22 -0.96 -1.13 12.28
C ALA B 22 -1.67 0.04 12.95
N LYS B 23 -1.45 1.24 12.48
CA LYS B 23 -2.10 2.43 13.09
C LYS B 23 -3.63 2.26 13.04
N TRP B 24 -4.36 3.34 13.14
CA TRP B 24 -5.85 3.23 13.11
C TRP B 24 -6.44 4.49 12.47
N ASP B 25 -5.95 5.65 12.85
CA ASP B 25 -6.48 6.91 12.27
C ASP B 25 -7.99 6.99 12.52
N THR B 26 -8.39 7.63 13.59
CA THR B 26 -9.85 7.75 13.88
C THR B 26 -10.58 8.24 12.63
N ALA B 27 -11.54 7.49 12.18
CA ALA B 27 -12.30 7.90 10.96
C ALA B 27 -13.57 7.06 10.84
N ASN B 28 -14.52 7.27 11.72
CA ASN B 28 -15.78 6.47 11.65
C ASN B 28 -16.58 6.90 10.42
N ASN B 29 -15.98 6.88 9.26
CA ASN B 29 -16.71 7.28 8.04
C ASN B 29 -17.42 8.63 8.27
N PRO B 30 -16.64 9.68 8.42
CA PRO B 30 -17.20 11.03 8.65
C PRO B 30 -18.05 11.46 7.44
N LEU B 31 -19.22 12.00 7.68
CA LEU B 31 -20.08 12.43 6.54
C LEU B 31 -19.54 13.76 5.99
N TYR B 32 -19.35 13.84 4.71
CA TYR B 32 -18.84 15.10 4.11
C TYR B 32 -19.69 16.28 4.59
N LYS B 33 -19.21 17.02 5.55
CA LYS B 33 -20.01 18.19 6.05
C LYS B 33 -19.77 19.39 5.13
N GLU B 34 -19.01 20.35 5.57
CA GLU B 34 -18.74 21.55 4.73
C GLU B 34 -20.05 22.26 4.40
N ALA B 35 -20.15 23.52 4.74
CA ALA B 35 -21.41 24.27 4.45
C ALA B 35 -21.44 24.64 2.96
N THR B 36 -21.11 25.86 2.64
CA THR B 36 -21.13 26.28 1.21
C THR B 36 -19.82 25.86 0.53
N SER B 37 -19.91 25.09 -0.52
CA SER B 37 -18.67 24.64 -1.21
C SER B 37 -18.15 25.78 -2.10
N THR B 38 -18.88 26.12 -3.14
CA THR B 38 -18.43 27.20 -4.04
C THR B 38 -18.04 28.43 -3.21
N PHE B 39 -16.79 28.79 -3.21
CA PHE B 39 -16.35 29.98 -2.42
C PHE B 39 -16.91 31.25 -3.07
N THR B 40 -17.77 31.96 -2.38
CA THR B 40 -18.34 33.20 -2.96
C THR B 40 -17.29 34.31 -2.97
N ASN B 41 -17.69 35.54 -2.85
CA ASN B 41 -16.72 36.65 -2.86
C ASN B 41 -16.01 36.74 -1.50
N ILE B 42 -16.14 35.72 -0.69
CA ILE B 42 -15.49 35.71 0.66
C ILE B 42 -16.08 36.81 1.54
N THR B 43 -16.19 38.00 1.01
CA THR B 43 -16.76 39.13 1.81
C THR B 43 -15.87 39.36 3.05
N TYR B 44 -16.47 39.64 4.17
CA TYR B 44 -15.67 39.89 5.41
C TYR B 44 -16.56 39.73 6.63
N ARG B 45 -17.85 39.74 6.44
CA ARG B 45 -18.78 39.60 7.61
C ARG B 45 -18.34 38.42 8.47
N GLY B 46 -18.82 38.35 9.68
CA GLY B 46 -18.43 37.23 10.57
C GLY B 46 -19.06 37.43 11.96
N THR B 47 -19.56 38.61 12.22
CA THR B 47 -20.18 38.87 13.55
C THR B 47 -21.53 38.16 13.64
N LYS A 1 14.81 -18.99 -9.48
CA LYS A 1 16.22 -18.74 -9.09
C LYS A 1 16.47 -19.33 -7.70
N VAL A 2 15.70 -18.93 -6.72
CA VAL A 2 15.89 -19.49 -5.35
C VAL A 2 14.76 -18.98 -4.45
N GLY A 3 15.04 -18.04 -3.59
CA GLY A 3 13.97 -17.52 -2.69
C GLY A 3 12.85 -16.93 -3.55
N PHE A 4 13.18 -16.43 -4.71
CA PHE A 4 12.13 -15.84 -5.59
C PHE A 4 10.96 -16.81 -5.70
N PHE A 5 11.20 -17.97 -6.24
CA PHE A 5 10.11 -18.97 -6.40
C PHE A 5 9.66 -19.50 -5.03
N LYS A 6 10.55 -19.57 -4.08
CA LYS A 6 10.18 -20.08 -2.72
C LYS A 6 9.80 -18.93 -1.79
N ARG A 7 9.12 -17.93 -2.28
CA ARG A 7 8.72 -16.78 -1.40
C ARG A 7 7.39 -16.20 -1.85
N ASN A 8 7.09 -16.27 -3.11
CA ASN A 8 5.80 -15.70 -3.62
C ASN A 8 4.93 -16.84 -4.18
N ARG A 9 5.52 -17.97 -4.46
CA ARG A 9 4.75 -19.11 -5.00
C ARG A 9 4.12 -19.99 -3.89
N PRO A 10 4.77 -20.13 -2.73
CA PRO A 10 4.20 -21.00 -1.66
C PRO A 10 2.78 -20.58 -1.25
N PRO A 11 2.52 -19.31 -1.03
CA PRO A 11 1.18 -18.86 -0.61
C PRO A 11 0.16 -19.09 -1.74
N LEU A 12 0.54 -19.82 -2.76
CA LEU A 12 -0.41 -20.09 -3.88
C LEU A 12 0.27 -21.04 -4.86
N GLU A 13 -0.09 -22.28 -4.78
CA GLU A 13 0.51 -23.30 -5.69
C GLU A 13 2.00 -23.40 -5.42
N GLU A 14 2.44 -24.51 -4.89
CA GLU A 14 3.90 -24.67 -4.61
C GLU A 14 4.65 -24.84 -5.93
N ASP A 15 4.03 -24.54 -7.03
CA ASP A 15 4.69 -24.69 -8.34
C ASP A 15 5.95 -23.81 -8.38
N ASP A 16 6.69 -23.89 -9.45
CA ASP A 16 7.92 -23.07 -9.57
C ASP A 16 7.54 -21.66 -10.03
N GLU A 17 7.70 -21.38 -11.29
CA GLU A 17 7.33 -20.03 -11.83
C GLU A 17 6.45 -20.20 -13.06
N GLU A 18 6.87 -20.98 -14.02
CA GLU A 18 6.05 -21.18 -15.24
C GLU A 18 4.61 -21.50 -14.84
N GLY A 19 4.43 -22.28 -13.81
CA GLY A 19 3.05 -22.63 -13.37
C GLY A 19 2.41 -21.41 -12.71
N GLU A 20 3.18 -20.39 -12.45
CA GLU A 20 2.60 -19.17 -11.81
C GLU A 20 1.77 -19.57 -10.60
N LYS B 1 23.48 -14.99 -3.50
CA LYS B 1 24.29 -13.78 -3.22
C LYS B 1 23.38 -12.61 -2.89
N LEU B 2 23.71 -11.45 -3.38
CA LEU B 2 22.89 -10.24 -3.08
C LEU B 2 21.67 -10.12 -4.01
N LEU B 3 21.71 -10.76 -5.15
CA LEU B 3 20.56 -10.65 -6.10
C LEU B 3 19.23 -10.87 -5.37
N ILE B 4 19.26 -11.45 -4.20
CA ILE B 4 18.02 -11.67 -3.41
C ILE B 4 17.94 -10.57 -2.38
N THR B 5 19.06 -10.23 -1.83
CA THR B 5 19.11 -9.16 -0.82
C THR B 5 18.56 -7.89 -1.44
N ILE B 6 18.83 -7.68 -2.70
CA ILE B 6 18.31 -6.48 -3.39
C ILE B 6 16.86 -6.73 -3.76
N HIS B 7 16.52 -7.97 -4.06
CA HIS B 7 15.10 -8.26 -4.43
C HIS B 7 14.28 -8.55 -3.16
N ASP B 8 14.94 -8.75 -2.05
CA ASP B 8 14.20 -9.04 -0.79
C ASP B 8 13.54 -7.75 -0.31
N ARG B 9 14.14 -6.64 -0.59
CA ARG B 9 13.56 -5.35 -0.18
C ARG B 9 12.13 -5.29 -0.71
N LYS B 10 11.82 -6.13 -1.65
CA LYS B 10 10.47 -6.16 -2.23
C LYS B 10 9.49 -6.62 -1.16
N GLU B 11 9.97 -7.32 -0.16
CA GLU B 11 9.08 -7.80 0.92
C GLU B 11 8.20 -6.65 1.41
N PHE B 12 8.71 -5.45 1.36
CA PHE B 12 7.91 -4.28 1.81
C PHE B 12 6.95 -3.86 0.70
N ALA B 13 7.24 -4.29 -0.51
CA ALA B 13 6.37 -3.93 -1.67
C ALA B 13 4.90 -4.25 -1.39
N LYS B 14 4.55 -5.50 -1.21
CA LYS B 14 3.11 -5.85 -0.96
C LYS B 14 2.77 -5.70 0.52
N PHE B 15 3.67 -6.04 1.40
CA PHE B 15 3.38 -5.88 2.87
C PHE B 15 2.78 -4.50 3.07
N GLU B 16 3.13 -3.64 2.18
CA GLU B 16 2.62 -2.25 2.20
C GLU B 16 1.10 -2.26 2.41
N GLU B 17 0.45 -3.36 2.12
CA GLU B 17 -1.03 -3.42 2.31
C GLU B 17 -1.32 -3.88 3.73
N GLU B 18 -0.49 -4.75 4.21
CA GLU B 18 -0.64 -5.31 5.57
C GLU B 18 -0.77 -4.17 6.61
N ARG B 19 0.04 -3.15 6.51
CA ARG B 19 -0.05 -2.04 7.51
C ARG B 19 -1.52 -1.63 7.68
N ALA B 20 -2.12 -1.16 6.64
CA ALA B 20 -3.54 -0.73 6.71
C ALA B 20 -4.37 -1.82 7.38
N ARG B 21 -4.04 -3.07 7.13
CA ARG B 21 -4.81 -4.18 7.77
C ARG B 21 -4.36 -4.32 9.22
N ALA B 22 -3.18 -3.89 9.53
CA ALA B 22 -2.67 -3.99 10.94
C ALA B 22 -3.20 -2.80 11.75
N LYS B 23 -4.18 -2.11 11.25
CA LYS B 23 -4.72 -0.94 11.99
C LYS B 23 -5.92 -0.38 11.23
N TRP B 24 -6.34 0.82 11.56
CA TRP B 24 -7.51 1.43 10.87
C TRP B 24 -7.08 1.89 9.47
N ASP B 25 -7.99 1.89 8.53
CA ASP B 25 -7.65 2.33 7.16
C ASP B 25 -7.45 3.86 7.15
N THR B 26 -8.28 4.57 6.44
CA THR B 26 -8.14 6.05 6.40
C THR B 26 -8.08 6.59 7.83
N ALA B 27 -7.90 7.88 7.98
CA ALA B 27 -7.83 8.47 9.34
C ALA B 27 -8.04 9.98 9.27
N ASN B 28 -9.12 10.46 9.83
CA ASN B 28 -9.39 11.93 9.79
C ASN B 28 -10.40 12.29 10.87
N ASN B 29 -10.28 11.70 12.03
CA ASN B 29 -11.24 12.00 13.13
C ASN B 29 -10.93 13.38 13.76
N PRO B 30 -9.66 13.66 14.03
CA PRO B 30 -9.28 14.94 14.65
C PRO B 30 -9.55 16.09 13.67
N LEU B 31 -10.00 17.21 14.18
CA LEU B 31 -10.29 18.37 13.28
C LEU B 31 -10.30 19.65 14.11
N TYR B 32 -9.37 20.54 13.87
CA TYR B 32 -9.32 21.81 14.65
C TYR B 32 -8.63 22.89 13.82
N LYS B 33 -7.46 23.32 14.24
CA LYS B 33 -6.74 24.37 13.47
C LYS B 33 -6.11 23.74 12.22
N GLU B 34 -4.86 24.01 11.96
CA GLU B 34 -4.20 23.43 10.76
C GLU B 34 -4.94 23.88 9.49
N ALA B 35 -6.06 23.28 9.21
CA ALA B 35 -6.83 23.66 7.99
C ALA B 35 -5.90 23.65 6.78
N THR B 36 -5.42 24.78 6.37
CA THR B 36 -4.51 24.83 5.19
C THR B 36 -3.33 23.88 5.41
N SER B 37 -2.36 23.89 4.53
CA SER B 37 -1.19 23.00 4.70
C SER B 37 -0.03 23.50 3.85
N THR B 38 -0.28 23.83 2.61
CA THR B 38 0.80 24.34 1.73
C THR B 38 1.48 25.54 2.40
N PHE B 39 2.48 26.09 1.77
CA PHE B 39 3.18 27.27 2.37
C PHE B 39 2.15 28.34 2.75
N THR B 40 2.12 28.73 3.98
CA THR B 40 1.14 29.77 4.42
C THR B 40 1.44 31.08 3.69
N ASN B 41 0.74 32.13 4.03
CA ASN B 41 0.99 33.44 3.36
C ASN B 41 0.39 34.56 4.21
N ILE B 42 1.19 35.52 4.61
CA ILE B 42 0.65 36.65 5.44
C ILE B 42 0.15 37.76 4.51
N THR B 43 -0.44 38.78 5.05
CA THR B 43 -0.95 39.90 4.20
C THR B 43 -1.46 41.03 5.08
N TYR B 44 -1.77 40.73 6.33
CA TYR B 44 -2.28 41.80 7.24
C TYR B 44 -2.37 41.24 8.66
N ARG B 45 -2.99 40.10 8.83
CA ARG B 45 -3.11 39.51 10.19
C ARG B 45 -3.61 38.08 10.08
N GLY B 46 -4.83 37.89 9.64
CA GLY B 46 -5.39 36.52 9.50
C GLY B 46 -6.90 36.59 9.38
N THR B 47 -7.60 36.61 10.48
CA THR B 47 -9.08 36.68 10.41
C THR B 47 -9.51 38.09 10.02
N LYS A 1 14.13 -16.93 -9.59
CA LYS A 1 15.56 -17.29 -9.69
C LYS A 1 16.04 -17.83 -8.33
N VAL A 2 15.41 -17.41 -7.27
CA VAL A 2 15.82 -17.89 -5.92
C VAL A 2 14.64 -17.76 -4.96
N GLY A 3 14.63 -16.74 -4.15
CA GLY A 3 13.50 -16.56 -3.20
C GLY A 3 12.23 -16.29 -4.00
N PHE A 4 12.36 -15.64 -5.12
CA PHE A 4 11.16 -15.33 -5.96
C PHE A 4 10.26 -16.56 -6.06
N PHE A 5 10.80 -17.68 -6.46
CA PHE A 5 9.98 -18.90 -6.61
C PHE A 5 9.51 -19.41 -5.23
N LYS A 6 10.39 -19.53 -4.27
CA LYS A 6 9.97 -20.03 -2.92
C LYS A 6 9.55 -18.86 -2.03
N ARG A 7 8.75 -17.95 -2.55
CA ARG A 7 8.31 -16.79 -1.72
C ARG A 7 6.90 -16.35 -2.13
N ASN A 8 6.46 -16.71 -3.31
CA ASN A 8 5.10 -16.31 -3.77
C ASN A 8 4.32 -17.54 -4.25
N ARG A 9 4.99 -18.61 -4.59
CA ARG A 9 4.28 -19.83 -5.05
C ARG A 9 3.95 -20.81 -3.89
N PRO A 10 4.74 -20.85 -2.83
CA PRO A 10 4.45 -21.80 -1.74
C PRO A 10 3.01 -21.64 -1.20
N PRO A 11 2.56 -20.42 -0.97
CA PRO A 11 1.20 -20.22 -0.46
C PRO A 11 0.13 -20.52 -1.54
N LEU A 12 0.53 -20.83 -2.77
CA LEU A 12 -0.50 -21.12 -3.83
C LEU A 12 -0.03 -22.25 -4.77
N GLU A 13 0.77 -21.93 -5.75
CA GLU A 13 1.21 -22.97 -6.73
C GLU A 13 2.02 -24.06 -6.05
N GLU A 14 3.02 -23.69 -5.29
CA GLU A 14 3.87 -24.71 -4.62
C GLU A 14 4.78 -25.36 -5.65
N ASP A 15 5.41 -24.56 -6.47
CA ASP A 15 6.32 -25.11 -7.51
C ASP A 15 7.31 -24.03 -7.95
N ASP A 16 7.67 -24.00 -9.21
CA ASP A 16 8.61 -22.98 -9.68
C ASP A 16 7.85 -21.69 -9.99
N GLU A 17 7.61 -21.42 -11.24
CA GLU A 17 6.85 -20.20 -11.62
C GLU A 17 6.04 -20.51 -12.88
N GLU A 18 6.47 -19.98 -14.00
CA GLU A 18 5.78 -20.24 -15.30
C GLU A 18 6.77 -20.97 -16.21
N GLY A 19 7.84 -21.45 -15.64
CA GLY A 19 8.86 -22.18 -16.44
C GLY A 19 10.16 -22.27 -15.63
N GLU A 20 10.31 -21.46 -14.62
CA GLU A 20 11.55 -21.51 -13.79
C GLU A 20 11.68 -22.90 -13.16
N LYS B 1 26.21 -12.11 -2.78
CA LYS B 1 24.81 -12.52 -3.10
C LYS B 1 23.86 -11.34 -2.80
N LEU B 2 23.84 -10.37 -3.67
CA LEU B 2 22.93 -9.20 -3.45
C LEU B 2 21.56 -9.53 -4.06
N LEU B 3 21.59 -10.36 -5.05
CA LEU B 3 20.34 -10.78 -5.74
C LEU B 3 19.27 -11.17 -4.69
N ILE B 4 19.67 -11.43 -3.49
CA ILE B 4 18.72 -11.80 -2.41
C ILE B 4 18.36 -10.55 -1.62
N THR B 5 19.35 -9.79 -1.25
CA THR B 5 19.10 -8.54 -0.50
C THR B 5 18.30 -7.59 -1.39
N ILE B 6 18.73 -7.42 -2.61
CA ILE B 6 17.98 -6.53 -3.53
C ILE B 6 16.63 -7.16 -3.78
N HIS B 7 16.57 -8.47 -3.78
CA HIS B 7 15.24 -9.13 -4.00
C HIS B 7 14.45 -9.04 -2.70
N ASP B 8 15.12 -8.81 -1.61
CA ASP B 8 14.44 -8.69 -0.29
C ASP B 8 14.05 -7.24 -0.06
N ARG B 9 14.83 -6.34 -0.60
CA ARG B 9 14.52 -4.91 -0.43
C ARG B 9 13.12 -4.65 -1.00
N LYS B 10 12.67 -5.54 -1.84
CA LYS B 10 11.32 -5.39 -2.44
C LYS B 10 10.27 -5.61 -1.36
N GLU B 11 10.61 -6.28 -0.30
CA GLU B 11 9.62 -6.53 0.79
C GLU B 11 8.93 -5.22 1.15
N PHE B 12 9.62 -4.12 1.01
CA PHE B 12 9.01 -2.81 1.34
C PHE B 12 8.19 -2.32 0.14
N ALA B 13 8.68 -2.58 -1.03
CA ALA B 13 7.98 -2.13 -2.28
C ALA B 13 6.47 -2.32 -2.16
N LYS B 14 6.03 -3.36 -1.49
CA LYS B 14 4.56 -3.59 -1.37
C LYS B 14 3.98 -2.88 -0.14
N PHE B 15 4.73 -2.75 0.93
CA PHE B 15 4.20 -2.04 2.13
C PHE B 15 3.59 -0.72 1.66
N GLU B 16 3.96 -0.34 0.48
CA GLU B 16 3.48 0.90 -0.16
C GLU B 16 2.07 0.67 -0.71
N GLU B 17 1.79 -0.52 -1.14
CA GLU B 17 0.45 -0.80 -1.72
C GLU B 17 -0.49 -1.14 -0.57
N GLU B 18 -0.02 -1.98 0.30
CA GLU B 18 -0.82 -2.42 1.48
C GLU B 18 -1.50 -1.19 2.11
N ARG B 19 -0.87 -0.05 2.08
CA ARG B 19 -1.49 1.16 2.68
C ARG B 19 -2.82 1.43 1.99
N ALA B 20 -2.77 1.67 0.71
CA ALA B 20 -4.01 1.97 -0.05
C ALA B 20 -5.00 0.79 0.05
N ARG B 21 -4.57 -0.34 0.54
CA ARG B 21 -5.49 -1.51 0.65
C ARG B 21 -6.78 -1.07 1.37
N ALA B 22 -6.80 0.12 1.91
CA ALA B 22 -8.02 0.60 2.62
C ALA B 22 -9.26 0.39 1.73
N LYS B 23 -9.70 1.42 1.08
CA LYS B 23 -10.90 1.29 0.19
C LYS B 23 -11.09 2.58 -0.60
N TRP B 24 -10.54 3.67 -0.12
CA TRP B 24 -10.68 4.98 -0.83
C TRP B 24 -9.35 5.34 -1.50
N ASP B 25 -9.10 6.60 -1.70
CA ASP B 25 -7.84 7.02 -2.34
C ASP B 25 -7.60 8.51 -2.08
N THR B 26 -7.24 8.87 -0.88
CA THR B 26 -7.00 10.30 -0.56
C THR B 26 -8.19 11.13 -1.04
N ALA B 27 -9.37 10.83 -0.57
CA ALA B 27 -10.56 11.61 -1.00
C ALA B 27 -11.79 11.14 -0.22
N ASN B 28 -11.58 10.47 0.88
CA ASN B 28 -12.74 9.98 1.68
C ASN B 28 -13.29 11.14 2.52
N ASN B 29 -12.61 12.24 2.55
CA ASN B 29 -13.10 13.41 3.34
C ASN B 29 -14.37 13.97 2.66
N PRO B 30 -15.27 14.57 3.43
CA PRO B 30 -16.50 15.14 2.84
C PRO B 30 -16.13 16.14 1.74
N LEU B 31 -14.93 16.65 1.76
CA LEU B 31 -14.52 17.63 0.72
C LEU B 31 -14.46 16.93 -0.64
N TYR B 32 -15.12 17.46 -1.62
CA TYR B 32 -15.10 16.82 -2.97
C TYR B 32 -15.55 17.83 -4.02
N LYS B 33 -14.77 18.84 -4.26
CA LYS B 33 -15.15 19.87 -5.27
C LYS B 33 -16.54 20.39 -4.98
N GLU B 34 -17.11 20.01 -3.85
CA GLU B 34 -18.48 20.49 -3.50
C GLU B 34 -19.40 20.35 -4.72
N ALA B 35 -19.46 19.18 -5.30
CA ALA B 35 -20.33 18.99 -6.49
C ALA B 35 -20.07 20.10 -7.51
N THR B 36 -21.10 20.64 -8.08
CA THR B 36 -20.90 21.74 -9.08
C THR B 36 -20.03 22.83 -8.46
N SER B 37 -19.40 23.64 -9.28
CA SER B 37 -18.54 24.72 -8.75
C SER B 37 -19.38 25.63 -7.86
N THR B 38 -19.57 25.25 -6.62
CA THR B 38 -20.39 26.10 -5.69
C THR B 38 -19.46 27.08 -4.94
N PHE B 39 -18.18 26.85 -5.00
CA PHE B 39 -17.24 27.76 -4.28
C PHE B 39 -17.58 29.22 -4.61
N THR B 40 -18.35 29.43 -5.64
CA THR B 40 -18.73 30.83 -6.01
C THR B 40 -19.20 31.58 -4.76
N ASN B 41 -18.36 32.40 -4.19
CA ASN B 41 -18.76 33.16 -2.97
C ASN B 41 -18.15 34.56 -3.02
N ILE B 42 -16.99 34.69 -3.61
CA ILE B 42 -16.35 36.03 -3.69
C ILE B 42 -17.15 36.91 -4.66
N THR B 43 -17.66 38.01 -4.19
CA THR B 43 -18.46 38.91 -5.07
C THR B 43 -17.52 39.83 -5.86
N TYR B 44 -17.97 40.35 -6.96
CA TYR B 44 -17.10 41.26 -7.77
C TYR B 44 -16.97 42.60 -7.05
N ARG B 45 -15.81 43.19 -7.06
CA ARG B 45 -15.63 44.50 -6.38
C ARG B 45 -16.13 44.38 -4.93
N GLY B 46 -16.99 45.27 -4.51
CA GLY B 46 -17.52 45.20 -3.12
C GLY B 46 -18.13 46.54 -2.74
N THR B 47 -18.33 46.78 -1.47
CA THR B 47 -18.93 48.07 -1.04
C THR B 47 -18.78 48.22 0.48
N LYS A 1 14.48 -16.50 -10.29
CA LYS A 1 15.50 -17.55 -10.59
C LYS A 1 15.64 -18.47 -9.39
N VAL A 2 15.21 -18.04 -8.23
CA VAL A 2 15.36 -18.90 -7.03
C VAL A 2 14.42 -18.40 -5.92
N GLY A 3 14.95 -17.67 -4.97
CA GLY A 3 14.10 -17.18 -3.85
C GLY A 3 12.89 -16.44 -4.40
N PHE A 4 13.01 -15.87 -5.57
CA PHE A 4 11.84 -15.14 -6.13
C PHE A 4 10.61 -16.05 -6.11
N PHE A 5 10.61 -17.04 -6.95
CA PHE A 5 9.45 -17.97 -7.00
C PHE A 5 9.39 -18.79 -5.70
N LYS A 6 10.52 -19.06 -5.10
CA LYS A 6 10.53 -19.88 -3.84
C LYS A 6 10.26 -18.98 -2.63
N ARG A 7 9.48 -17.93 -2.78
CA ARG A 7 9.20 -17.05 -1.61
C ARG A 7 7.78 -16.50 -1.67
N ASN A 8 7.23 -16.35 -2.85
CA ASN A 8 5.83 -15.79 -2.97
C ASN A 8 4.89 -16.85 -3.57
N ARG A 9 5.43 -17.92 -4.08
CA ARG A 9 4.58 -18.97 -4.70
C ARG A 9 4.21 -20.11 -3.71
N PRO A 10 5.06 -20.43 -2.75
CA PRO A 10 4.75 -21.54 -1.81
C PRO A 10 3.42 -21.36 -1.04
N PRO A 11 3.14 -20.18 -0.51
CA PRO A 11 1.90 -19.97 0.26
C PRO A 11 0.66 -20.28 -0.59
N LEU A 12 0.41 -19.50 -1.60
CA LEU A 12 -0.78 -19.76 -2.47
C LEU A 12 -0.65 -21.14 -3.13
N GLU A 13 -0.02 -21.20 -4.26
CA GLU A 13 0.15 -22.51 -4.96
C GLU A 13 1.53 -23.08 -4.68
N GLU A 14 2.11 -23.79 -5.62
CA GLU A 14 3.46 -24.38 -5.40
C GLU A 14 4.24 -24.32 -6.72
N ASP A 15 3.56 -24.11 -7.81
CA ASP A 15 4.27 -24.04 -9.13
C ASP A 15 5.29 -22.89 -9.08
N ASP A 16 5.97 -22.66 -10.18
CA ASP A 16 6.96 -21.55 -10.20
C ASP A 16 6.25 -20.24 -10.49
N GLU A 17 6.31 -19.79 -11.70
CA GLU A 17 5.64 -18.50 -12.08
C GLU A 17 5.02 -18.66 -13.47
N GLU A 18 5.73 -19.30 -14.38
CA GLU A 18 5.18 -19.50 -15.74
C GLU A 18 3.77 -20.08 -15.65
N GLY A 19 3.38 -20.53 -14.48
CA GLY A 19 2.02 -21.13 -14.31
C GLY A 19 1.35 -20.54 -13.05
N GLU A 20 2.11 -19.87 -12.22
CA GLU A 20 1.50 -19.27 -10.99
C GLU A 20 0.64 -20.33 -10.28
N LYS B 1 23.06 -16.12 -1.04
CA LYS B 1 22.39 -15.68 -2.29
C LYS B 1 21.75 -14.31 -2.07
N LEU B 2 22.52 -13.35 -1.62
CA LEU B 2 21.94 -11.99 -1.38
C LEU B 2 21.07 -11.58 -2.57
N LEU B 3 21.31 -12.14 -3.71
CA LEU B 3 20.50 -11.80 -4.91
C LEU B 3 19.00 -11.81 -4.54
N ILE B 4 18.68 -12.40 -3.42
CA ILE B 4 17.27 -12.46 -2.94
C ILE B 4 17.04 -11.34 -1.94
N THR B 5 18.00 -11.11 -1.09
CA THR B 5 17.87 -10.03 -0.08
C THR B 5 17.74 -8.71 -0.83
N ILE B 6 18.45 -8.56 -1.91
CA ILE B 6 18.33 -7.31 -2.69
C ILE B 6 17.00 -7.36 -3.44
N HIS B 7 16.55 -8.54 -3.78
CA HIS B 7 15.24 -8.63 -4.51
C HIS B 7 14.09 -8.69 -3.49
N ASP B 8 14.38 -8.92 -2.24
CA ASP B 8 13.29 -9.00 -1.23
C ASP B 8 13.05 -7.64 -0.59
N ARG B 9 14.06 -6.84 -0.47
CA ARG B 9 13.87 -5.50 0.15
C ARG B 9 12.72 -4.78 -0.55
N LYS B 10 12.36 -5.24 -1.72
CA LYS B 10 11.25 -4.60 -2.45
C LYS B 10 9.96 -4.77 -1.64
N GLU B 11 9.94 -5.73 -0.75
CA GLU B 11 8.73 -5.95 0.08
C GLU B 11 8.53 -4.74 1.00
N PHE B 12 9.49 -4.48 1.84
CA PHE B 12 9.37 -3.32 2.77
C PHE B 12 9.25 -2.02 1.97
N ALA B 13 9.89 -1.97 0.84
CA ALA B 13 9.86 -0.76 -0.01
C ALA B 13 8.45 -0.15 -0.07
N LYS B 14 7.47 -0.90 -0.47
CA LYS B 14 6.09 -0.34 -0.57
C LYS B 14 5.39 -0.42 0.80
N PHE B 15 5.64 -1.46 1.56
CA PHE B 15 4.98 -1.57 2.90
C PHE B 15 5.13 -0.22 3.63
N GLU B 16 6.09 0.52 3.19
CA GLU B 16 6.39 1.86 3.79
C GLU B 16 5.12 2.72 3.90
N GLU B 17 4.23 2.66 2.94
CA GLU B 17 2.99 3.49 3.02
C GLU B 17 1.92 2.72 3.76
N GLU B 18 1.67 1.54 3.30
CA GLU B 18 0.64 0.66 3.91
C GLU B 18 0.72 0.70 5.44
N ARG B 19 1.89 0.77 6.00
CA ARG B 19 1.99 0.80 7.50
C ARG B 19 1.04 1.87 8.04
N ALA B 20 1.26 3.09 7.69
CA ALA B 20 0.39 4.19 8.18
C ALA B 20 -1.08 3.84 7.90
N ARG B 21 -1.37 3.33 6.74
CA ARG B 21 -2.78 2.96 6.42
C ARG B 21 -3.34 2.11 7.56
N ALA B 22 -2.57 1.19 8.06
CA ALA B 22 -3.06 0.33 9.17
C ALA B 22 -4.41 -0.27 8.81
N LYS B 23 -5.47 0.42 9.12
CA LYS B 23 -6.83 -0.11 8.80
C LYS B 23 -7.87 0.98 9.07
N TRP B 24 -8.76 0.75 10.00
CA TRP B 24 -9.80 1.78 10.30
C TRP B 24 -9.26 2.77 11.34
N ASP B 25 -8.05 2.56 11.80
CA ASP B 25 -7.46 3.48 12.81
C ASP B 25 -7.04 4.78 12.12
N THR B 26 -6.23 4.70 11.10
CA THR B 26 -5.77 5.93 10.40
C THR B 26 -6.93 6.50 9.58
N ALA B 27 -6.81 7.73 9.13
CA ALA B 27 -7.91 8.34 8.33
C ALA B 27 -7.33 9.45 7.45
N ASN B 28 -6.49 10.29 8.00
CA ASN B 28 -5.90 11.39 7.19
C ASN B 28 -7.01 12.15 6.46
N ASN B 29 -6.66 13.12 5.66
CA ASN B 29 -7.70 13.89 4.93
C ASN B 29 -8.78 14.38 5.91
N PRO B 30 -8.41 15.28 6.80
CA PRO B 30 -9.35 15.82 7.79
C PRO B 30 -10.52 16.53 7.09
N LEU B 31 -11.22 17.37 7.78
CA LEU B 31 -12.37 18.10 7.16
C LEU B 31 -11.84 19.19 6.22
N TYR B 32 -11.87 18.94 4.94
CA TYR B 32 -11.37 19.97 3.98
C TYR B 32 -11.98 19.70 2.60
N LYS B 33 -11.99 20.68 1.74
CA LYS B 33 -12.57 20.49 0.39
C LYS B 33 -12.09 21.60 -0.55
N GLU B 34 -11.47 21.25 -1.64
CA GLU B 34 -10.97 22.29 -2.59
C GLU B 34 -12.09 22.66 -3.57
N ALA B 35 -12.74 23.77 -3.34
CA ALA B 35 -13.84 24.19 -4.26
C ALA B 35 -14.13 25.67 -4.06
N THR B 36 -15.19 26.00 -3.38
CA THR B 36 -15.52 27.44 -3.15
C THR B 36 -14.28 28.17 -2.65
N SER B 37 -13.71 29.02 -3.46
CA SER B 37 -12.49 29.77 -3.03
C SER B 37 -12.28 30.98 -3.96
N THR B 38 -12.45 32.16 -3.45
CA THR B 38 -12.26 33.37 -4.31
C THR B 38 -10.83 33.39 -4.86
N PHE B 39 -9.97 34.21 -4.33
CA PHE B 39 -8.57 34.27 -4.82
C PHE B 39 -7.65 34.77 -3.70
N THR B 40 -6.44 34.30 -3.65
CA THR B 40 -5.51 34.76 -2.58
C THR B 40 -6.12 34.45 -1.20
N ASN B 41 -5.33 34.56 -0.16
CA ASN B 41 -5.87 34.26 1.20
C ASN B 41 -6.52 35.52 1.80
N ILE B 42 -6.59 36.59 1.05
CA ILE B 42 -7.22 37.82 1.59
C ILE B 42 -8.69 37.55 1.92
N THR B 43 -9.19 38.13 2.98
CA THR B 43 -10.62 37.91 3.35
C THR B 43 -11.13 39.11 4.15
N TYR B 44 -10.90 39.11 5.44
CA TYR B 44 -11.36 40.25 6.27
C TYR B 44 -10.54 41.49 5.93
N ARG B 45 -9.46 41.74 6.63
CA ARG B 45 -8.62 42.93 6.35
C ARG B 45 -7.14 42.52 6.37
N GLY B 46 -6.24 43.46 6.39
CA GLY B 46 -4.79 43.13 6.42
C GLY B 46 -3.97 44.40 6.28
N THR B 47 -2.66 44.28 6.34
CA THR B 47 -1.80 45.49 6.22
C THR B 47 -1.85 46.01 4.78
N LYS A 1 15.95 -16.44 -9.08
CA LYS A 1 16.75 -17.68 -9.27
C LYS A 1 16.96 -18.36 -7.92
N VAL A 2 16.32 -17.85 -6.91
CA VAL A 2 16.48 -18.45 -5.55
C VAL A 2 15.27 -18.03 -4.71
N GLY A 3 15.17 -16.75 -4.41
CA GLY A 3 14.04 -16.26 -3.59
C GLY A 3 12.77 -16.21 -4.45
N PHE A 4 12.91 -15.78 -5.68
CA PHE A 4 11.74 -15.70 -6.60
C PHE A 4 10.86 -16.94 -6.43
N PHE A 5 11.44 -18.11 -6.43
CA PHE A 5 10.62 -19.35 -6.26
C PHE A 5 10.20 -19.47 -4.78
N LYS A 6 10.94 -18.87 -3.89
CA LYS A 6 10.59 -18.94 -2.43
C LYS A 6 9.98 -17.60 -2.00
N ARG A 7 9.56 -16.80 -2.94
CA ARG A 7 8.96 -15.48 -2.61
C ARG A 7 7.52 -15.42 -3.12
N ASN A 8 7.09 -16.41 -3.84
CA ASN A 8 5.69 -16.37 -4.38
C ASN A 8 5.10 -17.79 -4.51
N ARG A 9 5.90 -18.82 -4.32
CA ARG A 9 5.38 -20.20 -4.45
C ARG A 9 4.72 -20.72 -3.15
N PRO A 10 5.16 -20.30 -1.97
CA PRO A 10 4.57 -20.80 -0.71
C PRO A 10 3.03 -20.54 -0.59
N PRO A 11 2.55 -19.35 -0.90
CA PRO A 11 1.12 -19.03 -0.75
C PRO A 11 0.20 -19.95 -1.59
N LEU A 12 0.71 -20.99 -2.19
CA LEU A 12 -0.18 -21.89 -2.98
C LEU A 12 0.37 -23.33 -2.94
N GLU A 13 1.13 -23.71 -3.92
CA GLU A 13 1.69 -25.10 -3.96
C GLU A 13 3.21 -25.05 -3.73
N GLU A 14 3.81 -26.18 -3.48
CA GLU A 14 5.29 -26.18 -3.25
C GLU A 14 6.01 -26.17 -4.59
N ASP A 15 5.41 -26.71 -5.62
CA ASP A 15 6.07 -26.71 -6.94
C ASP A 15 6.60 -25.31 -7.25
N ASP A 16 7.76 -25.21 -7.86
CA ASP A 16 8.32 -23.88 -8.16
C ASP A 16 7.73 -23.37 -9.47
N GLU A 17 8.51 -23.38 -10.52
CA GLU A 17 8.03 -22.89 -11.84
C GLU A 17 8.47 -23.87 -12.93
N GLU A 18 9.47 -23.51 -13.69
CA GLU A 18 9.96 -24.42 -14.78
C GLU A 18 11.12 -25.26 -14.25
N GLY A 19 10.96 -25.87 -13.11
CA GLY A 19 12.06 -26.71 -12.53
C GLY A 19 12.90 -25.85 -11.58
N GLU A 20 12.47 -24.64 -11.33
CA GLU A 20 13.25 -23.75 -10.42
C GLU A 20 13.09 -24.25 -8.97
N LYS B 1 22.44 -15.34 -4.53
CA LYS B 1 23.29 -14.12 -4.61
C LYS B 1 22.50 -12.91 -4.12
N LEU B 2 23.04 -11.74 -4.31
CA LEU B 2 22.33 -10.51 -3.85
C LEU B 2 20.92 -10.51 -4.44
N LEU B 3 20.73 -11.12 -5.57
CA LEU B 3 19.39 -11.15 -6.21
C LEU B 3 18.31 -11.51 -5.17
N ILE B 4 18.71 -12.03 -4.04
CA ILE B 4 17.72 -12.44 -2.99
C ILE B 4 17.57 -11.31 -1.95
N THR B 5 18.65 -10.76 -1.50
CA THR B 5 18.54 -9.66 -0.50
C THR B 5 17.90 -8.46 -1.18
N ILE B 6 18.22 -8.24 -2.43
CA ILE B 6 17.61 -7.10 -3.16
C ILE B 6 16.21 -7.51 -3.58
N HIS B 7 16.00 -8.76 -3.88
CA HIS B 7 14.62 -9.18 -4.28
C HIS B 7 13.75 -9.26 -3.02
N ASP B 8 14.36 -9.25 -1.87
CA ASP B 8 13.59 -9.32 -0.60
C ASP B 8 13.42 -7.92 -0.03
N ARG B 9 14.35 -7.06 -0.26
CA ARG B 9 14.23 -5.68 0.27
C ARG B 9 12.97 -5.04 -0.31
N LYS B 10 12.46 -5.60 -1.37
CA LYS B 10 11.23 -5.06 -1.98
C LYS B 10 10.05 -5.27 -1.02
N GLU B 11 10.17 -6.20 -0.11
CA GLU B 11 9.05 -6.44 0.83
C GLU B 11 8.94 -5.24 1.79
N PHE B 12 10.01 -4.89 2.45
CA PHE B 12 9.94 -3.73 3.38
C PHE B 12 9.63 -2.47 2.58
N ALA B 13 10.13 -2.40 1.39
CA ALA B 13 9.91 -1.20 0.53
C ALA B 13 8.46 -0.73 0.62
N LYS B 14 7.51 -1.62 0.51
CA LYS B 14 6.08 -1.18 0.58
C LYS B 14 5.57 -1.14 2.03
N PHE B 15 6.11 -1.95 2.92
CA PHE B 15 5.65 -1.91 4.34
C PHE B 15 5.60 -0.44 4.77
N GLU B 16 6.49 0.31 4.23
CA GLU B 16 6.60 1.75 4.54
C GLU B 16 5.21 2.42 4.45
N GLU B 17 4.30 1.85 3.71
CA GLU B 17 2.94 2.46 3.59
C GLU B 17 2.07 1.93 4.72
N GLU B 18 2.30 0.71 5.08
CA GLU B 18 1.53 0.07 6.18
C GLU B 18 1.37 1.05 7.35
N ARG B 19 2.35 1.86 7.59
CA ARG B 19 2.26 2.83 8.71
C ARG B 19 1.00 3.69 8.56
N ALA B 20 0.91 4.41 7.48
CA ALA B 20 -0.29 5.27 7.27
C ALA B 20 -1.46 4.43 6.76
N ARG B 21 -1.20 3.32 6.12
CA ARG B 21 -2.32 2.48 5.60
C ARG B 21 -2.91 1.65 6.75
N ALA B 22 -2.10 1.27 7.70
CA ALA B 22 -2.61 0.44 8.84
C ALA B 22 -3.04 1.36 9.99
N LYS B 23 -4.08 2.14 9.78
CA LYS B 23 -4.56 3.04 10.86
C LYS B 23 -5.89 3.67 10.46
N TRP B 24 -6.31 3.45 9.24
CA TRP B 24 -7.61 4.03 8.78
C TRP B 24 -8.19 3.16 7.66
N ASP B 25 -8.54 3.74 6.55
CA ASP B 25 -9.11 2.94 5.44
C ASP B 25 -9.00 3.73 4.13
N THR B 26 -9.54 3.21 3.07
CA THR B 26 -9.46 3.94 1.77
C THR B 26 -10.43 5.13 1.77
N ALA B 27 -10.58 5.77 2.91
CA ALA B 27 -11.52 6.93 2.98
C ALA B 27 -12.89 6.52 2.45
N ASN B 28 -13.87 7.40 2.58
CA ASN B 28 -15.23 7.06 2.09
C ASN B 28 -15.35 7.42 0.60
N ASN B 29 -16.26 8.29 0.26
CA ASN B 29 -16.42 8.68 -1.18
C ASN B 29 -17.00 10.11 -1.24
N PRO B 30 -16.67 10.88 -2.27
CA PRO B 30 -17.19 12.25 -2.40
C PRO B 30 -18.73 12.21 -2.41
N LEU B 31 -19.35 13.01 -1.59
CA LEU B 31 -20.84 13.03 -1.55
C LEU B 31 -21.32 14.19 -0.68
N TYR B 32 -21.55 15.34 -1.25
CA TYR B 32 -22.01 16.51 -0.45
C TYR B 32 -23.55 16.49 -0.33
N LYS B 33 -24.14 15.34 -0.51
CA LYS B 33 -25.63 15.24 -0.41
C LYS B 33 -26.30 16.22 -1.39
N GLU B 34 -27.02 15.69 -2.36
CA GLU B 34 -27.69 16.58 -3.35
C GLU B 34 -28.98 17.14 -2.76
N ALA B 35 -29.82 17.70 -3.58
CA ALA B 35 -31.11 18.28 -3.06
C ALA B 35 -32.14 18.29 -4.19
N THR B 36 -31.87 17.61 -5.27
CA THR B 36 -32.84 17.58 -6.39
C THR B 36 -33.21 19.01 -6.80
N SER B 37 -32.44 19.60 -7.68
CA SER B 37 -32.76 21.00 -8.11
C SER B 37 -32.84 21.91 -6.89
N THR B 38 -32.87 23.20 -7.10
CA THR B 38 -32.95 24.16 -5.96
C THR B 38 -31.74 23.94 -5.03
N PHE B 39 -30.88 24.91 -4.93
CA PHE B 39 -29.68 24.77 -4.05
C PHE B 39 -29.26 26.14 -3.53
N THR B 40 -30.21 27.00 -3.25
CA THR B 40 -29.87 28.35 -2.73
C THR B 40 -30.99 28.82 -1.79
N ASN B 41 -30.65 29.34 -0.64
CA ASN B 41 -31.70 29.81 0.30
C ASN B 41 -32.44 31.00 -0.33
N ILE B 42 -32.20 32.19 0.17
CA ILE B 42 -32.87 33.39 -0.39
C ILE B 42 -34.39 33.24 -0.28
N THR B 43 -34.98 32.46 -1.15
CA THR B 43 -36.46 32.27 -1.11
C THR B 43 -36.93 32.04 0.34
N TYR B 44 -37.57 33.01 0.92
CA TYR B 44 -38.05 32.86 2.32
C TYR B 44 -38.90 31.59 2.43
N ARG B 45 -38.79 30.88 3.53
CA ARG B 45 -39.59 29.64 3.70
C ARG B 45 -41.03 30.01 4.06
N GLY B 46 -41.23 31.20 4.57
CA GLY B 46 -42.61 31.61 4.95
C GLY B 46 -43.19 30.59 5.94
N THR B 47 -44.32 30.02 5.62
CA THR B 47 -44.94 29.02 6.53
C THR B 47 -43.94 27.89 6.80
N LYS A 1 13.76 -17.98 -10.18
CA LYS A 1 15.19 -18.35 -10.40
C LYS A 1 15.73 -19.04 -9.15
N VAL A 2 15.41 -18.52 -7.99
CA VAL A 2 15.93 -19.14 -6.73
C VAL A 2 15.01 -18.77 -5.57
N GLY A 3 15.35 -17.78 -4.80
CA GLY A 3 14.48 -17.40 -3.66
C GLY A 3 13.15 -16.88 -4.23
N PHE A 4 13.20 -16.27 -5.37
CA PHE A 4 11.95 -15.74 -6.00
C PHE A 4 10.86 -16.82 -5.92
N PHE A 5 10.92 -17.79 -6.80
CA PHE A 5 9.91 -18.87 -6.80
C PHE A 5 9.86 -19.51 -5.39
N LYS A 6 10.97 -19.55 -4.70
CA LYS A 6 10.98 -20.16 -3.32
C LYS A 6 10.75 -19.07 -2.27
N ARG A 7 9.82 -18.18 -2.49
CA ARG A 7 9.55 -17.12 -1.47
C ARG A 7 8.14 -16.54 -1.65
N ASN A 8 7.79 -16.15 -2.86
CA ASN A 8 6.43 -15.56 -3.10
C ASN A 8 5.49 -16.62 -3.70
N ARG A 9 6.03 -17.70 -4.18
CA ARG A 9 5.19 -18.75 -4.81
C ARG A 9 4.47 -19.67 -3.79
N PRO A 10 5.10 -19.99 -2.66
CA PRO A 10 4.47 -20.91 -1.68
C PRO A 10 3.07 -20.44 -1.19
N PRO A 11 2.91 -19.17 -0.85
CA PRO A 11 1.61 -18.69 -0.35
C PRO A 11 0.49 -18.91 -1.38
N LEU A 12 0.82 -19.10 -2.64
CA LEU A 12 -0.25 -19.34 -3.68
C LEU A 12 -0.18 -20.79 -4.15
N GLU A 13 0.69 -21.08 -5.09
CA GLU A 13 0.81 -22.47 -5.62
C GLU A 13 2.14 -23.08 -5.15
N GLU A 14 2.29 -24.36 -5.28
CA GLU A 14 3.56 -25.02 -4.85
C GLU A 14 4.53 -25.05 -6.03
N ASP A 15 4.02 -25.24 -7.22
CA ASP A 15 4.91 -25.27 -8.41
C ASP A 15 5.60 -23.92 -8.53
N ASP A 16 6.14 -23.60 -9.68
CA ASP A 16 6.83 -22.30 -9.84
C ASP A 16 5.82 -21.26 -10.35
N GLU A 17 5.95 -20.86 -11.59
CA GLU A 17 5.02 -19.86 -12.19
C GLU A 17 4.26 -20.50 -13.35
N GLU A 18 3.64 -21.63 -13.10
CA GLU A 18 2.86 -22.31 -14.17
C GLU A 18 3.69 -22.34 -15.47
N GLY A 19 4.97 -22.08 -15.40
CA GLY A 19 5.78 -22.10 -16.64
C GLY A 19 7.18 -21.55 -16.38
N GLU A 20 7.30 -20.28 -16.14
CA GLU A 20 8.64 -19.67 -15.90
C GLU A 20 9.66 -20.24 -16.89
N LYS B 1 24.55 -14.66 -3.84
CA LYS B 1 23.19 -14.52 -4.44
C LYS B 1 22.44 -13.40 -3.71
N LEU B 2 22.73 -12.17 -4.02
CA LEU B 2 22.03 -11.03 -3.35
C LEU B 2 20.71 -10.74 -4.09
N LEU B 3 20.60 -11.18 -5.31
CA LEU B 3 19.37 -10.93 -6.09
C LEU B 3 18.12 -11.26 -5.26
N ILE B 4 18.28 -11.96 -4.17
CA ILE B 4 17.13 -12.30 -3.29
C ILE B 4 17.09 -11.29 -2.16
N THR B 5 18.24 -10.98 -1.63
CA THR B 5 18.33 -9.99 -0.55
C THR B 5 17.72 -8.69 -1.06
N ILE B 6 18.00 -8.35 -2.30
CA ILE B 6 17.41 -7.12 -2.87
C ILE B 6 15.97 -7.41 -3.25
N HIS B 7 15.66 -8.63 -3.60
CA HIS B 7 14.24 -8.93 -3.94
C HIS B 7 13.43 -8.91 -2.65
N ASP B 8 14.08 -9.22 -1.57
CA ASP B 8 13.38 -9.23 -0.25
C ASP B 8 13.22 -7.80 0.24
N ARG B 9 14.14 -6.96 -0.12
CA ARG B 9 14.06 -5.54 0.30
C ARG B 9 12.93 -4.90 -0.51
N LYS B 10 12.60 -5.50 -1.61
CA LYS B 10 11.51 -4.97 -2.46
C LYS B 10 10.18 -5.27 -1.78
N GLU B 11 10.16 -6.24 -0.89
CA GLU B 11 8.90 -6.57 -0.20
C GLU B 11 8.33 -5.30 0.45
N PHE B 12 9.19 -4.48 0.96
CA PHE B 12 8.75 -3.22 1.62
C PHE B 12 8.15 -2.30 0.54
N ALA B 13 8.47 -2.54 -0.70
CA ALA B 13 7.94 -1.67 -1.79
C ALA B 13 6.42 -1.49 -1.68
N LYS B 14 5.65 -2.54 -1.86
CA LYS B 14 4.16 -2.39 -1.79
C LYS B 14 3.66 -2.54 -0.35
N PHE B 15 4.34 -3.30 0.46
CA PHE B 15 3.90 -3.47 1.88
C PHE B 15 3.58 -2.09 2.45
N GLU B 16 4.25 -1.11 1.93
CA GLU B 16 4.05 0.28 2.37
C GLU B 16 2.55 0.60 2.47
N GLU B 17 1.72 -0.13 1.77
CA GLU B 17 0.24 0.14 1.84
C GLU B 17 -0.33 -0.67 3.00
N GLU B 18 0.34 -1.72 3.34
CA GLU B 18 -0.11 -2.60 4.44
C GLU B 18 0.29 -1.99 5.79
N ARG B 19 1.28 -1.14 5.81
CA ARG B 19 1.71 -0.52 7.10
C ARG B 19 0.53 0.20 7.74
N ALA B 20 0.02 1.19 7.06
CA ALA B 20 -1.14 1.95 7.62
C ALA B 20 -2.30 0.99 7.89
N ARG B 21 -2.46 0.01 7.06
CA ARG B 21 -3.59 -0.96 7.25
C ARG B 21 -3.17 -2.01 8.28
N ALA B 22 -1.92 -2.02 8.67
CA ALA B 22 -1.46 -3.02 9.67
C ALA B 22 -2.19 -2.80 11.00
N LYS B 23 -2.82 -1.67 11.16
CA LYS B 23 -3.54 -1.40 12.43
C LYS B 23 -4.25 -0.05 12.33
N TRP B 24 -4.90 0.37 13.39
CA TRP B 24 -5.62 1.68 13.35
C TRP B 24 -4.65 2.78 12.94
N ASP B 25 -5.15 3.96 12.70
CA ASP B 25 -4.25 5.09 12.29
C ASP B 25 -3.26 5.39 13.42
N THR B 26 -3.48 6.44 14.16
CA THR B 26 -2.55 6.79 15.26
C THR B 26 -3.25 7.77 16.21
N ALA B 27 -4.55 7.81 16.19
CA ALA B 27 -5.29 8.73 17.10
C ALA B 27 -6.76 8.32 17.15
N ASN B 28 -7.45 8.69 18.19
CA ASN B 28 -8.89 8.32 18.30
C ASN B 28 -9.66 8.97 17.14
N ASN B 29 -10.63 9.79 17.44
CA ASN B 29 -11.41 10.45 16.35
C ASN B 29 -12.13 11.70 16.91
N PRO B 30 -11.36 12.70 17.28
CA PRO B 30 -11.94 13.94 17.83
C PRO B 30 -12.83 14.61 16.76
N LEU B 31 -14.06 14.19 16.66
CA LEU B 31 -14.98 14.79 15.65
C LEU B 31 -15.57 16.09 16.20
N TYR B 32 -15.06 16.57 17.30
CA TYR B 32 -15.60 17.83 17.88
C TYR B 32 -14.90 19.03 17.22
N LYS B 33 -13.67 19.29 17.58
CA LYS B 33 -12.94 20.43 16.98
C LYS B 33 -12.88 20.24 15.46
N GLU B 34 -13.79 20.84 14.74
CA GLU B 34 -13.78 20.69 13.25
C GLU B 34 -14.82 21.64 12.65
N ALA B 35 -14.43 22.40 11.66
CA ALA B 35 -15.40 23.35 11.03
C ALA B 35 -14.85 23.84 9.68
N THR B 36 -15.17 25.05 9.31
CA THR B 36 -14.68 25.58 8.01
C THR B 36 -13.15 25.54 7.98
N SER B 37 -12.57 25.25 6.84
CA SER B 37 -11.08 25.20 6.75
C SER B 37 -10.53 26.62 6.59
N THR B 38 -11.18 27.59 7.17
CA THR B 38 -10.69 29.00 7.06
C THR B 38 -11.14 29.78 8.29
N PHE B 39 -11.97 29.18 9.10
CA PHE B 39 -12.45 29.89 10.33
C PHE B 39 -13.38 31.05 9.92
N THR B 40 -13.80 31.08 8.68
CA THR B 40 -14.70 32.17 8.23
C THR B 40 -14.05 33.52 8.52
N ASN B 41 -14.78 34.44 9.10
CA ASN B 41 -14.22 35.78 9.42
C ASN B 41 -14.76 36.25 10.77
N ILE B 42 -14.16 35.80 11.84
CA ILE B 42 -14.64 36.20 13.19
C ILE B 42 -14.11 37.60 13.52
N THR B 43 -13.28 38.15 12.67
CA THR B 43 -12.74 39.52 12.93
C THR B 43 -13.88 40.50 13.14
N TYR B 44 -14.75 40.63 12.17
CA TYR B 44 -15.89 41.57 12.31
C TYR B 44 -16.84 41.07 13.40
N ARG B 45 -17.92 41.77 13.63
CA ARG B 45 -18.87 41.33 14.68
C ARG B 45 -20.22 42.02 14.46
N GLY B 46 -20.72 42.74 15.43
CA GLY B 46 -22.03 43.44 15.25
C GLY B 46 -23.15 42.40 15.24
N THR B 47 -23.50 41.90 14.09
CA THR B 47 -24.59 40.88 14.02
C THR B 47 -24.07 39.54 14.54
N LYS A 1 11.64 -15.13 -9.79
CA LYS A 1 12.93 -15.86 -9.96
C LYS A 1 13.40 -16.41 -8.61
N VAL A 2 13.95 -17.60 -8.63
CA VAL A 2 14.48 -18.27 -7.40
C VAL A 2 13.74 -17.84 -6.12
N GLY A 3 14.46 -17.31 -5.16
CA GLY A 3 13.85 -16.91 -3.87
C GLY A 3 12.57 -16.09 -4.09
N PHE A 4 12.49 -15.37 -5.17
CA PHE A 4 11.26 -14.55 -5.39
C PHE A 4 10.04 -15.47 -5.29
N PHE A 5 10.05 -16.53 -6.05
CA PHE A 5 8.91 -17.48 -6.05
C PHE A 5 9.04 -18.48 -4.88
N LYS A 6 10.24 -18.89 -4.58
CA LYS A 6 10.43 -19.87 -3.48
C LYS A 6 10.36 -19.17 -2.12
N ARG A 7 9.64 -18.08 -2.02
CA ARG A 7 9.56 -17.37 -0.71
C ARG A 7 8.22 -16.64 -0.55
N ASN A 8 7.51 -16.37 -1.62
CA ASN A 8 6.22 -15.63 -1.49
C ASN A 8 5.10 -16.31 -2.29
N ARG A 9 5.42 -17.25 -3.15
CA ARG A 9 4.37 -17.94 -3.96
C ARG A 9 4.24 -19.48 -3.70
N PRO A 10 4.92 -20.07 -2.74
CA PRO A 10 4.78 -21.52 -2.51
C PRO A 10 3.29 -21.95 -2.30
N PRO A 11 2.54 -21.22 -1.49
CA PRO A 11 1.13 -21.60 -1.21
C PRO A 11 0.28 -21.69 -2.49
N LEU A 12 0.57 -20.94 -3.53
CA LEU A 12 -0.27 -21.01 -4.78
C LEU A 12 0.43 -21.86 -5.83
N GLU A 13 1.59 -21.45 -6.27
CA GLU A 13 2.31 -22.25 -7.30
C GLU A 13 3.82 -22.06 -7.14
N GLU A 14 4.58 -23.10 -7.36
CA GLU A 14 6.06 -23.01 -7.23
C GLU A 14 6.65 -22.48 -8.54
N ASP A 15 5.82 -22.17 -9.50
CA ASP A 15 6.33 -21.66 -10.80
C ASP A 15 7.27 -20.48 -10.54
N ASP A 16 7.76 -19.85 -11.58
CA ASP A 16 8.66 -18.70 -11.41
C ASP A 16 7.87 -17.50 -10.92
N GLU A 17 7.48 -16.65 -11.82
CA GLU A 17 6.70 -15.43 -11.44
C GLU A 17 5.59 -15.21 -12.46
N GLU A 18 5.27 -16.21 -13.23
CA GLU A 18 4.18 -16.08 -14.25
C GLU A 18 4.33 -14.75 -14.99
N GLY A 19 5.52 -14.21 -15.02
CA GLY A 19 5.74 -12.91 -15.72
C GLY A 19 5.54 -11.76 -14.73
N GLU A 20 6.06 -11.90 -13.53
CA GLU A 20 5.90 -10.83 -12.50
C GLU A 20 7.18 -10.72 -11.67
N LYS B 1 23.97 -15.59 -3.60
CA LYS B 1 22.64 -15.30 -4.22
C LYS B 1 22.10 -13.99 -3.64
N LEU B 2 22.91 -12.98 -3.61
CA LEU B 2 22.44 -11.66 -3.06
C LEU B 2 21.21 -11.17 -3.84
N LEU B 3 21.03 -11.68 -5.02
CA LEU B 3 19.88 -11.27 -5.87
C LEU B 3 18.55 -11.39 -5.11
N ILE B 4 18.55 -12.10 -4.01
CA ILE B 4 17.30 -12.29 -3.21
C ILE B 4 17.29 -11.27 -2.09
N THR B 5 18.39 -11.14 -1.41
CA THR B 5 18.47 -10.16 -0.30
C THR B 5 18.15 -8.77 -0.87
N ILE B 6 18.59 -8.50 -2.07
CA ILE B 6 18.28 -7.18 -2.69
C ILE B 6 16.86 -7.22 -3.19
N HIS B 7 16.41 -8.34 -3.68
CA HIS B 7 15.00 -8.38 -4.19
C HIS B 7 14.05 -8.55 -3.01
N ASP B 8 14.57 -8.92 -1.87
CA ASP B 8 13.71 -9.11 -0.67
C ASP B 8 13.36 -7.75 -0.09
N ARG B 9 14.23 -6.80 -0.23
CA ARG B 9 13.95 -5.45 0.31
C ARG B 9 12.96 -4.78 -0.63
N LYS B 10 12.98 -5.16 -1.87
CA LYS B 10 12.05 -4.58 -2.85
C LYS B 10 10.65 -5.13 -2.58
N GLU B 11 10.57 -6.24 -1.89
CA GLU B 11 9.24 -6.83 -1.60
C GLU B 11 8.41 -5.82 -0.79
N PHE B 12 9.06 -5.07 0.05
CA PHE B 12 8.34 -4.07 0.87
C PHE B 12 7.95 -2.87 -0.01
N ALA B 13 8.62 -2.73 -1.12
CA ALA B 13 8.34 -1.59 -2.03
C ALA B 13 6.84 -1.44 -2.30
N LYS B 14 6.23 -2.40 -2.95
CA LYS B 14 4.77 -2.29 -3.28
C LYS B 14 3.89 -2.75 -2.11
N PHE B 15 4.36 -3.67 -1.30
CA PHE B 15 3.53 -4.14 -0.15
C PHE B 15 2.98 -2.89 0.57
N GLU B 16 3.62 -1.79 0.34
CA GLU B 16 3.20 -0.51 0.96
C GLU B 16 1.76 -0.16 0.54
N GLU B 17 1.28 -0.71 -0.54
CA GLU B 17 -0.11 -0.39 -0.99
C GLU B 17 -1.04 -1.37 -0.29
N GLU B 18 -0.67 -2.61 -0.32
CA GLU B 18 -1.48 -3.67 0.32
C GLU B 18 -1.98 -3.20 1.69
N ARG B 19 -1.14 -2.60 2.47
CA ARG B 19 -1.59 -2.11 3.80
C ARG B 19 -2.84 -1.25 3.62
N ALA B 20 -2.70 -0.19 2.89
CA ALA B 20 -3.86 0.72 2.64
C ALA B 20 -5.07 -0.10 2.18
N ARG B 21 -4.87 -1.09 1.35
CA ARG B 21 -6.03 -1.89 0.86
C ARG B 21 -6.78 -2.49 2.07
N ALA B 22 -6.07 -3.05 3.00
CA ALA B 22 -6.74 -3.65 4.19
C ALA B 22 -7.94 -4.50 3.74
N LYS B 23 -8.95 -4.59 4.55
CA LYS B 23 -10.15 -5.39 4.17
C LYS B 23 -11.26 -5.16 5.21
N TRP B 24 -11.17 -4.10 5.95
CA TRP B 24 -12.22 -3.81 6.97
C TRP B 24 -11.83 -2.54 7.74
N ASP B 25 -12.75 -1.95 8.45
CA ASP B 25 -12.43 -0.70 9.21
C ASP B 25 -13.40 -0.56 10.38
N THR B 26 -12.94 -0.01 11.48
CA THR B 26 -13.83 0.16 12.66
C THR B 26 -14.57 1.50 12.55
N ALA B 27 -15.64 1.55 11.80
CA ALA B 27 -16.41 2.82 11.64
C ALA B 27 -15.48 3.95 11.21
N ASN B 28 -14.80 4.57 12.14
CA ASN B 28 -13.88 5.69 11.78
C ASN B 28 -14.64 6.72 10.94
N ASN B 29 -14.50 6.66 9.63
CA ASN B 29 -15.22 7.63 8.77
C ASN B 29 -15.36 7.03 7.35
N PRO B 30 -16.44 7.34 6.64
CA PRO B 30 -16.62 6.82 5.27
C PRO B 30 -15.53 7.37 4.35
N LEU B 31 -15.11 6.61 3.38
CA LEU B 31 -14.06 7.10 2.44
C LEU B 31 -14.72 7.97 1.38
N TYR B 32 -15.22 9.12 1.76
CA TYR B 32 -15.89 10.00 0.76
C TYR B 32 -14.92 10.32 -0.38
N LYS B 33 -15.21 11.32 -1.17
CA LYS B 33 -14.32 11.68 -2.30
C LYS B 33 -14.49 13.17 -2.64
N GLU B 34 -13.84 14.03 -1.92
CA GLU B 34 -13.95 15.49 -2.21
C GLU B 34 -15.43 15.91 -2.14
N ALA B 35 -15.81 16.60 -1.11
CA ALA B 35 -17.23 17.04 -0.99
C ALA B 35 -18.16 15.83 -1.19
N THR B 36 -19.44 16.03 -1.20
CA THR B 36 -20.38 14.90 -1.39
C THR B 36 -21.72 15.43 -1.92
N SER B 37 -22.38 14.65 -2.73
CA SER B 37 -23.69 15.10 -3.30
C SER B 37 -24.60 15.54 -2.15
N THR B 38 -24.71 14.74 -1.12
CA THR B 38 -25.59 15.11 0.02
C THR B 38 -25.21 16.51 0.52
N PHE B 39 -26.05 17.12 1.31
CA PHE B 39 -25.75 18.49 1.83
C PHE B 39 -26.38 18.64 3.22
N THR B 40 -26.28 19.81 3.80
CA THR B 40 -26.86 20.03 5.15
C THR B 40 -27.03 21.53 5.39
N ASN B 41 -27.81 21.90 6.38
CA ASN B 41 -28.02 23.35 6.67
C ASN B 41 -28.24 23.53 8.17
N ILE B 42 -29.02 22.69 8.78
CA ILE B 42 -29.27 22.82 10.24
C ILE B 42 -28.04 22.32 11.01
N THR B 43 -27.23 23.23 11.50
CA THR B 43 -26.01 22.82 12.25
C THR B 43 -25.48 24.03 13.02
N TYR B 44 -24.63 24.81 12.40
CA TYR B 44 -24.09 26.01 13.10
C TYR B 44 -25.10 27.15 12.99
N ARG B 45 -25.43 27.54 11.78
CA ARG B 45 -26.43 28.64 11.58
C ARG B 45 -27.82 28.03 11.44
N GLY B 46 -28.84 28.79 11.69
CA GLY B 46 -30.23 28.24 11.56
C GLY B 46 -31.24 29.28 12.06
N THR B 47 -32.25 29.56 11.29
CA THR B 47 -33.27 30.56 11.72
C THR B 47 -32.57 31.81 12.25
N LYS A 1 15.55 -17.45 -8.29
CA LYS A 1 16.09 -18.65 -7.60
C LYS A 1 15.98 -18.49 -6.09
N VAL A 2 16.40 -19.49 -5.38
CA VAL A 2 16.37 -19.46 -3.88
C VAL A 2 15.13 -18.73 -3.34
N GLY A 3 15.30 -17.63 -2.67
CA GLY A 3 14.15 -16.91 -2.07
C GLY A 3 13.08 -16.59 -3.12
N PHE A 4 13.45 -16.48 -4.36
CA PHE A 4 12.42 -16.14 -5.40
C PHE A 4 11.30 -17.16 -5.33
N PHE A 5 11.60 -18.42 -5.52
CA PHE A 5 10.53 -19.46 -5.47
C PHE A 5 9.82 -19.37 -4.12
N LYS A 6 10.48 -18.88 -3.11
CA LYS A 6 9.83 -18.77 -1.76
C LYS A 6 9.33 -17.35 -1.55
N ARG A 7 9.03 -16.63 -2.62
CA ARG A 7 8.54 -15.22 -2.48
C ARG A 7 7.25 -15.03 -3.29
N ASN A 8 6.86 -16.00 -4.08
CA ASN A 8 5.60 -15.82 -4.89
C ASN A 8 4.89 -17.17 -5.08
N ARG A 9 5.55 -18.27 -4.80
CA ARG A 9 4.90 -19.61 -4.98
C ARG A 9 4.35 -20.21 -3.65
N PRO A 10 4.74 -19.72 -2.47
CA PRO A 10 4.22 -20.32 -1.24
C PRO A 10 2.66 -20.30 -1.18
N PRO A 11 2.02 -19.21 -1.54
CA PRO A 11 0.55 -19.14 -1.49
C PRO A 11 -0.10 -20.17 -2.44
N LEU A 12 0.63 -20.74 -3.37
CA LEU A 12 0.03 -21.75 -4.32
C LEU A 12 0.76 -23.09 -4.14
N GLU A 13 1.77 -23.34 -4.95
CA GLU A 13 2.52 -24.63 -4.84
C GLU A 13 3.90 -24.36 -4.25
N GLU A 14 4.35 -25.19 -3.34
CA GLU A 14 5.69 -24.98 -2.72
C GLU A 14 6.76 -25.66 -3.58
N ASP A 15 6.49 -25.90 -4.83
CA ASP A 15 7.48 -26.56 -5.72
C ASP A 15 8.69 -25.64 -5.91
N ASP A 16 9.60 -26.00 -6.78
CA ASP A 16 10.79 -25.15 -7.01
C ASP A 16 10.46 -24.10 -8.07
N GLU A 17 10.92 -24.31 -9.27
CA GLU A 17 10.66 -23.32 -10.36
C GLU A 17 10.54 -24.07 -11.69
N GLU A 18 11.27 -25.13 -11.85
CA GLU A 18 11.20 -25.89 -13.13
C GLU A 18 9.74 -26.23 -13.42
N GLY A 19 8.93 -26.27 -12.41
CA GLY A 19 7.48 -26.58 -12.62
C GLY A 19 6.77 -25.30 -13.05
N GLU A 20 7.46 -24.19 -12.99
CA GLU A 20 6.85 -22.90 -13.40
C GLU A 20 7.96 -21.94 -13.85
N LYS B 1 25.27 -13.99 -5.15
CA LYS B 1 23.85 -14.18 -4.73
C LYS B 1 23.25 -12.83 -4.32
N LEU B 2 23.34 -11.85 -5.18
CA LEU B 2 22.78 -10.51 -4.85
C LEU B 2 21.29 -10.45 -5.21
N LEU B 3 20.87 -11.27 -6.14
CA LEU B 3 19.44 -11.28 -6.57
C LEU B 3 18.49 -11.26 -5.36
N ILE B 4 18.98 -11.55 -4.20
CA ILE B 4 18.13 -11.56 -2.98
C ILE B 4 18.28 -10.22 -2.29
N THR B 5 19.47 -9.73 -2.25
CA THR B 5 19.71 -8.42 -1.61
C THR B 5 18.83 -7.39 -2.32
N ILE B 6 18.64 -7.56 -3.61
CA ILE B 6 17.78 -6.62 -4.38
C ILE B 6 16.34 -7.13 -4.32
N HIS B 7 16.14 -8.42 -4.28
CA HIS B 7 14.72 -8.94 -4.26
C HIS B 7 14.20 -9.03 -2.82
N ASP B 8 15.05 -8.93 -1.86
CA ASP B 8 14.58 -9.04 -0.45
C ASP B 8 13.90 -7.74 -0.02
N ARG B 9 14.31 -6.64 -0.57
CA ARG B 9 13.68 -5.35 -0.20
C ARG B 9 12.19 -5.43 -0.53
N LYS B 10 11.82 -6.39 -1.32
CA LYS B 10 10.39 -6.54 -1.69
C LYS B 10 9.65 -7.20 -0.52
N GLU B 11 10.36 -7.85 0.37
CA GLU B 11 9.69 -8.52 1.50
C GLU B 11 8.78 -7.52 2.23
N PHE B 12 9.23 -6.30 2.35
CA PHE B 12 8.41 -5.27 3.06
C PHE B 12 7.31 -4.75 2.12
N ALA B 13 7.52 -4.87 0.84
CA ALA B 13 6.52 -4.36 -0.14
C ALA B 13 5.10 -4.67 0.33
N LYS B 14 4.84 -5.88 0.74
CA LYS B 14 3.45 -6.25 1.18
C LYS B 14 3.28 -6.03 2.69
N PHE B 15 4.34 -6.00 3.46
CA PHE B 15 4.20 -5.76 4.92
C PHE B 15 3.25 -4.58 5.12
N GLU B 16 3.24 -3.75 4.14
CA GLU B 16 2.40 -2.53 4.12
C GLU B 16 0.93 -2.92 4.03
N GLU B 17 0.66 -4.07 3.47
CA GLU B 17 -0.76 -4.49 3.33
C GLU B 17 -1.17 -5.20 4.61
N GLU B 18 -0.19 -5.73 5.28
CA GLU B 18 -0.43 -6.47 6.55
C GLU B 18 -1.38 -5.67 7.45
N ARG B 19 -1.25 -4.37 7.48
CA ARG B 19 -2.14 -3.56 8.34
C ARG B 19 -3.58 -3.73 7.86
N ALA B 20 -3.83 -3.35 6.65
CA ALA B 20 -5.20 -3.49 6.09
C ALA B 20 -5.55 -4.96 5.92
N ARG B 21 -4.58 -5.83 5.97
CA ARG B 21 -4.87 -7.29 5.81
C ARG B 21 -5.72 -7.77 6.98
N ALA B 22 -5.66 -7.09 8.10
CA ALA B 22 -6.47 -7.51 9.27
C ALA B 22 -7.96 -7.24 9.01
N LYS B 23 -8.62 -6.61 9.93
CA LYS B 23 -10.07 -6.33 9.73
C LYS B 23 -10.28 -5.59 8.41
N TRP B 24 -11.47 -5.13 8.14
CA TRP B 24 -11.75 -4.42 6.85
C TRP B 24 -10.63 -3.40 6.59
N ASP B 25 -10.53 -2.39 7.40
CA ASP B 25 -9.45 -1.37 7.20
C ASP B 25 -9.31 -0.54 8.47
N THR B 26 -8.39 0.39 8.48
CA THR B 26 -8.20 1.24 9.68
C THR B 26 -9.48 2.02 9.97
N ALA B 27 -10.08 1.80 11.12
CA ALA B 27 -11.33 2.53 11.44
C ALA B 27 -11.68 2.31 12.91
N ASN B 28 -10.86 1.59 13.63
CA ASN B 28 -11.15 1.34 15.07
C ASN B 28 -12.51 0.64 15.19
N ASN B 29 -12.87 0.20 16.36
CA ASN B 29 -14.19 -0.49 16.51
C ASN B 29 -15.35 0.54 16.51
N PRO B 30 -15.29 1.55 17.37
CA PRO B 30 -16.36 2.57 17.40
C PRO B 30 -16.45 3.27 16.03
N LEU B 31 -17.34 4.23 15.90
CA LEU B 31 -17.47 4.94 14.59
C LEU B 31 -16.43 6.06 14.52
N TYR B 32 -15.97 6.37 13.35
CA TYR B 32 -14.95 7.46 13.19
C TYR B 32 -15.04 8.02 11.77
N LYS B 33 -16.00 7.57 10.99
CA LYS B 33 -16.14 8.09 9.60
C LYS B 33 -16.08 9.61 9.61
N GLU B 34 -16.31 10.21 10.75
CA GLU B 34 -16.27 11.70 10.83
C GLU B 34 -14.92 12.20 10.33
N ALA B 35 -14.92 13.19 9.48
CA ALA B 35 -13.63 13.73 8.95
C ALA B 35 -13.82 15.19 8.57
N THR B 36 -15.02 15.58 8.25
CA THR B 36 -15.29 17.00 7.88
C THR B 36 -15.31 17.86 9.14
N SER B 37 -14.44 17.59 10.06
CA SER B 37 -14.40 18.40 11.32
C SER B 37 -13.79 19.77 11.03
N THR B 38 -12.49 19.84 10.91
CA THR B 38 -11.84 21.15 10.63
C THR B 38 -12.29 22.18 11.67
N PHE B 39 -12.03 21.91 12.93
CA PHE B 39 -12.45 22.88 13.99
C PHE B 39 -11.46 24.05 14.03
N THR B 40 -11.80 25.14 13.40
CA THR B 40 -10.90 26.32 13.41
C THR B 40 -10.96 27.00 14.78
N ASN B 41 -10.94 28.30 14.80
CA ASN B 41 -11.00 29.04 16.11
C ASN B 41 -11.69 30.39 15.90
N ILE B 42 -11.01 31.47 16.17
CA ILE B 42 -11.64 32.81 15.99
C ILE B 42 -13.00 32.83 16.68
N THR B 43 -13.01 33.08 17.97
CA THR B 43 -14.31 33.11 18.70
C THR B 43 -14.11 33.80 20.05
N TYR B 44 -12.89 33.95 20.48
CA TYR B 44 -12.63 34.61 21.79
C TYR B 44 -13.51 33.97 22.86
N ARG B 45 -13.23 32.74 23.22
CA ARG B 45 -14.05 32.07 24.27
C ARG B 45 -13.26 30.89 24.84
N GLY B 46 -13.15 29.82 24.11
CA GLY B 46 -12.39 28.64 24.61
C GLY B 46 -10.90 28.83 24.36
N THR B 47 -10.08 28.54 25.33
CA THR B 47 -8.60 28.71 25.14
C THR B 47 -8.10 27.71 24.11
N LYS A 1 13.60 -15.96 -10.05
CA LYS A 1 15.07 -16.03 -10.20
C LYS A 1 15.68 -16.77 -9.02
N VAL A 2 15.12 -16.61 -7.85
CA VAL A 2 15.66 -17.31 -6.66
C VAL A 2 14.59 -17.32 -5.56
N GLY A 3 14.74 -16.47 -4.57
CA GLY A 3 13.72 -16.45 -3.49
C GLY A 3 12.35 -16.14 -4.10
N PHE A 4 12.33 -15.38 -5.17
CA PHE A 4 11.04 -15.04 -5.84
C PHE A 4 10.12 -16.26 -5.86
N PHE A 5 10.59 -17.36 -6.40
CA PHE A 5 9.74 -18.56 -6.44
C PHE A 5 9.51 -19.07 -5.01
N LYS A 6 10.48 -18.91 -4.15
CA LYS A 6 10.33 -19.38 -2.74
C LYS A 6 9.85 -18.21 -1.86
N ARG A 7 8.90 -17.45 -2.33
CA ARG A 7 8.39 -16.30 -1.51
C ARG A 7 6.92 -16.03 -1.82
N ASN A 8 6.41 -16.49 -2.94
CA ASN A 8 4.98 -16.24 -3.27
C ASN A 8 4.35 -17.49 -3.91
N ARG A 9 5.14 -18.46 -4.31
CA ARG A 9 4.59 -19.67 -4.95
C ARG A 9 4.16 -20.76 -3.92
N PRO A 10 4.82 -20.86 -2.76
CA PRO A 10 4.46 -21.91 -1.79
C PRO A 10 2.96 -21.85 -1.37
N PRO A 11 2.43 -20.67 -1.07
CA PRO A 11 1.02 -20.57 -0.66
C PRO A 11 0.09 -20.93 -1.82
N LEU A 12 0.61 -21.56 -2.85
CA LEU A 12 -0.24 -21.94 -4.01
C LEU A 12 0.59 -22.74 -4.99
N GLU A 13 0.41 -24.03 -5.00
CA GLU A 13 1.18 -24.90 -5.92
C GLU A 13 2.66 -24.79 -5.58
N GLU A 14 3.27 -25.88 -5.22
CA GLU A 14 4.72 -25.83 -4.86
C GLU A 14 5.56 -25.68 -6.13
N ASP A 15 4.93 -25.67 -7.27
CA ASP A 15 5.70 -25.52 -8.54
C ASP A 15 6.56 -24.26 -8.47
N ASP A 16 7.27 -23.95 -9.51
CA ASP A 16 8.12 -22.75 -9.50
C ASP A 16 7.29 -21.53 -9.91
N GLU A 17 7.50 -21.05 -11.10
CA GLU A 17 6.73 -19.87 -11.59
C GLU A 17 6.24 -20.13 -13.01
N GLU A 18 6.03 -21.38 -13.35
CA GLU A 18 5.56 -21.71 -14.72
C GLU A 18 6.36 -20.93 -15.76
N GLY A 19 7.55 -20.50 -15.41
CA GLY A 19 8.40 -19.73 -16.37
C GLY A 19 8.14 -18.24 -16.20
N GLU A 20 7.49 -17.85 -15.14
CA GLU A 20 7.20 -16.40 -14.91
C GLU A 20 8.23 -15.82 -13.93
N LYS B 1 25.00 -14.04 -2.24
CA LYS B 1 24.75 -13.10 -3.37
C LYS B 1 23.86 -11.95 -2.90
N LEU B 2 23.89 -10.84 -3.59
CA LEU B 2 23.03 -9.68 -3.19
C LEU B 2 21.67 -9.86 -3.85
N LEU B 3 21.68 -10.56 -4.94
CA LEU B 3 20.45 -10.85 -5.72
C LEU B 3 19.31 -11.26 -4.76
N ILE B 4 19.65 -11.59 -3.56
CA ILE B 4 18.63 -12.00 -2.54
C ILE B 4 18.26 -10.77 -1.74
N THR B 5 19.25 -10.02 -1.38
CA THR B 5 19.02 -8.77 -0.61
C THR B 5 18.21 -7.81 -1.48
N ILE B 6 18.68 -7.54 -2.67
CA ILE B 6 17.90 -6.64 -3.57
C ILE B 6 16.55 -7.29 -3.80
N HIS B 7 16.49 -8.59 -3.78
CA HIS B 7 15.18 -9.25 -4.00
C HIS B 7 14.36 -9.17 -2.71
N ASP B 8 15.02 -9.10 -1.59
CA ASP B 8 14.28 -9.00 -0.29
C ASP B 8 13.93 -7.54 -0.01
N ARG B 9 14.75 -6.64 -0.46
CA ARG B 9 14.48 -5.20 -0.24
C ARG B 9 13.14 -4.87 -0.89
N LYS B 10 12.75 -5.65 -1.85
CA LYS B 10 11.46 -5.41 -2.53
C LYS B 10 10.31 -5.67 -1.56
N GLU B 11 10.57 -6.40 -0.50
CA GLU B 11 9.50 -6.68 0.49
C GLU B 11 8.80 -5.38 0.86
N PHE B 12 9.55 -4.34 1.04
CA PHE B 12 8.94 -3.02 1.40
C PHE B 12 8.18 -2.48 0.18
N ALA B 13 8.54 -2.93 -0.98
CA ALA B 13 7.88 -2.43 -2.22
C ALA B 13 6.35 -2.36 -2.04
N LYS B 14 5.69 -3.48 -1.86
CA LYS B 14 4.20 -3.46 -1.73
C LYS B 14 3.79 -3.20 -0.27
N PHE B 15 4.59 -3.58 0.68
CA PHE B 15 4.22 -3.35 2.12
C PHE B 15 3.71 -1.90 2.26
N GLU B 16 4.05 -1.09 1.32
CA GLU B 16 3.65 0.33 1.33
C GLU B 16 2.12 0.49 1.26
N GLU B 17 1.42 -0.46 0.67
CA GLU B 17 -0.06 -0.33 0.58
C GLU B 17 -0.68 -0.93 1.83
N GLU B 18 -0.03 -1.92 2.35
CA GLU B 18 -0.50 -2.62 3.56
C GLU B 18 -1.00 -1.62 4.62
N ARG B 19 -0.37 -0.48 4.75
CA ARG B 19 -0.83 0.50 5.77
C ARG B 19 -2.33 0.76 5.57
N ALA B 20 -2.69 1.27 4.44
CA ALA B 20 -4.12 1.56 4.17
C ALA B 20 -4.97 0.33 4.50
N ARG B 21 -4.44 -0.85 4.31
CA ARG B 21 -5.22 -2.08 4.62
C ARG B 21 -5.30 -2.26 6.13
N ALA B 22 -4.60 -1.46 6.88
CA ALA B 22 -4.64 -1.59 8.36
C ALA B 22 -6.08 -1.42 8.86
N LYS B 23 -6.29 -1.53 10.13
CA LYS B 23 -7.67 -1.36 10.68
C LYS B 23 -8.17 0.05 10.38
N TRP B 24 -8.68 0.74 11.37
CA TRP B 24 -9.20 2.12 11.13
C TRP B 24 -9.11 2.93 12.44
N ASP B 25 -9.92 3.95 12.57
CA ASP B 25 -9.90 4.77 13.81
C ASP B 25 -8.47 5.28 14.06
N THR B 26 -8.05 6.26 13.30
CA THR B 26 -6.67 6.80 13.50
C THR B 26 -6.48 8.06 12.65
N ALA B 27 -6.85 7.99 11.39
CA ALA B 27 -6.68 9.18 10.50
C ALA B 27 -7.99 9.97 10.45
N ASN B 28 -8.26 10.63 9.36
CA ASN B 28 -9.52 11.42 9.25
C ASN B 28 -9.60 12.43 10.39
N ASN B 29 -9.21 13.65 10.15
CA ASN B 29 -9.27 14.68 11.22
C ASN B 29 -8.62 14.13 12.49
N PRO B 30 -7.32 13.94 12.46
CA PRO B 30 -6.59 13.41 13.63
C PRO B 30 -6.68 14.41 14.79
N LEU B 31 -5.88 15.44 14.78
CA LEU B 31 -5.91 16.45 15.89
C LEU B 31 -6.92 17.55 15.52
N TYR B 32 -6.91 18.63 16.24
CA TYR B 32 -7.87 19.74 15.94
C TYR B 32 -7.35 20.53 14.73
N LYS B 33 -6.11 20.95 14.77
CA LYS B 33 -5.56 21.73 13.62
C LYS B 33 -5.44 20.80 12.40
N GLU B 34 -5.56 21.36 11.22
CA GLU B 34 -5.46 20.52 9.99
C GLU B 34 -4.80 21.35 8.87
N ALA B 35 -3.63 20.97 8.45
CA ALA B 35 -2.93 21.73 7.38
C ALA B 35 -3.63 21.48 6.04
N THR B 36 -4.93 21.61 6.00
CA THR B 36 -5.67 21.38 4.72
C THR B 36 -5.58 22.63 3.85
N SER B 37 -6.69 23.20 3.48
CA SER B 37 -6.67 24.42 2.63
C SER B 37 -6.77 25.67 3.50
N THR B 38 -7.95 26.18 3.70
CA THR B 38 -8.11 27.39 4.55
C THR B 38 -7.97 27.01 6.02
N PHE B 39 -7.55 25.80 6.29
CA PHE B 39 -7.39 25.36 7.71
C PHE B 39 -8.76 25.28 8.39
N THR B 40 -9.60 26.26 8.17
CA THR B 40 -10.95 26.25 8.80
C THR B 40 -11.90 27.13 7.99
N ASN B 41 -13.18 26.91 8.09
CA ASN B 41 -14.15 27.73 7.34
C ASN B 41 -14.35 29.07 8.05
N ILE B 42 -14.58 30.12 7.31
CA ILE B 42 -14.79 31.45 7.95
C ILE B 42 -16.24 31.56 8.43
N THR B 43 -16.43 31.76 9.71
CA THR B 43 -17.82 31.87 10.24
C THR B 43 -17.79 32.58 11.60
N TYR B 44 -17.35 31.91 12.63
CA TYR B 44 -17.30 32.55 13.97
C TYR B 44 -16.18 33.60 14.00
N ARG B 45 -15.52 33.79 12.90
CA ARG B 45 -14.42 34.80 12.86
C ARG B 45 -14.94 36.14 13.37
N GLY B 46 -16.21 36.39 13.21
CA GLY B 46 -16.78 37.69 13.69
C GLY B 46 -16.87 37.67 15.22
N THR B 47 -18.05 37.87 15.75
CA THR B 47 -18.19 37.86 17.24
C THR B 47 -17.91 36.45 17.77
N LYS A 1 13.12 -14.45 -8.39
CA LYS A 1 14.23 -15.31 -8.91
C LYS A 1 14.76 -16.20 -7.77
N VAL A 2 14.29 -15.99 -6.57
CA VAL A 2 14.79 -16.81 -5.43
C VAL A 2 13.76 -16.84 -4.30
N GLY A 3 13.42 -15.69 -3.79
CA GLY A 3 12.43 -15.62 -2.70
C GLY A 3 11.08 -15.29 -3.30
N PHE A 4 11.07 -14.46 -4.32
CA PHE A 4 9.77 -14.10 -4.95
C PHE A 4 9.00 -15.38 -5.26
N PHE A 5 9.66 -16.35 -5.82
CA PHE A 5 8.98 -17.64 -6.13
C PHE A 5 8.75 -18.38 -4.80
N LYS A 6 9.65 -18.22 -3.86
CA LYS A 6 9.48 -18.91 -2.53
C LYS A 6 8.98 -17.88 -1.50
N ARG A 7 8.15 -16.96 -1.92
CA ARG A 7 7.62 -15.93 -0.97
C ARG A 7 6.12 -15.75 -1.21
N ASN A 8 5.60 -16.23 -2.30
CA ASN A 8 4.13 -16.07 -2.56
C ASN A 8 3.59 -17.28 -3.35
N ARG A 9 4.45 -18.08 -3.95
CA ARG A 9 3.99 -19.25 -4.74
C ARG A 9 4.46 -20.63 -4.19
N PRO A 10 5.07 -20.73 -3.02
CA PRO A 10 5.48 -22.06 -2.52
C PRO A 10 4.27 -23.03 -2.42
N PRO A 11 3.13 -22.59 -1.90
CA PRO A 11 1.96 -23.49 -1.74
C PRO A 11 1.52 -24.15 -3.05
N LEU A 12 1.45 -23.45 -4.14
CA LEU A 12 1.00 -24.12 -5.40
C LEU A 12 2.15 -24.97 -5.96
N GLU A 13 2.94 -24.41 -6.83
CA GLU A 13 4.07 -25.18 -7.43
C GLU A 13 5.38 -24.75 -6.78
N GLU A 14 6.06 -25.67 -6.14
CA GLU A 14 7.35 -25.31 -5.50
C GLU A 14 8.44 -25.23 -6.56
N ASP A 15 8.08 -25.53 -7.79
CA ASP A 15 9.06 -25.48 -8.89
C ASP A 15 9.61 -24.06 -9.04
N ASP A 16 9.50 -23.49 -10.22
CA ASP A 16 10.00 -22.11 -10.43
C ASP A 16 8.89 -21.10 -10.16
N GLU A 17 8.31 -20.57 -11.20
CA GLU A 17 7.22 -19.55 -11.04
C GLU A 17 5.99 -19.98 -11.86
N GLU A 18 5.96 -21.22 -12.28
CA GLU A 18 4.80 -21.71 -13.08
C GLU A 18 4.44 -20.66 -14.15
N GLY A 19 5.43 -20.16 -14.84
CA GLY A 19 5.17 -19.14 -15.88
C GLY A 19 4.58 -17.88 -15.22
N GLU A 20 4.95 -17.63 -14.00
CA GLU A 20 4.42 -16.43 -13.30
C GLU A 20 2.90 -16.40 -13.43
N LYS B 1 23.52 -15.62 -2.92
CA LYS B 1 24.43 -14.45 -2.94
C LYS B 1 23.60 -13.15 -2.86
N LEU B 2 24.19 -12.05 -3.19
CA LEU B 2 23.48 -10.74 -3.09
C LEU B 2 22.10 -10.78 -3.78
N LEU B 3 21.93 -11.57 -4.79
CA LEU B 3 20.61 -11.60 -5.50
C LEU B 3 19.45 -11.67 -4.50
N ILE B 4 19.72 -11.99 -3.26
CA ILE B 4 18.67 -12.08 -2.22
C ILE B 4 18.52 -10.73 -1.53
N THR B 5 19.61 -10.14 -1.17
CA THR B 5 19.56 -8.80 -0.51
C THR B 5 18.84 -7.84 -1.44
N ILE B 6 19.01 -8.01 -2.73
CA ILE B 6 18.32 -7.12 -3.70
C ILE B 6 16.95 -7.70 -4.02
N HIS B 7 16.79 -9.00 -4.01
CA HIS B 7 15.44 -9.55 -4.31
C HIS B 7 14.56 -9.43 -3.05
N ASP B 8 15.16 -9.15 -1.93
CA ASP B 8 14.39 -9.04 -0.66
C ASP B 8 14.16 -7.57 -0.32
N ARG B 9 15.04 -6.71 -0.71
CA ARG B 9 14.85 -5.27 -0.40
C ARG B 9 13.57 -4.79 -1.10
N LYS B 10 13.25 -5.37 -2.21
CA LYS B 10 12.03 -4.96 -2.93
C LYS B 10 10.85 -4.96 -1.94
N GLU B 11 11.02 -5.63 -0.83
CA GLU B 11 9.94 -5.67 0.19
C GLU B 11 9.36 -4.26 0.40
N PHE B 12 10.21 -3.29 0.50
CA PHE B 12 9.72 -1.88 0.71
C PHE B 12 9.24 -1.29 -0.62
N ALA B 13 9.87 -1.67 -1.69
CA ALA B 13 9.48 -1.11 -3.03
C ALA B 13 7.96 -1.06 -3.20
N LYS B 14 7.27 -2.17 -3.19
CA LYS B 14 5.79 -2.14 -3.41
C LYS B 14 5.02 -1.87 -2.11
N PHE B 15 5.51 -2.28 -0.98
CA PHE B 15 4.78 -2.03 0.30
C PHE B 15 4.35 -0.56 0.31
N GLU B 16 5.12 0.24 -0.34
CA GLU B 16 4.83 1.69 -0.43
C GLU B 16 3.35 1.92 -0.76
N GLU B 17 2.68 0.95 -1.32
CA GLU B 17 1.24 1.13 -1.65
C GLU B 17 0.43 0.77 -0.43
N GLU B 18 1.01 -0.05 0.39
CA GLU B 18 0.34 -0.50 1.64
C GLU B 18 0.27 0.65 2.64
N ARG B 19 1.22 1.54 2.60
CA ARG B 19 1.21 2.69 3.54
C ARG B 19 -0.03 3.53 3.29
N ALA B 20 -0.14 4.07 2.11
CA ALA B 20 -1.31 4.91 1.77
C ALA B 20 -2.58 4.06 1.72
N ARG B 21 -2.46 2.77 1.82
CA ARG B 21 -3.67 1.91 1.77
C ARG B 21 -4.50 2.09 3.05
N ALA B 22 -3.99 2.84 3.98
CA ALA B 22 -4.74 3.06 5.26
C ALA B 22 -4.40 4.44 5.84
N LYS B 23 -3.16 4.64 6.19
CA LYS B 23 -2.74 5.93 6.79
C LYS B 23 -3.36 7.10 5.99
N TRP B 24 -3.64 8.19 6.66
CA TRP B 24 -4.23 9.36 5.95
C TRP B 24 -5.50 8.93 5.22
N ASP B 25 -6.60 8.84 5.91
CA ASP B 25 -7.87 8.43 5.25
C ASP B 25 -9.03 8.58 6.23
N THR B 26 -8.76 9.05 7.43
CA THR B 26 -9.85 9.23 8.43
C THR B 26 -10.51 10.60 8.26
N ALA B 27 -10.24 11.26 7.17
CA ALA B 27 -10.86 12.61 6.95
C ALA B 27 -10.77 12.98 5.47
N ASN B 28 -10.37 12.04 4.64
CA ASN B 28 -10.26 12.35 3.19
C ASN B 28 -9.45 13.63 2.99
N ASN B 29 -9.26 14.05 1.77
CA ASN B 29 -8.48 15.28 1.52
C ASN B 29 -8.49 15.61 0.02
N PRO B 30 -9.64 16.00 -0.50
CA PRO B 30 -9.76 16.33 -1.93
C PRO B 30 -8.90 17.56 -2.26
N LEU B 31 -7.94 17.41 -3.13
CA LEU B 31 -7.07 18.57 -3.50
C LEU B 31 -7.80 19.44 -4.51
N TYR B 32 -8.73 18.87 -5.23
CA TYR B 32 -9.49 19.66 -6.25
C TYR B 32 -10.89 19.06 -6.43
N LYS B 33 -11.89 19.89 -6.54
CA LYS B 33 -13.27 19.36 -6.72
C LYS B 33 -13.30 18.39 -7.90
N GLU B 34 -14.43 17.81 -8.18
CA GLU B 34 -14.52 16.86 -9.32
C GLU B 34 -14.43 17.65 -10.63
N ALA B 35 -15.03 18.80 -10.68
CA ALA B 35 -14.97 19.61 -11.93
C ALA B 35 -15.35 21.06 -11.61
N THR B 36 -15.18 21.95 -12.54
CA THR B 36 -15.53 23.38 -12.29
C THR B 36 -17.05 23.53 -12.25
N SER B 37 -17.76 22.45 -12.09
CA SER B 37 -19.25 22.54 -12.04
C SER B 37 -19.75 23.38 -13.21
N THR B 38 -19.91 24.66 -13.00
CA THR B 38 -20.39 25.54 -14.11
C THR B 38 -19.54 25.28 -15.35
N PHE B 39 -19.99 25.71 -16.51
CA PHE B 39 -19.20 25.48 -17.75
C PHE B 39 -19.61 26.51 -18.81
N THR B 40 -20.16 27.61 -18.39
CA THR B 40 -20.58 28.64 -19.39
C THR B 40 -19.36 29.09 -20.19
N ASN B 41 -19.56 29.60 -21.38
CA ASN B 41 -18.41 30.06 -22.20
C ASN B 41 -18.89 31.09 -23.23
N ILE B 42 -20.16 31.08 -23.52
CA ILE B 42 -20.69 32.07 -24.51
C ILE B 42 -20.19 33.47 -24.17
N THR B 43 -19.67 33.64 -22.99
CA THR B 43 -19.17 34.99 -22.59
C THR B 43 -18.06 34.84 -21.55
N TYR B 44 -17.01 35.61 -21.66
CA TYR B 44 -15.90 35.50 -20.68
C TYR B 44 -16.30 36.20 -19.38
N ARG B 45 -15.50 36.07 -18.36
CA ARG B 45 -15.83 36.72 -17.06
C ARG B 45 -15.81 38.24 -17.24
N GLY B 46 -16.43 38.96 -16.35
CA GLY B 46 -16.46 40.46 -16.46
C GLY B 46 -17.74 40.91 -17.16
N THR B 47 -18.23 42.07 -16.83
CA THR B 47 -19.48 42.57 -17.48
C THR B 47 -19.20 42.90 -18.95
N LYS A 1 13.97 -18.32 -9.39
CA LYS A 1 15.31 -18.97 -9.50
C LYS A 1 15.67 -19.65 -8.18
N VAL A 2 15.19 -19.10 -7.08
CA VAL A 2 15.51 -19.72 -5.77
C VAL A 2 14.47 -19.25 -4.74
N GLY A 3 14.84 -18.32 -3.90
CA GLY A 3 13.88 -17.83 -2.87
C GLY A 3 12.71 -17.14 -3.58
N PHE A 4 12.95 -16.57 -4.73
CA PHE A 4 11.84 -15.90 -5.47
C PHE A 4 10.64 -16.82 -5.55
N PHE A 5 10.78 -17.93 -6.24
CA PHE A 5 9.64 -18.87 -6.39
C PHE A 5 9.32 -19.50 -5.02
N LYS A 6 10.31 -19.67 -4.18
CA LYS A 6 10.06 -20.29 -2.85
C LYS A 6 9.85 -19.22 -1.78
N ARG A 7 9.12 -18.18 -2.09
CA ARG A 7 8.89 -17.10 -1.07
C ARG A 7 7.59 -16.36 -1.35
N ASN A 8 7.11 -16.39 -2.57
CA ASN A 8 5.84 -15.67 -2.90
C ASN A 8 4.89 -16.62 -3.64
N ARG A 9 5.40 -17.73 -4.12
CA ARG A 9 4.54 -18.71 -4.84
C ARG A 9 4.19 -19.98 -4.03
N PRO A 10 4.84 -20.26 -2.90
CA PRO A 10 4.51 -21.49 -2.16
C PRO A 10 2.99 -21.56 -1.82
N PRO A 11 2.40 -20.48 -1.36
CA PRO A 11 0.96 -20.49 -1.03
C PRO A 11 0.12 -20.61 -2.31
N LEU A 12 0.74 -20.89 -3.43
CA LEU A 12 -0.04 -21.03 -4.68
C LEU A 12 0.87 -21.53 -5.79
N GLU A 13 0.72 -22.78 -6.11
CA GLU A 13 1.56 -23.41 -7.18
C GLU A 13 3.02 -23.43 -6.73
N GLU A 14 3.39 -24.45 -6.02
CA GLU A 14 4.80 -24.55 -5.54
C GLU A 14 5.70 -25.00 -6.70
N ASP A 15 5.21 -24.90 -7.91
CA ASP A 15 6.03 -25.31 -9.08
C ASP A 15 7.28 -24.42 -9.17
N ASP A 16 7.99 -24.50 -10.26
CA ASP A 16 9.21 -23.66 -10.42
C ASP A 16 8.81 -22.28 -10.92
N GLU A 17 8.98 -22.04 -12.19
CA GLU A 17 8.63 -20.72 -12.79
C GLU A 17 7.95 -20.93 -14.14
N GLU A 18 8.54 -21.73 -15.00
CA GLU A 18 7.92 -21.97 -16.33
C GLU A 18 6.43 -22.28 -16.14
N GLY A 19 6.12 -23.09 -15.16
CA GLY A 19 4.69 -23.43 -14.89
C GLY A 19 4.09 -22.34 -14.02
N GLU A 20 4.64 -21.16 -14.10
CA GLU A 20 4.13 -20.03 -13.29
C GLU A 20 2.59 -20.06 -13.24
N LYS B 1 22.82 -15.88 -3.38
CA LYS B 1 23.68 -14.67 -3.55
C LYS B 1 22.89 -13.43 -3.13
N LEU B 2 23.33 -12.27 -3.55
CA LEU B 2 22.63 -11.01 -3.15
C LEU B 2 21.42 -10.73 -4.05
N LEU B 3 21.38 -11.30 -5.22
CA LEU B 3 20.22 -11.04 -6.14
C LEU B 3 18.88 -11.16 -5.40
N ILE B 4 18.89 -11.76 -4.25
CA ILE B 4 17.64 -11.93 -3.45
C ILE B 4 17.58 -10.83 -2.40
N THR B 5 18.69 -10.58 -1.77
CA THR B 5 18.74 -9.52 -0.74
C THR B 5 18.34 -8.21 -1.40
N ILE B 6 18.86 -7.95 -2.58
CA ILE B 6 18.47 -6.71 -3.27
C ILE B 6 17.01 -6.81 -3.66
N HIS B 7 16.55 -8.00 -3.94
CA HIS B 7 15.11 -8.14 -4.32
C HIS B 7 14.26 -8.30 -3.05
N ASP B 8 14.89 -8.54 -1.93
CA ASP B 8 14.12 -8.70 -0.67
C ASP B 8 13.65 -7.35 -0.17
N ARG B 9 14.41 -6.32 -0.43
CA ARG B 9 14.01 -4.97 0.02
C ARG B 9 12.67 -4.63 -0.61
N LYS B 10 12.36 -5.22 -1.73
CA LYS B 10 11.06 -4.94 -2.37
C LYS B 10 9.97 -5.24 -1.35
N GLU B 11 10.32 -6.03 -0.36
CA GLU B 11 9.36 -6.37 0.72
C GLU B 11 8.57 -5.14 1.13
N PHE B 12 9.22 -4.00 1.16
CA PHE B 12 8.50 -2.75 1.55
C PHE B 12 7.81 -2.18 0.31
N ALA B 13 8.46 -2.25 -0.80
CA ALA B 13 7.88 -1.71 -2.06
C ALA B 13 6.39 -2.04 -2.19
N LYS B 14 6.01 -3.27 -1.92
CA LYS B 14 4.57 -3.62 -2.09
C LYS B 14 3.75 -3.26 -0.85
N PHE B 15 4.32 -3.30 0.33
CA PHE B 15 3.54 -2.92 1.54
C PHE B 15 2.87 -1.58 1.25
N GLU B 16 3.41 -0.89 0.29
CA GLU B 16 2.88 0.43 -0.12
C GLU B 16 1.48 0.26 -0.73
N GLU B 17 1.17 -0.92 -1.22
CA GLU B 17 -0.18 -1.15 -1.82
C GLU B 17 -1.12 -1.55 -0.70
N GLU B 18 -0.63 -2.36 0.19
CA GLU B 18 -1.44 -2.82 1.33
C GLU B 18 -2.20 -1.63 1.94
N ARG B 19 -1.60 -0.48 1.95
CA ARG B 19 -2.28 0.70 2.51
C ARG B 19 -3.50 1.02 1.65
N ALA B 20 -3.26 1.30 0.40
CA ALA B 20 -4.38 1.63 -0.53
C ALA B 20 -5.22 0.38 -0.82
N ARG B 21 -4.66 -0.79 -0.64
CA ARG B 21 -5.44 -2.03 -0.91
C ARG B 21 -6.31 -2.37 0.31
N ALA B 22 -6.05 -1.72 1.42
CA ALA B 22 -6.85 -2.00 2.64
C ALA B 22 -8.30 -1.57 2.42
N LYS B 23 -9.10 -2.39 1.80
CA LYS B 23 -10.52 -2.04 1.55
C LYS B 23 -10.61 -0.67 0.85
N TRP B 24 -10.59 0.38 1.62
CA TRP B 24 -10.69 1.76 1.04
C TRP B 24 -9.90 1.85 -0.27
N ASP B 25 -10.28 2.76 -1.14
CA ASP B 25 -9.56 2.92 -2.43
C ASP B 25 -9.81 4.32 -2.99
N THR B 26 -8.83 4.90 -3.62
CA THR B 26 -9.03 6.28 -4.18
C THR B 26 -10.07 6.22 -5.31
N ALA B 27 -11.31 6.46 -4.99
CA ALA B 27 -12.37 6.43 -6.04
C ALA B 27 -12.51 7.82 -6.67
N ASN B 28 -13.57 8.05 -7.39
CA ASN B 28 -13.77 9.38 -8.02
C ASN B 28 -15.26 9.59 -8.33
N ASN B 29 -15.62 10.77 -8.75
CA ASN B 29 -17.06 11.05 -9.05
C ASN B 29 -17.18 12.44 -9.71
N PRO B 30 -17.34 12.51 -11.03
CA PRO B 30 -17.44 13.81 -11.71
C PRO B 30 -18.66 14.59 -11.17
N LEU B 31 -19.84 14.24 -11.56
CA LEU B 31 -21.04 14.95 -11.06
C LEU B 31 -22.32 14.21 -11.47
N TYR B 32 -22.35 13.70 -12.67
CA TYR B 32 -23.58 12.96 -13.12
C TYR B 32 -24.81 13.83 -12.87
N LYS B 33 -25.27 14.54 -13.87
CA LYS B 33 -26.47 15.41 -13.68
C LYS B 33 -27.58 14.61 -12.99
N GLU B 34 -28.14 15.14 -11.95
CA GLU B 34 -29.23 14.42 -11.24
C GLU B 34 -30.38 14.14 -12.20
N ALA B 35 -31.10 15.15 -12.59
CA ALA B 35 -32.23 14.94 -13.53
C ALA B 35 -31.72 14.27 -14.80
N THR B 36 -32.62 13.87 -15.68
CA THR B 36 -32.18 13.20 -16.93
C THR B 36 -31.22 14.11 -17.69
N SER B 37 -30.62 13.62 -18.73
CA SER B 37 -29.66 14.46 -19.52
C SER B 37 -30.41 15.61 -20.17
N THR B 38 -30.48 16.74 -19.51
CA THR B 38 -31.21 17.89 -20.10
C THR B 38 -30.85 19.16 -19.33
N PHE B 39 -30.89 20.30 -19.98
CA PHE B 39 -30.56 21.57 -19.28
C PHE B 39 -31.10 22.75 -20.09
N THR B 40 -31.35 23.86 -19.44
CA THR B 40 -31.88 25.06 -20.16
C THR B 40 -31.32 26.32 -19.51
N ASN B 41 -30.82 27.24 -20.31
CA ASN B 41 -30.25 28.51 -19.77
C ASN B 41 -29.45 28.24 -18.49
N ILE B 42 -29.16 29.26 -17.73
CA ILE B 42 -28.37 29.06 -16.48
C ILE B 42 -29.32 28.80 -15.30
N THR B 43 -30.52 29.30 -15.38
CA THR B 43 -31.50 29.08 -14.28
C THR B 43 -32.10 27.68 -14.41
N TYR B 44 -32.28 26.99 -13.31
CA TYR B 44 -32.87 25.62 -13.37
C TYR B 44 -34.39 25.71 -13.34
N ARG B 45 -34.94 26.55 -12.51
CA ARG B 45 -36.43 26.68 -12.44
C ARG B 45 -36.92 27.55 -13.60
N GLY B 46 -36.08 28.42 -14.11
CA GLY B 46 -36.51 29.30 -15.23
C GLY B 46 -37.29 30.49 -14.68
N THR B 47 -36.62 31.55 -14.34
CA THR B 47 -37.33 32.74 -13.80
C THR B 47 -38.18 33.38 -14.91
#